data_9LM3
#
_entry.id   9LM3
#
_cell.length_a   1.00
_cell.length_b   1.00
_cell.length_c   1.00
_cell.angle_alpha   90.00
_cell.angle_beta   90.00
_cell.angle_gamma   90.00
#
_symmetry.space_group_name_H-M   'P 1'
#
loop_
_entity.id
_entity.type
_entity.pdbx_description
1 polymer 'Retron Ec67 protein'
2 polymer 'DNA (67-MER)'
3 polymer 'RNA (62-MER)'
4 polymer "RNA (5'-R(*GP*UP*GP*CP*CP*UP*GP*CP*AP*UP*GP*CP*GP*U)-3')"
5 polymer "DNA (5'-D(P*GP*GP*A)-3')"
#
loop_
_entity_poly.entity_id
_entity_poly.type
_entity_poly.pdbx_seq_one_letter_code
_entity_poly.pdbx_strand_id
1 'polypeptide(L)'
;MTKTSKLDALRAATSREDLAKILDVKLVFLTNVLYRIGSDNQYTQFTIPKKGKGVRTISAPTDRLKDIQRRICDLLSDCR
DEIFAIRKISNNYSFGFERGKSIILNAYKHRGKQIILNIDLKDFFESFNFGRVRGYFLSNQDFLLNPVVATTLAKAACYN
GTLPQGSPCSPIISNLICNIMDMRLAKLAKKYGCTYSRYADDITISTNKNTFPLEMATVQPEGVVLGKVLVKEIENSGFE
INDSKTRLTYKTSRQEVTGLTVNRIVNIDRCYYKKTRALAHALYRTGEYKVPDENGVLVSGGLDKLEGMFGFIDQVDKFN
NIKKKLNKQPDRYVLTNATLHGFKLKLNAREKAYSKFIYYKFFHGNTCPTIITEGKTDRIYLKAALHSLETSYPELFREK
TDSKKKEINLNIFKSNEKTKYFLDLSGGTADLKKFVERYKNNYASYYGSVPKQPVIMVLDNDTGPSDLLNFLRNKVKSCP
DDVTEMRKMKYIHVFYNLYIVLTPLSPSGEQTSMEDLFPKDILDIKIDGKKFNKNNDGDSKTEYGKHIFSMRVVRDKKRK
IDFKAFCCIFDAIKDIKEHYKLMLNSLEHHHHHHHH
;
A,E,I
2 'polydeoxyribonucleotide'
;(DT)(DC)(DC)(DT)(DT)(DC)(DG)(DC)(DA)(DC)(DA)(DG)(DC)(DA)(DC)(DA)(DC)(DC)(DT)(DG)
(DC)(DC)(DG)(DT)(DA)(DT)(DA)(DG)(DC)(DT)(DC)(DT)(DG)(DA)(DA)(DT)(DC)(DA)(DA)(DG)
(DG)(DA)(DT)(DT)(DT)(DT)(DA)(DG)(DG)(DG)(DA)(DG)(DG)(DC)(DG)(DA)(DT)(DT)(DC)(DC)
(DT)(DC)(DC)(DT)(DG)(DC)(DC)
;
B,F,J
3 'polyribonucleotide' CACGCAUGUAGGCAGAUUUGUUGGUUGUGAAUCGCAACCAGUGGCCUUAAUGGCAGGAGGAA C,G,K
4 'polyribonucleotide' GUGCCUGCAUGCGU D,H,L
5 'polydeoxyribonucleotide' (DG)(DG)(DA) M,N,O
#
# COMPACT_ATOMS: atom_id res chain seq x y z
N MET A 1 11.28 -48.36 25.35
CA MET A 1 10.12 -48.85 24.55
C MET A 1 8.99 -47.82 24.55
N THR A 2 8.23 -47.78 23.46
CA THR A 2 7.09 -46.88 23.32
C THR A 2 7.52 -45.43 23.55
N LYS A 3 8.72 -45.09 23.11
CA LYS A 3 9.26 -43.73 23.21
C LYS A 3 9.41 -43.29 24.65
N THR A 4 9.67 -44.22 25.57
CA THR A 4 9.84 -43.90 26.98
C THR A 4 11.20 -44.30 27.53
N SER A 5 11.63 -45.54 27.31
CA SER A 5 12.83 -46.06 27.97
C SER A 5 13.66 -46.94 27.05
N LYS A 6 13.68 -46.65 25.75
CA LYS A 6 14.54 -47.39 24.84
C LYS A 6 16.01 -47.19 25.19
N LEU A 7 16.38 -45.96 25.55
CA LEU A 7 17.75 -45.67 25.91
C LEU A 7 18.14 -46.41 27.19
N ASP A 8 17.22 -46.49 28.16
CA ASP A 8 17.49 -47.26 29.36
C ASP A 8 17.71 -48.73 29.03
N ALA A 9 16.90 -49.27 28.13
CA ALA A 9 17.10 -50.67 27.72
C ALA A 9 18.46 -50.86 27.08
N LEU A 10 18.87 -49.92 26.22
CA LEU A 10 20.18 -50.03 25.58
C LEU A 10 21.29 -49.99 26.62
N ARG A 11 21.21 -49.06 27.56
CA ARG A 11 22.26 -48.95 28.58
C ARG A 11 22.32 -50.20 29.45
N ALA A 12 21.16 -50.72 29.84
CA ALA A 12 21.13 -51.91 30.69
C ALA A 12 21.73 -53.12 30.01
N ALA A 13 21.75 -53.16 28.68
CA ALA A 13 22.28 -54.30 27.97
C ALA A 13 23.75 -54.53 28.35
N THR A 14 24.12 -55.80 28.48
CA THR A 14 25.47 -56.17 28.86
C THR A 14 26.09 -57.22 27.94
N SER A 15 25.35 -57.70 26.95
CA SER A 15 25.86 -58.73 26.06
C SER A 15 25.16 -58.60 24.71
N ARG A 16 25.75 -59.24 23.70
CA ARG A 16 25.14 -59.21 22.38
C ARG A 16 23.74 -59.80 22.37
N GLU A 17 23.40 -60.65 23.35
CA GLU A 17 22.04 -61.15 23.46
C GLU A 17 21.07 -60.02 23.78
N ASP A 18 21.43 -59.15 24.73
CA ASP A 18 20.59 -58.00 25.05
C ASP A 18 20.44 -57.08 23.84
N LEU A 19 21.54 -56.83 23.14
CA LEU A 19 21.48 -55.97 21.96
C LEU A 19 20.58 -56.58 20.89
N ALA A 20 20.72 -57.88 20.65
CA ALA A 20 19.88 -58.54 19.67
C ALA A 20 18.42 -58.47 20.06
N LYS A 21 18.13 -58.59 21.35
CA LYS A 21 16.74 -58.43 21.81
C LYS A 21 16.25 -57.02 21.57
N ILE A 22 17.08 -56.02 21.84
CA ILE A 22 16.68 -54.63 21.65
C ILE A 22 16.39 -54.37 20.17
N LEU A 23 17.24 -54.88 19.28
CA LEU A 23 17.01 -54.71 17.85
C LEU A 23 15.90 -55.59 17.33
N ASP A 24 15.48 -56.60 18.09
CA ASP A 24 14.43 -57.53 17.67
C ASP A 24 14.89 -58.42 16.52
N VAL A 25 16.12 -58.90 16.59
CA VAL A 25 16.64 -59.90 15.67
C VAL A 25 17.25 -61.03 16.49
N LYS A 26 17.27 -62.22 15.91
CA LYS A 26 17.88 -63.36 16.59
C LYS A 26 19.37 -63.11 16.78
N LEU A 27 19.90 -63.55 17.92
CA LEU A 27 21.34 -63.45 18.15
C LEU A 27 22.13 -64.19 17.09
N VAL A 28 21.67 -65.37 16.68
CA VAL A 28 22.40 -66.13 15.66
C VAL A 28 22.46 -65.32 14.37
N PHE A 29 21.33 -64.74 13.97
CA PHE A 29 21.30 -63.96 12.74
C PHE A 29 22.21 -62.74 12.82
N LEU A 30 22.19 -62.05 13.97
CA LEU A 30 23.01 -60.86 14.13
C LEU A 30 24.49 -61.21 14.05
N THR A 31 24.94 -62.19 14.82
CA THR A 31 26.35 -62.54 14.82
C THR A 31 26.77 -63.25 13.55
N ASN A 32 25.83 -63.83 12.81
CA ASN A 32 26.16 -64.39 11.50
C ASN A 32 26.39 -63.29 10.49
N VAL A 33 25.50 -62.29 10.45
CA VAL A 33 25.68 -61.19 9.51
C VAL A 33 26.94 -60.42 9.84
N LEU A 34 27.14 -60.09 11.12
CA LEU A 34 28.24 -59.21 11.49
C LEU A 34 29.60 -59.89 11.44
N TYR A 35 29.71 -61.12 11.95
CA TYR A 35 30.99 -61.76 12.17
C TYR A 35 31.26 -62.94 11.26
N ARG A 36 30.30 -63.86 11.10
CA ARG A 36 30.52 -64.98 10.21
C ARG A 36 30.82 -64.49 8.79
N ILE A 37 29.96 -63.64 8.25
CA ILE A 37 30.21 -62.95 7.00
C ILE A 37 30.59 -61.53 7.41
N GLY A 38 31.89 -61.29 7.56
CA GLY A 38 32.37 -60.01 8.03
C GLY A 38 31.61 -58.86 7.41
N SER A 39 31.28 -57.85 8.21
CA SER A 39 30.53 -56.72 7.68
C SER A 39 31.28 -55.99 6.57
N ASP A 40 32.60 -56.19 6.49
CA ASP A 40 33.42 -55.57 5.46
C ASP A 40 33.27 -56.24 4.11
N ASN A 41 32.55 -57.35 4.02
CA ASN A 41 32.35 -58.08 2.78
C ASN A 41 30.91 -58.03 2.29
N GLN A 42 30.16 -56.99 2.68
CA GLN A 42 28.75 -56.88 2.34
C GLN A 42 28.43 -55.46 1.89
N TYR A 43 29.37 -54.83 1.19
CA TYR A 43 29.19 -53.47 0.68
C TYR A 43 29.46 -53.46 -0.81
N THR A 44 28.60 -52.78 -1.55
CA THR A 44 28.79 -52.54 -2.98
C THR A 44 29.01 -51.06 -3.22
N GLN A 45 29.94 -50.74 -4.10
CA GLN A 45 30.29 -49.36 -4.41
C GLN A 45 29.61 -48.94 -5.70
N PHE A 46 28.97 -47.77 -5.70
CA PHE A 46 28.48 -47.15 -6.91
C PHE A 46 28.91 -45.69 -6.92
N THR A 47 28.66 -45.01 -8.03
CA THR A 47 29.19 -43.68 -8.26
C THR A 47 28.10 -42.75 -8.77
N ILE A 48 28.15 -41.50 -8.32
CA ILE A 48 27.30 -40.42 -8.77
C ILE A 48 28.19 -39.42 -9.51
N PRO A 49 27.95 -39.14 -10.79
CA PRO A 49 28.86 -38.26 -11.53
C PRO A 49 28.94 -36.87 -10.90
N LYS A 50 30.13 -36.28 -10.98
CA LYS A 50 30.37 -34.91 -10.58
C LYS A 50 31.00 -34.15 -11.73
N LYS A 51 30.61 -32.89 -11.90
CA LYS A 51 31.18 -32.07 -12.98
C LYS A 51 32.66 -31.80 -12.78
N GLY A 52 33.19 -31.99 -11.58
CA GLY A 52 34.59 -31.72 -11.33
C GLY A 52 35.50 -32.90 -11.64
N LYS A 53 35.33 -33.48 -12.83
CA LYS A 53 36.12 -34.63 -13.26
C LYS A 53 35.76 -35.89 -12.46
N GLY A 54 36.21 -35.96 -11.21
CA GLY A 54 35.91 -37.10 -10.37
C GLY A 54 34.43 -37.30 -10.14
N VAL A 55 34.07 -38.26 -9.30
CA VAL A 55 32.69 -38.57 -8.98
C VAL A 55 32.58 -38.85 -7.48
N ARG A 56 31.35 -38.95 -7.00
CA ARG A 56 31.07 -39.21 -5.59
C ARG A 56 30.81 -40.71 -5.42
N THR A 57 31.59 -41.36 -4.56
CA THR A 57 31.50 -42.80 -4.38
C THR A 57 30.65 -43.12 -3.16
N ILE A 58 29.67 -44.00 -3.33
CA ILE A 58 28.77 -44.42 -2.27
C ILE A 58 28.98 -45.91 -2.03
N SER A 59 29.20 -46.28 -0.77
CA SER A 59 29.25 -47.67 -0.35
C SER A 59 27.91 -48.02 0.31
N ALA A 60 27.29 -49.10 -0.15
CA ALA A 60 25.95 -49.44 0.28
C ALA A 60 25.90 -50.87 0.80
N PRO A 61 25.28 -51.12 1.95
CA PRO A 61 25.15 -52.50 2.45
C PRO A 61 24.25 -53.33 1.56
N THR A 62 24.54 -54.62 1.47
CA THR A 62 23.90 -55.46 0.46
C THR A 62 22.40 -55.67 0.68
N ASP A 63 22.02 -56.52 1.64
CA ASP A 63 20.60 -56.77 1.87
C ASP A 63 20.23 -56.86 3.34
N ARG A 64 21.07 -57.52 4.13
CA ARG A 64 20.76 -57.86 5.51
C ARG A 64 21.49 -56.97 6.50
N LEU A 65 22.75 -56.66 6.22
CA LEU A 65 23.42 -55.60 6.95
C LEU A 65 22.62 -54.32 6.89
N LYS A 66 21.95 -54.08 5.75
CA LYS A 66 21.11 -52.90 5.62
C LYS A 66 19.94 -52.95 6.61
N ASP A 67 19.32 -54.12 6.76
CA ASP A 67 18.22 -54.24 7.71
C ASP A 67 18.70 -54.04 9.15
N ILE A 68 19.83 -54.66 9.50
CA ILE A 68 20.37 -54.48 10.85
C ILE A 68 20.69 -53.02 11.10
N GLN A 69 21.28 -52.34 10.11
CA GLN A 69 21.64 -50.95 10.27
C GLN A 69 20.42 -50.06 10.34
N ARG A 70 19.34 -50.42 9.63
CA ARG A 70 18.11 -49.65 9.76
C ARG A 70 17.52 -49.79 11.16
N ARG A 71 17.60 -50.99 11.73
CA ARG A 71 17.18 -51.17 13.12
C ARG A 71 18.03 -50.33 14.05
N ILE A 72 19.35 -50.31 13.83
CA ILE A 72 20.23 -49.48 14.65
C ILE A 72 19.86 -48.01 14.51
N CYS A 73 19.51 -47.60 13.28
CA CYS A 73 19.11 -46.21 13.05
C CYS A 73 17.86 -45.86 13.84
N ASP A 74 16.86 -46.75 13.81
CA ASP A 74 15.64 -46.49 14.59
C ASP A 74 15.96 -46.39 16.06
N LEU A 75 16.75 -47.34 16.58
CA LEU A 75 17.11 -47.32 17.98
C LEU A 75 17.80 -46.01 18.36
N LEU A 76 18.80 -45.61 17.58
CA LEU A 76 19.58 -44.44 17.92
C LEU A 76 18.78 -43.15 17.74
N SER A 77 17.86 -43.11 16.77
CA SER A 77 17.00 -41.93 16.63
C SER A 77 16.11 -41.79 17.86
N ASP A 78 15.51 -42.88 18.31
CA ASP A 78 14.70 -42.83 19.53
C ASP A 78 15.55 -42.43 20.73
N CYS A 79 16.78 -42.96 20.82
CA CYS A 79 17.66 -42.61 21.92
C CYS A 79 17.99 -41.11 21.91
N ARG A 80 18.25 -40.55 20.73
CA ARG A 80 18.55 -39.14 20.63
C ARG A 80 17.34 -38.29 21.02
N ASP A 81 16.15 -38.70 20.60
CA ASP A 81 14.95 -37.98 21.01
C ASP A 81 14.81 -37.99 22.52
N GLU A 82 15.02 -39.15 23.14
CA GLU A 82 14.91 -39.25 24.59
C GLU A 82 15.98 -38.42 25.29
N ILE A 83 17.19 -38.37 24.73
CA ILE A 83 18.24 -37.55 25.33
C ILE A 83 17.86 -36.09 25.26
N PHE A 84 17.29 -35.65 24.13
CA PHE A 84 16.82 -34.28 24.04
C PHE A 84 15.78 -33.99 25.09
N ALA A 85 14.85 -34.93 25.30
CA ALA A 85 13.83 -34.73 26.34
C ALA A 85 14.45 -34.66 27.72
N ILE A 86 15.38 -35.57 28.02
CA ILE A 86 15.98 -35.63 29.36
C ILE A 86 16.75 -34.36 29.66
N ARG A 87 17.54 -33.88 28.70
CA ARG A 87 18.35 -32.69 28.92
C ARG A 87 17.56 -31.41 28.82
N LYS A 88 16.27 -31.48 28.46
CA LYS A 88 15.40 -30.31 28.38
C LYS A 88 15.97 -29.28 27.40
N ILE A 89 16.34 -29.74 26.21
CA ILE A 89 16.87 -28.90 25.16
C ILE A 89 16.13 -29.21 23.86
N SER A 90 16.44 -28.44 22.84
CA SER A 90 15.85 -28.62 21.52
C SER A 90 16.96 -28.55 20.47
N ASN A 91 16.68 -29.10 19.31
CA ASN A 91 17.64 -29.11 18.21
C ASN A 91 17.55 -27.79 17.47
N ASN A 92 18.56 -26.94 17.65
CA ASN A 92 18.59 -25.62 17.06
C ASN A 92 19.78 -25.41 16.13
N TYR A 93 20.69 -26.38 16.02
CA TYR A 93 21.90 -26.22 15.24
C TYR A 93 22.10 -27.28 14.17
N SER A 94 21.37 -28.39 14.22
CA SER A 94 21.53 -29.47 13.28
C SER A 94 20.22 -29.67 12.53
N PHE A 95 20.29 -29.75 11.21
CA PHE A 95 19.12 -29.90 10.37
C PHE A 95 19.25 -31.00 9.34
N GLY A 96 20.46 -31.52 9.11
CA GLY A 96 20.72 -32.44 8.01
C GLY A 96 19.91 -33.71 8.01
N PHE A 97 20.16 -34.57 8.99
CA PHE A 97 19.57 -35.91 9.03
C PHE A 97 18.75 -36.07 10.30
N GLU A 98 17.94 -35.06 10.61
CA GLU A 98 17.24 -34.96 11.88
C GLU A 98 15.74 -35.06 11.67
N ARG A 99 15.07 -35.75 12.59
CA ARG A 99 13.62 -35.82 12.54
C ARG A 99 13.02 -34.45 12.86
N GLY A 100 12.00 -34.07 12.09
CA GLY A 100 11.34 -32.80 12.29
C GLY A 100 12.08 -31.61 11.73
N LYS A 101 13.23 -31.81 11.10
CA LYS A 101 14.01 -30.75 10.51
C LYS A 101 14.05 -30.91 9.00
N SER A 102 14.05 -29.78 8.29
CA SER A 102 14.09 -29.79 6.84
C SER A 102 15.08 -28.73 6.39
N ILE A 103 15.29 -28.64 5.07
CA ILE A 103 16.10 -27.57 4.53
C ILE A 103 15.39 -26.24 4.68
N ILE A 104 14.07 -26.25 4.79
CA ILE A 104 13.32 -25.00 4.96
C ILE A 104 13.63 -24.37 6.30
N LEU A 105 13.66 -25.16 7.38
CA LEU A 105 13.96 -24.61 8.69
C LEU A 105 15.41 -24.16 8.78
N ASN A 106 16.31 -24.93 8.17
CA ASN A 106 17.71 -24.53 8.12
C ASN A 106 17.88 -23.19 7.41
N ALA A 107 17.21 -23.02 6.27
CA ALA A 107 17.26 -21.75 5.57
C ALA A 107 16.61 -20.63 6.38
N TYR A 108 15.48 -20.92 7.03
CA TYR A 108 14.78 -19.93 7.83
C TYR A 108 15.65 -19.40 8.95
N LYS A 109 16.52 -20.23 9.51
CA LYS A 109 17.42 -19.74 10.54
C LYS A 109 18.25 -18.54 10.07
N HIS A 110 18.58 -18.49 8.78
CA HIS A 110 19.45 -17.45 8.22
C HIS A 110 18.70 -16.50 7.30
N ARG A 111 17.40 -16.35 7.50
CA ARG A 111 16.59 -15.57 6.59
C ARG A 111 16.86 -14.08 6.78
N GLY A 112 17.14 -13.38 5.68
CA GLY A 112 17.30 -11.95 5.68
C GLY A 112 18.64 -11.44 6.20
N LYS A 113 19.63 -12.31 6.36
CA LYS A 113 20.90 -11.91 6.96
C LYS A 113 21.79 -11.21 5.95
N GLN A 114 22.55 -10.22 6.42
CA GLN A 114 23.29 -9.36 5.52
C GLN A 114 24.37 -10.14 4.76
N ILE A 115 25.15 -10.93 5.47
CA ILE A 115 26.22 -11.73 4.86
C ILE A 115 26.05 -13.17 5.27
N ILE A 116 26.31 -14.09 4.33
CA ILE A 116 26.24 -15.51 4.62
C ILE A 116 27.55 -16.17 4.21
N LEU A 117 28.12 -16.97 5.11
CA LEU A 117 29.33 -17.73 4.86
C LEU A 117 28.97 -19.21 4.79
N ASN A 118 29.40 -19.86 3.73
CA ASN A 118 29.11 -21.27 3.47
C ASN A 118 30.41 -22.05 3.52
N ILE A 119 30.45 -23.07 4.38
CA ILE A 119 31.58 -23.98 4.50
C ILE A 119 31.08 -25.38 4.21
N ASP A 120 31.93 -26.19 3.62
CA ASP A 120 31.64 -27.60 3.40
C ASP A 120 32.78 -28.43 3.96
N LEU A 121 32.44 -29.52 4.63
CA LEU A 121 33.42 -30.42 5.20
C LEU A 121 33.86 -31.45 4.17
N LYS A 122 35.16 -31.71 4.11
CA LYS A 122 35.72 -32.66 3.17
C LYS A 122 35.56 -34.08 3.70
N ASP A 123 35.05 -34.97 2.86
CA ASP A 123 34.92 -36.39 3.20
C ASP A 123 34.24 -36.57 4.55
N PHE A 124 32.98 -36.13 4.61
CA PHE A 124 32.28 -36.01 5.88
C PHE A 124 32.22 -37.34 6.62
N PHE A 125 31.76 -38.38 5.93
CA PHE A 125 31.55 -39.67 6.60
C PHE A 125 32.86 -40.41 6.84
N GLU A 126 33.85 -40.22 5.97
CA GLU A 126 35.14 -40.86 6.18
C GLU A 126 35.85 -40.38 7.44
N SER A 127 35.46 -39.22 7.95
CA SER A 127 36.10 -38.68 9.15
C SER A 127 35.61 -39.34 10.43
N PHE A 128 34.46 -40.01 10.40
CA PHE A 128 33.94 -40.73 11.56
C PHE A 128 34.51 -42.14 11.50
N ASN A 129 35.66 -42.33 12.13
CA ASN A 129 36.32 -43.63 12.08
C ASN A 129 35.79 -44.54 13.19
N PHE A 130 36.19 -45.81 13.12
CA PHE A 130 35.65 -46.80 14.06
C PHE A 130 35.99 -46.44 15.49
N GLY A 131 37.21 -45.98 15.73
CA GLY A 131 37.58 -45.56 17.07
C GLY A 131 36.68 -44.47 17.60
N ARG A 132 36.30 -43.52 16.75
CA ARG A 132 35.47 -42.41 17.20
C ARG A 132 34.06 -42.87 17.55
N VAL A 133 33.48 -43.75 16.74
CA VAL A 133 32.13 -44.25 17.03
C VAL A 133 32.14 -45.06 18.32
N ARG A 134 33.10 -45.97 18.44
CA ARG A 134 33.18 -46.78 19.65
C ARG A 134 33.43 -45.91 20.88
N GLY A 135 34.32 -44.94 20.75
CA GLY A 135 34.62 -44.06 21.88
C GLY A 135 33.43 -43.21 22.27
N TYR A 136 32.65 -42.76 21.29
CA TYR A 136 31.44 -42.01 21.63
C TYR A 136 30.46 -42.90 22.38
N PHE A 137 30.30 -44.14 21.95
CA PHE A 137 29.35 -45.01 22.65
C PHE A 137 29.86 -45.41 24.03
N LEU A 138 31.18 -45.47 24.22
CA LEU A 138 31.71 -45.87 25.52
C LEU A 138 31.77 -44.70 26.50
N SER A 139 32.17 -43.52 26.04
CA SER A 139 32.54 -42.41 26.90
C SER A 139 31.44 -41.39 27.09
N ASN A 140 30.73 -41.03 26.02
CA ASN A 140 29.70 -40.00 26.14
C ASN A 140 28.65 -40.38 27.16
N GLN A 141 28.40 -39.48 28.11
CA GLN A 141 27.34 -39.68 29.08
C GLN A 141 26.01 -39.77 28.35
N ASP A 142 25.03 -40.34 29.04
CA ASP A 142 23.71 -40.71 28.55
C ASP A 142 23.76 -41.97 27.67
N PHE A 143 24.95 -42.46 27.30
CA PHE A 143 25.07 -43.79 26.71
C PHE A 143 25.92 -44.70 27.58
N LEU A 144 27.18 -44.36 27.82
CA LEU A 144 28.08 -45.12 28.67
C LEU A 144 27.85 -46.62 28.53
N LEU A 145 27.79 -47.07 27.27
CA LEU A 145 27.44 -48.45 26.99
C LEU A 145 28.55 -49.40 27.44
N ASN A 146 28.15 -50.64 27.72
CA ASN A 146 29.09 -51.67 28.07
C ASN A 146 29.98 -51.99 26.86
N PRO A 147 31.25 -52.32 27.09
CA PRO A 147 32.17 -52.51 25.94
C PRO A 147 31.63 -53.39 24.83
N VAL A 148 30.97 -54.51 25.16
CA VAL A 148 30.52 -55.42 24.12
C VAL A 148 29.49 -54.74 23.23
N VAL A 149 28.51 -54.07 23.84
CA VAL A 149 27.44 -53.44 23.07
C VAL A 149 28.01 -52.33 22.18
N ALA A 150 28.87 -51.50 22.75
CA ALA A 150 29.46 -50.41 21.98
C ALA A 150 30.29 -50.93 20.82
N THR A 151 31.10 -51.96 21.05
CA THR A 151 31.90 -52.52 19.98
C THR A 151 31.03 -53.14 18.89
N THR A 152 29.96 -53.84 19.28
CA THR A 152 29.07 -54.42 18.29
C THR A 152 28.41 -53.35 17.44
N LEU A 153 27.96 -52.27 18.09
CA LEU A 153 27.36 -51.17 17.32
C LEU A 153 28.37 -50.56 16.37
N ALA A 154 29.59 -50.31 16.84
CA ALA A 154 30.60 -49.69 16.00
C ALA A 154 30.95 -50.57 14.81
N LYS A 155 31.02 -51.89 15.02
CA LYS A 155 31.34 -52.78 13.90
C LYS A 155 30.17 -52.90 12.94
N ALA A 156 28.95 -52.91 13.45
CA ALA A 156 27.79 -52.96 12.57
C ALA A 156 27.62 -51.67 11.78
N ALA A 157 28.18 -50.55 12.26
CA ALA A 157 28.04 -49.28 11.57
C ALA A 157 29.14 -49.03 10.55
N CYS A 158 30.36 -49.45 10.84
CA CYS A 158 31.52 -49.08 10.05
C CYS A 158 31.80 -50.09 8.95
N TYR A 159 32.52 -49.64 7.93
CA TYR A 159 32.84 -50.46 6.76
C TYR A 159 34.33 -50.75 6.66
N ASN A 160 35.16 -49.72 6.59
CA ASN A 160 36.61 -49.86 6.48
C ASN A 160 37.27 -49.00 7.53
N GLY A 161 36.75 -49.06 8.74
CA GLY A 161 37.16 -48.15 9.79
C GLY A 161 36.53 -46.79 9.70
N THR A 162 35.49 -46.61 8.89
CA THR A 162 34.77 -45.35 8.79
C THR A 162 33.32 -45.64 8.46
N LEU A 163 32.47 -44.64 8.69
CA LEU A 163 31.05 -44.77 8.39
C LEU A 163 30.82 -44.73 6.88
N PRO A 164 30.17 -45.73 6.30
CA PRO A 164 29.87 -45.65 4.86
C PRO A 164 28.74 -44.67 4.58
N GLN A 165 28.75 -44.11 3.37
CA GLN A 165 27.75 -43.12 3.01
C GLN A 165 26.36 -43.74 2.94
N GLY A 166 26.25 -44.95 2.42
CA GLY A 166 24.99 -45.60 2.15
C GLY A 166 24.43 -46.46 3.26
N SER A 167 25.00 -46.41 4.45
CA SER A 167 24.46 -47.16 5.57
C SER A 167 23.30 -46.39 6.21
N PRO A 168 22.17 -47.03 6.50
CA PRO A 168 21.05 -46.30 7.11
C PRO A 168 21.38 -45.63 8.43
N CYS A 169 22.32 -46.18 9.20
CA CYS A 169 22.62 -45.65 10.53
C CYS A 169 23.72 -44.59 10.52
N SER A 170 24.44 -44.43 9.42
CA SER A 170 25.51 -43.43 9.40
C SER A 170 25.01 -42.02 9.67
N PRO A 171 23.88 -41.57 9.11
CA PRO A 171 23.39 -40.22 9.42
C PRO A 171 23.24 -39.92 10.90
N ILE A 172 22.58 -40.81 11.65
CA ILE A 172 22.31 -40.53 13.05
C ILE A 172 23.59 -40.56 13.87
N ILE A 173 24.50 -41.48 13.57
CA ILE A 173 25.77 -41.52 14.29
C ILE A 173 26.57 -40.25 14.00
N SER A 174 26.52 -39.78 12.75
CA SER A 174 27.21 -38.54 12.41
C SER A 174 26.61 -37.37 13.18
N ASN A 175 25.29 -37.32 13.30
CA ASN A 175 24.67 -36.26 14.10
C ASN A 175 25.13 -36.34 15.55
N LEU A 176 25.14 -37.53 16.12
CA LEU A 176 25.50 -37.70 17.52
C LEU A 176 26.93 -37.24 17.77
N ILE A 177 27.86 -37.60 16.89
CA ILE A 177 29.26 -37.23 17.11
C ILE A 177 29.55 -35.80 16.68
N CYS A 178 28.77 -35.24 15.75
CA CYS A 178 28.96 -33.86 15.34
C CYS A 178 28.28 -32.87 16.28
N ASN A 179 27.48 -33.34 17.22
CA ASN A 179 26.95 -32.43 18.24
C ASN A 179 28.08 -31.69 18.95
N ILE A 180 29.24 -32.33 19.11
CA ILE A 180 30.36 -31.68 19.78
C ILE A 180 30.80 -30.45 19.00
N MET A 181 31.05 -30.63 17.70
CA MET A 181 31.38 -29.50 16.84
C MET A 181 30.24 -28.50 16.80
N ASP A 182 29.00 -28.99 16.83
CA ASP A 182 27.86 -28.08 16.82
C ASP A 182 27.92 -27.11 17.98
N MET A 183 28.13 -27.63 19.19
CA MET A 183 28.20 -26.77 20.37
C MET A 183 29.40 -25.85 20.32
N ARG A 184 30.57 -26.37 19.92
CA ARG A 184 31.74 -25.51 19.86
C ARG A 184 31.54 -24.36 18.88
N LEU A 185 31.00 -24.66 17.70
CA LEU A 185 30.80 -23.64 16.69
C LEU A 185 29.69 -22.68 17.05
N ALA A 186 28.65 -23.15 17.74
CA ALA A 186 27.61 -22.25 18.23
C ALA A 186 28.19 -21.27 19.24
N LYS A 187 29.04 -21.77 20.14
CA LYS A 187 29.71 -20.87 21.08
C LYS A 187 30.53 -19.82 20.34
N LEU A 188 31.32 -20.25 19.36
CA LEU A 188 32.15 -19.31 18.63
C LEU A 188 31.31 -18.28 17.89
N ALA A 189 30.25 -18.73 17.21
CA ALA A 189 29.41 -17.82 16.45
C ALA A 189 28.75 -16.80 17.37
N LYS A 190 28.15 -17.28 18.47
CA LYS A 190 27.55 -16.35 19.42
C LYS A 190 28.58 -15.37 19.96
N LYS A 191 29.83 -15.82 20.13
CA LYS A 191 30.88 -14.93 20.58
C LYS A 191 31.12 -13.80 19.57
N TYR A 192 31.15 -14.15 18.29
CA TYR A 192 31.46 -13.16 17.25
C TYR A 192 30.23 -12.61 16.56
N GLY A 193 29.04 -12.85 17.11
CA GLY A 193 27.83 -12.23 16.60
C GLY A 193 27.40 -12.78 15.26
N CYS A 194 27.12 -14.08 15.21
CA CYS A 194 26.73 -14.74 13.99
C CYS A 194 25.74 -15.86 14.30
N THR A 195 24.80 -16.08 13.39
CA THR A 195 23.95 -17.25 13.44
C THR A 195 24.66 -18.42 12.79
N TYR A 196 24.54 -19.59 13.40
CA TYR A 196 25.24 -20.78 12.93
C TYR A 196 24.26 -21.92 12.76
N SER A 197 24.42 -22.69 11.69
CA SER A 197 23.63 -23.90 11.51
C SER A 197 24.41 -24.88 10.66
N ARG A 198 24.02 -26.14 10.74
CA ARG A 198 24.64 -27.22 9.98
C ARG A 198 23.56 -28.09 9.36
N TYR A 199 23.87 -28.63 8.19
CA TYR A 199 23.00 -29.56 7.47
C TYR A 199 23.94 -30.60 6.86
N ALA A 200 24.07 -31.73 7.55
CA ALA A 200 25.02 -32.76 7.14
C ALA A 200 26.44 -32.20 7.18
N ASP A 201 27.04 -31.96 6.03
CA ASP A 201 28.39 -31.39 5.95
C ASP A 201 28.36 -29.95 5.44
N ASP A 202 27.22 -29.29 5.53
CA ASP A 202 27.01 -27.95 4.99
C ASP A 202 26.81 -26.99 6.17
N ILE A 203 27.82 -26.16 6.44
CA ILE A 203 27.78 -25.22 7.56
C ILE A 203 27.48 -23.84 7.02
N THR A 204 26.52 -23.16 7.64
CA THR A 204 26.20 -21.78 7.30
C THR A 204 26.42 -20.91 8.54
N ILE A 205 27.19 -19.85 8.37
CA ILE A 205 27.41 -18.85 9.40
C ILE A 205 27.04 -17.50 8.81
N SER A 206 25.92 -16.94 9.26
CA SER A 206 25.43 -15.68 8.74
C SER A 206 25.55 -14.59 9.79
N THR A 207 25.50 -13.35 9.34
CA THR A 207 25.50 -12.23 10.26
C THR A 207 24.85 -11.03 9.58
N ASN A 208 24.31 -10.14 10.40
CA ASN A 208 23.71 -8.90 9.93
C ASN A 208 24.71 -7.75 9.88
N LYS A 209 25.95 -7.98 10.30
CA LYS A 209 26.99 -6.99 10.15
C LYS A 209 27.31 -6.78 8.67
N ASN A 210 27.71 -5.55 8.33
CA ASN A 210 28.09 -5.24 6.97
C ASN A 210 29.45 -5.81 6.59
N THR A 211 30.28 -6.12 7.58
CA THR A 211 31.56 -6.78 7.37
C THR A 211 31.58 -8.05 8.21
N PHE A 212 31.97 -9.16 7.59
CA PHE A 212 32.08 -10.39 8.34
C PHE A 212 33.20 -10.27 9.38
N PRO A 213 33.03 -10.80 10.58
CA PRO A 213 34.09 -10.70 11.58
C PRO A 213 35.40 -11.30 11.06
N LEU A 214 36.50 -10.62 11.38
CA LEU A 214 37.79 -11.03 10.87
C LEU A 214 38.23 -12.37 11.45
N GLU A 215 37.73 -12.74 12.62
CA GLU A 215 38.06 -14.01 13.24
C GLU A 215 37.32 -15.18 12.63
N MET A 216 36.29 -14.93 11.82
CA MET A 216 35.57 -15.97 11.10
C MET A 216 36.03 -16.11 9.66
N ALA A 217 36.23 -15.00 8.94
CA ALA A 217 36.62 -15.07 7.55
C ALA A 217 36.94 -13.67 7.04
N THR A 218 37.82 -13.60 6.07
CA THR A 218 38.19 -12.35 5.41
C THR A 218 38.09 -12.53 3.90
N VAL A 219 37.80 -11.44 3.21
CA VAL A 219 37.76 -11.43 1.74
C VAL A 219 39.08 -10.83 1.28
N GLN A 220 40.08 -11.68 1.11
CA GLN A 220 41.33 -11.28 0.53
C GLN A 220 41.19 -11.26 -0.99
N PRO A 221 42.09 -10.60 -1.71
CA PRO A 221 42.00 -10.64 -3.18
C PRO A 221 42.08 -12.05 -3.73
N GLU A 222 42.74 -12.97 -3.01
CA GLU A 222 42.79 -14.35 -3.44
C GLU A 222 41.42 -15.02 -3.35
N GLY A 223 40.58 -14.57 -2.42
CA GLY A 223 39.25 -15.12 -2.23
C GLY A 223 38.88 -15.08 -0.76
N VAL A 224 37.98 -15.97 -0.37
CA VAL A 224 37.56 -16.07 1.02
C VAL A 224 38.59 -16.91 1.77
N VAL A 225 39.15 -16.34 2.84
CA VAL A 225 40.10 -17.04 3.69
C VAL A 225 39.48 -17.13 5.08
N LEU A 226 39.25 -18.35 5.54
CA LEU A 226 38.66 -18.55 6.86
C LEU A 226 39.63 -18.15 7.95
N GLY A 227 39.10 -17.59 9.03
CA GLY A 227 39.95 -17.19 10.14
C GLY A 227 40.53 -18.37 10.87
N LYS A 228 41.67 -18.14 11.53
CA LYS A 228 42.36 -19.23 12.19
C LYS A 228 41.53 -19.84 13.31
N VAL A 229 40.73 -19.04 14.01
CA VAL A 229 39.94 -19.56 15.12
C VAL A 229 38.90 -20.56 14.60
N LEU A 230 38.18 -20.19 13.54
CA LEU A 230 37.16 -21.08 12.99
C LEU A 230 37.78 -22.34 12.41
N VAL A 231 38.89 -22.19 11.67
CA VAL A 231 39.54 -23.34 11.06
C VAL A 231 40.04 -24.30 12.13
N LYS A 232 40.66 -23.76 13.19
CA LYS A 232 41.16 -24.62 14.25
C LYS A 232 40.02 -25.25 15.03
N GLU A 233 38.89 -24.55 15.18
CA GLU A 233 37.74 -25.15 15.84
C GLU A 233 37.21 -26.33 15.05
N ILE A 234 37.15 -26.20 13.72
CA ILE A 234 36.66 -27.31 12.91
C ILE A 234 37.66 -28.45 12.89
N GLU A 235 38.96 -28.14 12.77
CA GLU A 235 39.96 -29.20 12.68
C GLU A 235 40.17 -29.90 14.03
N ASN A 236 40.00 -29.19 15.13
CA ASN A 236 40.12 -29.79 16.46
C ASN A 236 38.95 -30.70 16.78
N SER A 237 37.88 -30.64 16.01
CA SER A 237 36.75 -31.55 16.15
C SER A 237 36.86 -32.76 15.23
N GLY A 238 37.96 -32.90 14.52
CA GLY A 238 38.18 -34.06 13.69
C GLY A 238 37.59 -34.00 12.30
N PHE A 239 37.45 -32.81 11.73
CA PHE A 239 36.92 -32.64 10.39
C PHE A 239 37.84 -31.73 9.59
N GLU A 240 37.87 -31.94 8.28
CA GLU A 240 38.62 -31.09 7.37
C GLU A 240 37.66 -30.21 6.58
N ILE A 241 38.22 -29.17 5.97
CA ILE A 241 37.44 -28.20 5.22
C ILE A 241 37.75 -28.39 3.73
N ASN A 242 36.71 -28.43 2.92
CA ASN A 242 36.82 -28.40 1.47
C ASN A 242 37.01 -26.94 1.07
N ASP A 243 38.27 -26.54 0.91
CA ASP A 243 38.59 -25.14 0.70
C ASP A 243 38.04 -24.62 -0.63
N SER A 244 37.68 -25.50 -1.55
CA SER A 244 37.19 -25.09 -2.86
C SER A 244 35.71 -24.79 -2.87
N LYS A 245 35.03 -24.91 -1.73
CA LYS A 245 33.59 -24.69 -1.64
C LYS A 245 33.23 -23.60 -0.65
N THR A 246 34.21 -22.87 -0.11
CA THR A 246 33.94 -21.80 0.84
C THR A 246 33.42 -20.58 0.10
N ARG A 247 32.25 -20.10 0.47
CA ARG A 247 31.62 -18.97 -0.20
C ARG A 247 31.25 -17.90 0.81
N LEU A 248 31.44 -16.64 0.44
CA LEU A 248 30.96 -15.51 1.22
C LEU A 248 30.06 -14.68 0.32
N THR A 249 28.77 -14.63 0.63
CA THR A 249 27.78 -14.01 -0.22
C THR A 249 27.18 -12.79 0.47
N TYR A 250 27.22 -11.66 -0.22
CA TYR A 250 26.58 -10.42 0.19
C TYR A 250 25.14 -10.39 -0.32
N LYS A 251 24.40 -9.39 0.16
CA LYS A 251 22.98 -9.27 -0.19
C LYS A 251 22.76 -8.97 -1.66
N THR A 252 23.78 -8.52 -2.38
CA THR A 252 23.62 -8.11 -3.77
C THR A 252 23.70 -9.27 -4.74
N SER A 253 23.98 -10.48 -4.27
CA SER A 253 23.91 -11.69 -5.06
C SER A 253 22.98 -12.67 -4.36
N ARG A 254 22.72 -13.80 -4.99
CA ARG A 254 21.80 -14.77 -4.41
C ARG A 254 22.45 -15.46 -3.22
N GLN A 255 21.86 -15.25 -2.04
CA GLN A 255 22.30 -15.92 -0.82
C GLN A 255 21.51 -17.20 -0.67
N GLU A 256 22.19 -18.33 -0.76
CA GLU A 256 21.57 -19.64 -0.78
C GLU A 256 22.00 -20.44 0.44
N VAL A 257 21.03 -20.99 1.15
CA VAL A 257 21.27 -21.91 2.25
C VAL A 257 20.61 -23.22 1.87
N THR A 258 21.43 -24.23 1.56
CA THR A 258 20.96 -25.57 1.24
C THR A 258 19.90 -25.53 0.14
N GLY A 259 20.16 -24.72 -0.89
CA GLY A 259 19.36 -24.72 -2.09
C GLY A 259 18.26 -23.67 -2.15
N LEU A 260 18.07 -22.89 -1.09
CA LEU A 260 16.97 -21.95 -1.02
C LEU A 260 17.49 -20.53 -0.83
N THR A 261 16.87 -19.59 -1.53
CA THR A 261 17.21 -18.18 -1.39
C THR A 261 16.78 -17.65 -0.03
N VAL A 262 17.63 -16.83 0.58
CA VAL A 262 17.33 -16.26 1.89
C VAL A 262 17.59 -14.76 1.89
N ASN A 263 17.61 -14.14 0.71
CA ASN A 263 17.87 -12.70 0.64
C ASN A 263 16.83 -11.91 1.43
N ARG A 264 15.55 -12.17 1.17
CA ARG A 264 14.46 -11.55 1.90
C ARG A 264 13.60 -12.57 2.64
N ILE A 265 13.11 -13.59 1.94
CA ILE A 265 12.34 -14.67 2.54
C ILE A 265 12.95 -15.99 2.08
N VAL A 266 12.54 -17.07 2.74
CA VAL A 266 12.96 -18.40 2.32
C VAL A 266 12.22 -18.74 1.04
N ASN A 267 12.95 -18.88 -0.07
CA ASN A 267 12.35 -19.00 -1.38
C ASN A 267 13.02 -20.12 -2.16
N ILE A 268 12.33 -20.54 -3.21
CA ILE A 268 12.91 -21.45 -4.19
C ILE A 268 13.81 -20.66 -5.13
N ASP A 269 14.81 -21.32 -5.69
CA ASP A 269 15.63 -20.69 -6.72
C ASP A 269 14.74 -20.25 -7.87
N ARG A 270 14.89 -19.00 -8.28
CA ARG A 270 14.03 -18.47 -9.35
C ARG A 270 14.22 -19.25 -10.63
N CYS A 271 15.46 -19.63 -10.94
CA CYS A 271 15.71 -20.45 -12.13
C CYS A 271 14.95 -21.76 -12.06
N TYR A 272 14.92 -22.40 -10.89
CA TYR A 272 14.23 -23.67 -10.75
C TYR A 272 12.72 -23.52 -10.96
N TYR A 273 12.11 -22.53 -10.30
CA TYR A 273 10.67 -22.35 -10.45
C TYR A 273 10.32 -21.97 -11.88
N LYS A 274 11.15 -21.15 -12.52
CA LYS A 274 10.88 -20.79 -13.91
C LYS A 274 11.03 -21.97 -14.84
N LYS A 275 11.98 -22.86 -14.58
CA LYS A 275 12.08 -24.07 -15.37
C LYS A 275 10.88 -24.98 -15.17
N THR A 276 10.38 -25.08 -13.94
CA THR A 276 9.15 -25.86 -13.73
C THR A 276 7.98 -25.24 -14.47
N ARG A 277 7.89 -23.91 -14.44
CA ARG A 277 6.90 -23.19 -15.22
C ARG A 277 6.99 -23.57 -16.70
N ALA A 278 8.20 -23.54 -17.26
CA ALA A 278 8.38 -23.82 -18.67
C ALA A 278 8.10 -25.29 -19.00
N LEU A 279 8.45 -26.19 -18.10
CA LEU A 279 8.14 -27.61 -18.32
C LEU A 279 6.65 -27.84 -18.34
N ALA A 280 5.91 -27.21 -17.42
CA ALA A 280 4.47 -27.31 -17.45
C ALA A 280 3.91 -26.72 -18.74
N HIS A 281 4.46 -25.58 -19.16
CA HIS A 281 4.02 -24.97 -20.41
C HIS A 281 4.24 -25.90 -21.60
N ALA A 282 5.40 -26.56 -21.65
CA ALA A 282 5.67 -27.51 -22.72
C ALA A 282 4.70 -28.68 -22.67
N LEU A 283 4.41 -29.18 -21.47
CA LEU A 283 3.45 -30.27 -21.34
C LEU A 283 2.08 -29.86 -21.87
N TYR A 284 1.61 -28.68 -21.47
CA TYR A 284 0.32 -28.20 -21.96
C TYR A 284 0.34 -28.06 -23.46
N ARG A 285 1.44 -27.54 -24.01
CA ARG A 285 1.51 -27.13 -25.39
C ARG A 285 1.51 -28.33 -26.33
N THR A 286 2.56 -29.15 -26.30
CA THR A 286 2.62 -30.21 -27.30
C THR A 286 1.89 -31.46 -26.85
N GLY A 287 2.51 -32.29 -26.03
CA GLY A 287 1.81 -33.29 -25.26
C GLY A 287 2.57 -33.74 -24.04
N GLU A 288 3.73 -33.13 -23.80
CA GLU A 288 4.71 -33.69 -22.89
C GLU A 288 5.90 -32.75 -22.80
N TYR A 289 6.83 -33.09 -21.92
CA TYR A 289 8.05 -32.34 -21.71
C TYR A 289 9.22 -33.31 -21.68
N LYS A 290 10.42 -32.81 -21.96
CA LYS A 290 11.61 -33.63 -22.08
C LYS A 290 12.64 -33.20 -21.04
N VAL A 291 13.24 -34.19 -20.37
CA VAL A 291 14.33 -33.93 -19.44
C VAL A 291 15.47 -34.87 -19.75
N PRO A 292 16.71 -34.50 -19.39
CA PRO A 292 17.83 -35.42 -19.57
C PRO A 292 17.81 -36.52 -18.52
N ASP A 293 17.97 -37.76 -18.98
CA ASP A 293 17.92 -38.89 -18.04
C ASP A 293 19.26 -39.12 -17.35
N GLU A 294 20.29 -39.47 -18.13
CA GLU A 294 21.60 -39.77 -17.55
C GLU A 294 22.75 -39.04 -18.24
N ASN A 295 22.69 -38.90 -19.57
CA ASN A 295 23.83 -38.39 -20.34
C ASN A 295 23.40 -37.26 -21.27
N GLY A 296 22.42 -36.48 -20.86
CA GLY A 296 21.90 -35.41 -21.69
C GLY A 296 20.91 -35.86 -22.75
N VAL A 297 20.53 -37.13 -22.76
CA VAL A 297 19.56 -37.63 -23.72
C VAL A 297 18.17 -37.23 -23.26
N LEU A 298 17.45 -36.50 -24.11
CA LEU A 298 16.15 -35.95 -23.75
C LEU A 298 15.09 -37.03 -23.86
N VAL A 299 14.58 -37.48 -22.72
CA VAL A 299 13.50 -38.45 -22.68
C VAL A 299 12.28 -37.76 -22.07
N SER A 300 11.09 -38.22 -22.48
CA SER A 300 9.87 -37.62 -21.99
C SER A 300 9.68 -37.94 -20.51
N GLY A 301 9.45 -36.90 -19.71
CA GLY A 301 9.15 -37.10 -18.32
C GLY A 301 7.68 -37.39 -18.10
N GLY A 302 7.39 -37.97 -16.93
CA GLY A 302 6.03 -38.29 -16.58
C GLY A 302 5.37 -37.21 -15.74
N LEU A 303 4.06 -37.35 -15.55
CA LEU A 303 3.34 -36.44 -14.67
C LEU A 303 3.84 -36.55 -13.24
N ASP A 304 4.32 -37.72 -12.85
CA ASP A 304 4.80 -37.92 -11.48
C ASP A 304 5.97 -36.99 -11.16
N LYS A 305 6.93 -36.87 -12.07
CA LYS A 305 8.10 -36.05 -11.82
C LYS A 305 7.74 -34.57 -11.76
N LEU A 306 6.93 -34.10 -12.72
CA LEU A 306 6.53 -32.70 -12.72
C LEU A 306 5.72 -32.35 -11.49
N GLU A 307 4.81 -33.25 -11.10
CA GLU A 307 4.05 -33.03 -9.88
C GLU A 307 4.95 -32.99 -8.66
N GLY A 308 5.99 -33.84 -8.63
CA GLY A 308 6.93 -33.78 -7.53
C GLY A 308 7.67 -32.45 -7.46
N MET A 309 8.09 -31.94 -8.61
CA MET A 309 8.75 -30.64 -8.63
C MET A 309 7.82 -29.53 -8.16
N PHE A 310 6.56 -29.56 -8.63
CA PHE A 310 5.58 -28.57 -8.20
C PHE A 310 5.32 -28.67 -6.71
N GLY A 311 5.28 -29.90 -6.18
CA GLY A 311 5.10 -30.06 -4.75
C GLY A 311 6.29 -29.56 -3.95
N PHE A 312 7.49 -29.70 -4.49
CA PHE A 312 8.67 -29.16 -3.82
C PHE A 312 8.59 -27.64 -3.74
N ILE A 313 8.15 -26.99 -4.81
CA ILE A 313 7.95 -25.54 -4.76
C ILE A 313 6.84 -25.19 -3.78
N ASP A 314 5.77 -25.98 -3.78
CA ASP A 314 4.62 -25.69 -2.93
C ASP A 314 4.92 -25.89 -1.46
N GLN A 315 5.88 -26.72 -1.10
CA GLN A 315 6.26 -26.84 0.30
C GLN A 315 6.73 -25.49 0.85
N VAL A 316 7.62 -24.83 0.12
CA VAL A 316 8.12 -23.53 0.53
C VAL A 316 7.00 -22.48 0.45
N ASP A 317 6.14 -22.59 -0.57
CA ASP A 317 5.02 -21.66 -0.66
C ASP A 317 4.11 -21.77 0.56
N LYS A 318 3.80 -22.99 0.98
CA LYS A 318 2.92 -23.20 2.11
C LYS A 318 3.56 -22.74 3.40
N PHE A 319 4.86 -22.99 3.57
CA PHE A 319 5.56 -22.49 4.74
C PHE A 319 5.47 -20.97 4.80
N ASN A 320 5.70 -20.30 3.66
CA ASN A 320 5.64 -18.85 3.64
C ASN A 320 4.24 -18.34 3.95
N ASN A 321 3.21 -19.01 3.43
CA ASN A 321 1.85 -18.60 3.73
C ASN A 321 1.55 -18.73 5.22
N ILE A 322 1.94 -19.86 5.82
CA ILE A 322 1.68 -20.08 7.24
C ILE A 322 2.39 -19.02 8.07
N LYS A 323 3.60 -18.63 7.66
CA LYS A 323 4.30 -17.58 8.39
C LYS A 323 3.65 -16.22 8.20
N LYS A 324 3.19 -15.92 6.98
CA LYS A 324 2.53 -14.66 6.70
C LYS A 324 1.23 -14.51 7.48
N LYS A 325 0.53 -15.62 7.75
CA LYS A 325 -0.72 -15.53 8.48
C LYS A 325 -0.52 -14.97 9.88
N LEU A 326 0.54 -15.39 10.56
CA LEU A 326 0.79 -14.99 11.94
C LEU A 326 1.15 -13.52 12.05
N ASN A 327 1.40 -12.88 10.92
CA ASN A 327 1.77 -11.47 10.87
C ASN A 327 0.65 -10.60 10.32
N LYS A 328 -0.26 -11.18 9.54
CA LYS A 328 -1.36 -10.44 8.93
C LYS A 328 -2.03 -9.51 9.94
N GLN A 329 -2.06 -8.21 9.62
CA GLN A 329 -2.74 -7.21 10.43
C GLN A 329 -4.03 -6.80 9.72
N PRO A 330 -5.22 -7.05 10.30
CA PRO A 330 -6.46 -6.76 9.59
C PRO A 330 -6.46 -5.39 8.92
N ASP A 331 -7.11 -5.30 7.75
CA ASP A 331 -7.14 -4.08 6.96
C ASP A 331 -8.57 -3.81 6.52
N ARG A 332 -8.80 -2.58 6.05
CA ARG A 332 -10.11 -2.17 5.57
C ARG A 332 -10.30 -2.61 4.13
N TYR A 333 -11.38 -2.14 3.50
CA TYR A 333 -11.65 -2.38 2.09
C TYR A 333 -12.30 -3.73 1.86
N VAL A 334 -13.03 -3.86 0.75
CA VAL A 334 -13.75 -5.08 0.39
C VAL A 334 -13.58 -5.29 -1.11
N LEU A 335 -14.24 -6.33 -1.62
CA LEU A 335 -14.24 -6.64 -3.05
C LEU A 335 -15.49 -7.46 -3.34
N THR A 336 -15.51 -8.11 -4.50
CA THR A 336 -16.66 -8.92 -4.90
C THR A 336 -16.82 -10.19 -4.04
N ASN A 337 -16.07 -10.38 -2.95
CA ASN A 337 -16.17 -11.59 -2.14
C ASN A 337 -15.96 -12.83 -3.01
N ALA A 338 -14.99 -12.73 -3.92
CA ALA A 338 -14.69 -13.79 -4.88
C ALA A 338 -15.78 -13.88 -5.94
N THR A 339 -15.38 -14.14 -7.17
CA THR A 339 -16.28 -14.27 -8.30
C THR A 339 -15.78 -15.45 -9.14
N LEU A 340 -16.30 -15.60 -10.35
CA LEU A 340 -15.71 -16.58 -11.26
C LEU A 340 -14.29 -16.16 -11.59
N HIS A 341 -13.33 -17.03 -11.26
CA HIS A 341 -11.91 -16.79 -11.43
C HIS A 341 -11.36 -15.82 -10.40
N GLY A 342 -12.18 -15.42 -9.42
CA GLY A 342 -11.71 -14.54 -8.36
C GLY A 342 -11.04 -15.24 -7.20
N PHE A 343 -11.04 -16.58 -7.19
CA PHE A 343 -10.36 -17.32 -6.14
C PHE A 343 -8.85 -17.39 -6.37
N LYS A 344 -8.39 -17.08 -7.58
CA LYS A 344 -6.96 -17.06 -7.88
C LYS A 344 -6.32 -15.74 -7.52
N LEU A 345 -7.08 -14.77 -7.01
CA LEU A 345 -6.49 -13.50 -6.61
C LEU A 345 -5.61 -13.65 -5.38
N LYS A 346 -5.91 -14.63 -4.52
CA LYS A 346 -5.10 -14.89 -3.35
C LYS A 346 -3.84 -15.68 -3.68
N LEU A 347 -3.73 -16.25 -4.87
CA LEU A 347 -2.64 -17.15 -5.21
C LEU A 347 -1.42 -16.39 -5.73
N ASN A 348 -0.25 -16.95 -5.48
CA ASN A 348 1.00 -16.49 -6.04
C ASN A 348 1.01 -16.72 -7.55
N ALA A 349 2.11 -16.32 -8.19
CA ALA A 349 2.38 -16.79 -9.54
C ALA A 349 2.82 -18.24 -9.53
N ARG A 350 3.64 -18.62 -8.55
CA ARG A 350 3.99 -20.03 -8.38
C ARG A 350 2.77 -20.87 -8.05
N GLU A 351 1.91 -20.36 -7.17
CA GLU A 351 0.70 -21.09 -6.82
C GLU A 351 -0.30 -21.10 -7.95
N LYS A 352 -0.33 -20.05 -8.77
CA LYS A 352 -1.16 -20.07 -9.96
C LYS A 352 -0.69 -21.13 -10.94
N ALA A 353 0.63 -21.25 -11.12
CA ALA A 353 1.16 -22.29 -11.99
C ALA A 353 0.82 -23.68 -11.45
N TYR A 354 0.94 -23.88 -10.14
CA TYR A 354 0.60 -25.17 -9.56
C TYR A 354 -0.90 -25.45 -9.71
N SER A 355 -1.75 -24.44 -9.53
CA SER A 355 -3.18 -24.61 -9.74
C SER A 355 -3.48 -25.03 -11.17
N LYS A 356 -2.84 -24.36 -12.13
CA LYS A 356 -3.06 -24.72 -13.53
C LYS A 356 -2.60 -26.14 -13.81
N PHE A 357 -1.47 -26.54 -13.22
CA PHE A 357 -0.97 -27.90 -13.44
C PHE A 357 -1.93 -28.94 -12.83
N ILE A 358 -2.45 -28.68 -11.64
CA ILE A 358 -3.38 -29.62 -11.02
C ILE A 358 -4.65 -29.74 -11.86
N TYR A 359 -5.17 -28.60 -12.32
CA TYR A 359 -6.36 -28.65 -13.17
C TYR A 359 -6.09 -29.44 -14.43
N TYR A 360 -4.93 -29.24 -15.06
CA TYR A 360 -4.56 -30.05 -16.21
C TYR A 360 -4.51 -31.52 -15.86
N LYS A 361 -3.87 -31.86 -14.74
CA LYS A 361 -3.72 -33.24 -14.36
C LYS A 361 -5.06 -33.93 -14.24
N PHE A 362 -6.07 -33.21 -13.75
CA PHE A 362 -7.35 -33.86 -13.48
C PHE A 362 -8.35 -33.75 -14.62
N PHE A 363 -8.29 -32.72 -15.46
CA PHE A 363 -9.39 -32.40 -16.35
C PHE A 363 -9.00 -32.15 -17.80
N HIS A 364 -7.72 -32.05 -18.13
CA HIS A 364 -7.34 -31.80 -19.52
C HIS A 364 -6.32 -32.80 -20.04
N GLY A 365 -5.36 -33.21 -19.22
CA GLY A 365 -4.40 -34.24 -19.57
C GLY A 365 -4.65 -35.57 -18.90
N ASN A 366 -5.81 -35.77 -18.28
CA ASN A 366 -6.10 -37.04 -17.64
C ASN A 366 -5.98 -38.19 -18.62
N THR A 367 -5.27 -39.24 -18.21
CA THR A 367 -5.09 -40.43 -19.03
C THR A 367 -6.21 -41.43 -18.86
N CYS A 368 -7.10 -41.22 -17.91
CA CYS A 368 -8.31 -42.02 -17.72
C CYS A 368 -9.44 -41.06 -17.39
N PRO A 369 -10.68 -41.50 -17.57
CA PRO A 369 -11.82 -40.62 -17.24
C PRO A 369 -11.77 -40.20 -15.78
N THR A 370 -12.11 -38.94 -15.53
CA THR A 370 -12.10 -38.37 -14.19
C THR A 370 -13.54 -38.20 -13.72
N ILE A 371 -13.87 -38.81 -12.58
CA ILE A 371 -15.22 -38.78 -12.03
C ILE A 371 -15.24 -37.77 -10.90
N ILE A 372 -16.12 -36.78 -11.00
CA ILE A 372 -16.36 -35.80 -9.94
C ILE A 372 -17.69 -36.14 -9.30
N THR A 373 -17.69 -36.27 -7.97
CA THR A 373 -18.90 -36.49 -7.20
C THR A 373 -19.21 -35.26 -6.36
N GLU A 374 -20.26 -35.36 -5.54
CA GLU A 374 -20.83 -34.21 -4.84
C GLU A 374 -20.76 -34.42 -3.33
N GLY A 375 -19.63 -34.87 -2.83
CA GLY A 375 -19.48 -35.06 -1.41
C GLY A 375 -18.33 -35.99 -1.09
N LYS A 376 -18.20 -36.28 0.20
CA LYS A 376 -17.10 -37.10 0.70
C LYS A 376 -17.42 -38.59 0.72
N THR A 377 -18.66 -38.98 0.41
CA THR A 377 -19.07 -40.37 0.51
C THR A 377 -19.34 -41.03 -0.85
N ASP A 378 -19.75 -40.26 -1.86
CA ASP A 378 -20.03 -40.85 -3.16
C ASP A 378 -18.81 -41.60 -3.70
N ARG A 379 -17.60 -41.11 -3.40
CA ARG A 379 -16.41 -41.79 -3.89
C ARG A 379 -16.32 -43.22 -3.36
N ILE A 380 -16.60 -43.40 -2.07
CA ILE A 380 -16.54 -44.73 -1.48
C ILE A 380 -17.59 -45.64 -2.10
N TYR A 381 -18.80 -45.11 -2.29
CA TYR A 381 -19.86 -45.90 -2.90
C TYR A 381 -19.46 -46.35 -4.30
N LEU A 382 -18.95 -45.42 -5.11
CA LEU A 382 -18.56 -45.76 -6.47
C LEU A 382 -17.43 -46.79 -6.48
N LYS A 383 -16.44 -46.60 -5.60
CA LYS A 383 -15.31 -47.54 -5.56
C LYS A 383 -15.79 -48.94 -5.18
N ALA A 384 -16.64 -49.03 -4.15
CA ALA A 384 -17.14 -50.34 -3.73
C ALA A 384 -17.97 -50.98 -4.84
N ALA A 385 -18.84 -50.20 -5.48
CA ALA A 385 -19.69 -50.75 -6.53
C ALA A 385 -18.84 -51.26 -7.69
N LEU A 386 -17.84 -50.48 -8.10
CA LEU A 386 -17.00 -50.92 -9.22
C LEU A 386 -16.18 -52.14 -8.84
N HIS A 387 -15.70 -52.22 -7.60
CA HIS A 387 -14.97 -53.40 -7.17
C HIS A 387 -15.85 -54.64 -7.20
N SER A 388 -17.10 -54.51 -6.74
CA SER A 388 -17.99 -55.67 -6.71
C SER A 388 -18.26 -56.20 -8.10
N LEU A 389 -18.46 -55.31 -9.07
CA LEU A 389 -18.80 -55.68 -10.44
C LEU A 389 -17.59 -55.63 -11.36
N GLU A 390 -16.41 -56.03 -10.87
CA GLU A 390 -15.20 -55.95 -11.68
C GLU A 390 -15.37 -56.72 -12.97
N THR A 391 -15.93 -57.93 -12.90
CA THR A 391 -16.10 -58.75 -14.11
C THR A 391 -17.17 -58.19 -15.02
N SER A 392 -18.13 -57.43 -14.49
CA SER A 392 -19.18 -56.87 -15.32
C SER A 392 -18.64 -55.80 -16.27
N TYR A 393 -17.64 -55.03 -15.83
CA TYR A 393 -17.07 -53.95 -16.63
C TYR A 393 -15.55 -54.08 -16.63
N PRO A 394 -15.00 -55.06 -17.35
CA PRO A 394 -13.54 -55.21 -17.38
C PRO A 394 -12.81 -53.98 -17.90
N GLU A 395 -13.41 -53.23 -18.82
CA GLU A 395 -12.71 -52.12 -19.44
C GLU A 395 -12.45 -50.97 -18.48
N LEU A 396 -13.08 -50.97 -17.30
CA LEU A 396 -12.87 -49.94 -16.29
C LEU A 396 -11.75 -50.32 -15.32
N PHE A 397 -10.79 -51.13 -15.76
CA PHE A 397 -9.71 -51.58 -14.89
C PHE A 397 -8.41 -51.64 -15.69
N ARG A 398 -7.30 -51.51 -14.97
CA ARG A 398 -5.97 -51.66 -15.52
C ARG A 398 -5.33 -52.92 -14.94
N GLU A 399 -4.11 -53.23 -15.40
CA GLU A 399 -3.40 -54.42 -14.98
C GLU A 399 -2.00 -54.08 -14.51
N LYS A 400 -1.62 -54.66 -13.37
CA LYS A 400 -0.28 -54.51 -12.82
C LYS A 400 0.64 -55.57 -13.43
N THR A 401 1.81 -55.76 -12.84
CA THR A 401 2.81 -56.70 -13.37
C THR A 401 2.45 -58.13 -12.96
N ASP A 402 1.41 -58.65 -13.61
CA ASP A 402 1.02 -60.06 -13.50
C ASP A 402 0.99 -60.52 -12.04
N SER A 403 0.11 -59.88 -11.26
CA SER A 403 -0.07 -60.25 -9.86
C SER A 403 -1.53 -60.22 -9.43
N LYS A 404 -2.48 -60.12 -10.37
CA LYS A 404 -3.90 -60.02 -10.05
C LYS A 404 -4.23 -58.75 -9.28
N LYS A 405 -3.34 -57.76 -9.32
CA LYS A 405 -3.55 -56.50 -8.62
C LYS A 405 -4.19 -55.47 -9.55
N LYS A 406 -5.35 -55.83 -10.07
CA LYS A 406 -6.10 -54.93 -10.93
C LYS A 406 -6.53 -53.68 -10.16
N GLU A 407 -6.54 -52.54 -10.85
CA GLU A 407 -6.87 -51.27 -10.23
C GLU A 407 -7.96 -50.60 -11.05
N ILE A 408 -8.72 -49.73 -10.37
CA ILE A 408 -9.75 -48.97 -11.07
C ILE A 408 -9.09 -48.05 -12.08
N ASN A 409 -9.63 -48.02 -13.30
CA ASN A 409 -9.12 -47.17 -14.38
C ASN A 409 -9.86 -45.84 -14.42
N LEU A 410 -9.90 -45.14 -13.30
CA LEU A 410 -10.58 -43.85 -13.22
C LEU A 410 -9.85 -42.97 -12.22
N ASN A 411 -10.04 -41.67 -12.38
CA ASN A 411 -9.55 -40.68 -11.41
C ASN A 411 -10.75 -40.22 -10.60
N ILE A 412 -11.05 -40.93 -9.51
CA ILE A 412 -12.13 -40.53 -8.64
C ILE A 412 -11.67 -39.30 -7.87
N PHE A 413 -12.06 -38.13 -8.34
CA PHE A 413 -11.61 -36.88 -7.74
C PHE A 413 -11.98 -36.84 -6.27
N LYS A 414 -11.01 -36.47 -5.44
CA LYS A 414 -11.20 -36.34 -4.00
C LYS A 414 -11.00 -34.88 -3.62
N SER A 415 -12.07 -34.26 -3.14
CA SER A 415 -12.04 -32.85 -2.79
C SER A 415 -11.66 -32.70 -1.31
N ASN A 416 -10.71 -31.82 -1.05
CA ASN A 416 -10.22 -31.57 0.31
C ASN A 416 -9.83 -30.10 0.42
N GLU A 417 -9.10 -29.76 1.47
CA GLU A 417 -8.65 -28.38 1.64
C GLU A 417 -7.74 -27.94 0.51
N LYS A 418 -6.95 -28.86 -0.04
CA LYS A 418 -5.98 -28.47 -1.07
C LYS A 418 -6.66 -28.17 -2.39
N THR A 419 -7.64 -28.99 -2.79
CA THR A 419 -8.38 -28.69 -4.02
C THR A 419 -9.25 -27.46 -3.84
N LYS A 420 -9.71 -27.21 -2.62
CA LYS A 420 -10.42 -25.97 -2.35
C LYS A 420 -9.49 -24.77 -2.53
N TYR A 421 -8.25 -24.88 -2.05
CA TYR A 421 -7.32 -23.78 -2.15
C TYR A 421 -6.90 -23.52 -3.59
N PHE A 422 -6.63 -24.59 -4.34
CA PHE A 422 -6.03 -24.42 -5.66
C PHE A 422 -7.07 -24.42 -6.79
N LEU A 423 -8.04 -25.32 -6.73
CA LEU A 423 -9.03 -25.46 -7.79
C LEU A 423 -10.37 -24.82 -7.45
N ASP A 424 -10.61 -24.47 -6.18
CA ASP A 424 -11.92 -23.99 -5.75
C ASP A 424 -12.98 -25.10 -5.89
N LEU A 425 -12.67 -26.26 -5.33
CA LEU A 425 -13.54 -27.44 -5.41
C LEU A 425 -13.47 -28.15 -4.06
N SER A 426 -14.39 -27.80 -3.16
CA SER A 426 -14.48 -28.45 -1.86
C SER A 426 -15.57 -29.51 -1.81
N GLY A 427 -16.29 -29.73 -2.92
CA GLY A 427 -17.33 -30.73 -2.97
C GLY A 427 -18.74 -30.18 -2.83
N GLY A 428 -18.90 -28.86 -2.75
CA GLY A 428 -20.22 -28.28 -2.73
C GLY A 428 -20.87 -28.25 -4.10
N THR A 429 -22.18 -28.00 -4.10
CA THR A 429 -22.90 -27.88 -5.36
C THR A 429 -22.63 -26.55 -6.04
N ALA A 430 -22.53 -25.47 -5.26
CA ALA A 430 -22.14 -24.18 -5.84
C ALA A 430 -20.74 -24.26 -6.42
N ASP A 431 -19.85 -25.04 -5.79
CA ASP A 431 -18.52 -25.24 -6.33
C ASP A 431 -18.58 -25.91 -7.70
N LEU A 432 -19.44 -26.92 -7.84
CA LEU A 432 -19.58 -27.59 -9.13
C LEU A 432 -20.18 -26.65 -10.17
N LYS A 433 -21.12 -25.80 -9.77
CA LYS A 433 -21.69 -24.86 -10.71
C LYS A 433 -20.62 -23.89 -11.22
N LYS A 434 -19.80 -23.37 -10.32
CA LYS A 434 -18.70 -22.51 -10.73
C LYS A 434 -17.68 -23.26 -11.58
N PHE A 435 -17.47 -24.54 -11.27
CA PHE A 435 -16.58 -25.37 -12.09
C PHE A 435 -17.08 -25.43 -13.53
N VAL A 436 -18.37 -25.72 -13.71
CA VAL A 436 -18.93 -25.76 -15.06
C VAL A 436 -18.84 -24.39 -15.72
N GLU A 437 -19.11 -23.34 -14.95
CA GLU A 437 -19.07 -22.00 -15.53
C GLU A 437 -17.69 -21.66 -16.07
N ARG A 438 -16.64 -21.98 -15.30
CA ARG A 438 -15.28 -21.65 -15.71
C ARG A 438 -14.69 -22.67 -16.69
N TYR A 439 -15.35 -23.82 -16.88
CA TYR A 439 -14.77 -24.88 -17.70
C TYR A 439 -14.35 -24.39 -19.07
N LYS A 440 -15.11 -23.48 -19.67
CA LYS A 440 -14.77 -23.03 -21.02
C LYS A 440 -13.43 -22.33 -21.05
N ASN A 441 -13.24 -21.35 -20.17
CA ASN A 441 -11.96 -20.63 -20.13
C ASN A 441 -10.83 -21.54 -19.71
N ASN A 442 -11.07 -22.42 -18.75
CA ASN A 442 -10.04 -23.36 -18.33
C ASN A 442 -9.61 -24.24 -19.48
N TYR A 443 -10.57 -24.73 -20.27
CA TYR A 443 -10.24 -25.52 -21.45
C TYR A 443 -9.44 -24.70 -22.44
N ALA A 444 -9.85 -23.45 -22.68
CA ALA A 444 -9.16 -22.62 -23.66
C ALA A 444 -7.74 -22.30 -23.23
N SER A 445 -7.46 -22.31 -21.93
CA SER A 445 -6.15 -21.88 -21.44
C SER A 445 -5.03 -22.89 -21.73
N TYR A 446 -5.29 -23.99 -22.43
CA TYR A 446 -4.31 -25.04 -22.62
C TYR A 446 -3.85 -25.15 -24.07
N TYR A 447 -3.81 -24.03 -24.79
CA TYR A 447 -3.13 -23.92 -26.07
C TYR A 447 -3.67 -24.93 -27.09
N GLY A 448 -4.99 -24.94 -27.25
CA GLY A 448 -5.61 -25.76 -28.26
C GLY A 448 -5.49 -27.24 -28.05
N SER A 449 -5.01 -27.68 -26.89
CA SER A 449 -4.93 -29.11 -26.62
C SER A 449 -6.33 -29.70 -26.50
N VAL A 450 -6.49 -30.93 -26.97
CA VAL A 450 -7.75 -31.65 -26.93
C VAL A 450 -7.60 -32.78 -25.92
N PRO A 451 -8.34 -32.77 -24.80
CA PRO A 451 -8.26 -33.89 -23.86
C PRO A 451 -8.59 -35.20 -24.55
N LYS A 452 -7.86 -36.24 -24.20
CA LYS A 452 -8.09 -37.57 -24.76
C LYS A 452 -9.11 -38.37 -23.96
N GLN A 453 -9.53 -37.89 -22.81
CA GLN A 453 -10.46 -38.62 -21.95
C GLN A 453 -11.55 -37.70 -21.46
N PRO A 454 -12.73 -38.23 -21.17
CA PRO A 454 -13.83 -37.40 -20.69
C PRO A 454 -13.73 -37.11 -19.20
N VAL A 455 -14.45 -36.09 -18.78
CA VAL A 455 -14.60 -35.74 -17.37
C VAL A 455 -16.09 -35.86 -17.06
N ILE A 456 -16.43 -36.81 -16.19
CA ILE A 456 -17.82 -37.17 -15.91
C ILE A 456 -18.14 -36.69 -14.50
N MET A 457 -19.18 -35.88 -14.38
CA MET A 457 -19.68 -35.43 -13.09
C MET A 457 -20.90 -36.28 -12.74
N VAL A 458 -20.71 -37.23 -11.83
CA VAL A 458 -21.77 -38.14 -11.41
C VAL A 458 -22.36 -37.62 -10.12
N LEU A 459 -23.64 -37.26 -10.14
CA LEU A 459 -24.25 -36.62 -8.97
C LEU A 459 -25.73 -36.95 -8.91
N ASP A 460 -26.35 -36.62 -7.78
CA ASP A 460 -27.72 -37.01 -7.49
C ASP A 460 -28.69 -36.30 -8.42
N ASN A 461 -29.98 -36.59 -8.26
CA ASN A 461 -31.04 -36.06 -9.09
C ASN A 461 -31.97 -35.20 -8.26
N ASP A 462 -32.06 -33.91 -8.61
CA ASP A 462 -32.98 -32.97 -7.99
C ASP A 462 -32.61 -32.64 -6.56
N THR A 463 -31.58 -33.30 -6.01
CA THR A 463 -31.17 -33.02 -4.64
C THR A 463 -30.26 -31.80 -4.60
N GLY A 464 -29.10 -31.89 -5.24
CA GLY A 464 -28.18 -30.79 -5.35
C GLY A 464 -28.29 -30.01 -6.65
N PRO A 465 -28.29 -30.70 -7.80
CA PRO A 465 -28.16 -29.98 -9.08
C PRO A 465 -29.45 -29.37 -9.61
N SER A 466 -29.77 -28.19 -9.10
CA SER A 466 -30.88 -27.38 -9.59
C SER A 466 -30.41 -26.09 -10.25
N ASP A 467 -29.59 -25.31 -9.55
CA ASP A 467 -28.99 -24.13 -10.16
C ASP A 467 -28.10 -24.52 -11.33
N LEU A 468 -27.36 -25.62 -11.19
CA LEU A 468 -26.54 -26.10 -12.29
C LEU A 468 -27.40 -26.48 -13.50
N LEU A 469 -28.53 -27.14 -13.26
CA LEU A 469 -29.42 -27.50 -14.36
C LEU A 469 -29.98 -26.25 -15.03
N ASN A 470 -30.36 -25.25 -14.22
CA ASN A 470 -30.82 -23.99 -14.80
C ASN A 470 -29.75 -23.34 -15.66
N PHE A 471 -28.51 -23.33 -15.17
CA PHE A 471 -27.41 -22.75 -15.94
C PHE A 471 -27.20 -23.52 -17.24
N LEU A 472 -27.28 -24.85 -17.18
CA LEU A 472 -27.13 -25.66 -18.38
C LEU A 472 -28.21 -25.32 -19.40
N ARG A 473 -29.45 -25.20 -18.94
CA ARG A 473 -30.55 -24.91 -19.85
C ARG A 473 -30.41 -23.53 -20.47
N ASN A 474 -30.11 -22.52 -19.65
CA ASN A 474 -30.16 -21.14 -20.12
C ASN A 474 -28.92 -20.72 -20.91
N LYS A 475 -27.78 -21.36 -20.70
CA LYS A 475 -26.51 -20.89 -21.27
C LYS A 475 -25.90 -21.87 -22.25
N VAL A 476 -25.72 -23.13 -21.87
CA VAL A 476 -25.01 -24.08 -22.72
C VAL A 476 -25.81 -24.36 -23.99
N LYS A 477 -27.01 -24.92 -23.83
CA LYS A 477 -27.88 -25.25 -24.95
C LYS A 477 -27.16 -26.18 -25.94
N SER A 478 -26.57 -27.25 -25.40
CA SER A 478 -25.85 -28.21 -26.23
C SER A 478 -26.78 -29.03 -27.11
N CYS A 479 -28.09 -28.97 -26.91
CA CYS A 479 -29.07 -29.72 -27.66
C CYS A 479 -30.11 -28.78 -28.22
N PRO A 480 -30.78 -29.17 -29.32
CA PRO A 480 -31.80 -28.27 -29.90
C PRO A 480 -32.91 -27.90 -28.93
N ASP A 481 -33.33 -28.84 -28.09
CA ASP A 481 -34.40 -28.58 -27.13
C ASP A 481 -34.19 -29.50 -25.93
N ASP A 482 -33.97 -28.90 -24.76
CA ASP A 482 -33.62 -29.69 -23.58
C ASP A 482 -34.05 -28.90 -22.34
N VAL A 483 -35.10 -29.37 -21.66
CA VAL A 483 -35.57 -28.77 -20.43
C VAL A 483 -35.58 -29.82 -19.33
N THR A 484 -36.39 -30.87 -19.52
CA THR A 484 -36.47 -31.98 -18.58
C THR A 484 -36.16 -33.32 -19.22
N GLU A 485 -35.90 -33.36 -20.53
CA GLU A 485 -35.47 -34.61 -21.15
C GLU A 485 -34.12 -35.05 -20.59
N MET A 486 -33.19 -34.11 -20.44
CA MET A 486 -31.90 -34.42 -19.83
C MET A 486 -32.00 -34.56 -18.32
N ARG A 487 -33.04 -34.01 -17.70
CA ARG A 487 -33.31 -34.31 -16.30
C ARG A 487 -33.52 -35.80 -16.09
N LYS A 488 -33.92 -36.53 -17.14
CA LYS A 488 -34.03 -37.98 -17.12
C LYS A 488 -33.42 -38.50 -18.42
N MET A 489 -32.11 -38.73 -18.40
CA MET A 489 -31.40 -39.28 -19.56
C MET A 489 -30.25 -40.13 -19.07
N LYS A 490 -29.75 -40.98 -19.96
CA LYS A 490 -28.61 -41.83 -19.61
C LYS A 490 -27.42 -40.97 -19.18
N TYR A 491 -27.19 -39.85 -19.86
CA TYR A 491 -26.12 -38.93 -19.49
C TYR A 491 -26.30 -37.65 -20.29
N ILE A 492 -25.40 -36.69 -20.07
CA ILE A 492 -25.45 -35.38 -20.70
C ILE A 492 -24.07 -35.06 -21.23
N HIS A 493 -24.02 -34.15 -22.20
CA HIS A 493 -22.78 -33.68 -22.81
C HIS A 493 -22.78 -32.16 -22.77
N VAL A 494 -22.12 -31.59 -21.77
CA VAL A 494 -22.15 -30.14 -21.57
C VAL A 494 -21.20 -29.45 -22.54
N PHE A 495 -19.92 -29.79 -22.48
CA PHE A 495 -18.88 -29.05 -23.17
C PHE A 495 -17.95 -30.04 -23.86
N TYR A 496 -16.78 -29.55 -24.28
CA TYR A 496 -15.83 -30.31 -25.08
C TYR A 496 -15.71 -31.76 -24.60
N ASN A 497 -15.30 -31.96 -23.34
CA ASN A 497 -15.18 -33.30 -22.79
C ASN A 497 -15.94 -33.47 -21.49
N LEU A 498 -16.73 -32.47 -21.09
CA LEU A 498 -17.45 -32.52 -19.82
C LEU A 498 -18.80 -33.19 -20.03
N TYR A 499 -19.06 -34.26 -19.29
CA TYR A 499 -20.34 -34.95 -19.27
C TYR A 499 -20.88 -34.95 -17.85
N ILE A 500 -22.19 -35.14 -17.72
CA ILE A 500 -22.84 -35.20 -16.42
C ILE A 500 -23.76 -36.42 -16.40
N VAL A 501 -23.73 -37.15 -15.29
CA VAL A 501 -24.53 -38.35 -15.10
C VAL A 501 -25.35 -38.17 -13.83
N LEU A 502 -26.66 -38.13 -13.98
CA LEU A 502 -27.57 -38.03 -12.85
C LEU A 502 -28.00 -39.41 -12.42
N THR A 503 -28.19 -39.56 -11.11
CA THR A 503 -28.63 -40.84 -10.57
C THR A 503 -29.99 -41.19 -11.16
N PRO A 504 -30.18 -42.41 -11.67
CA PRO A 504 -31.45 -42.74 -12.33
C PRO A 504 -32.63 -42.63 -11.38
N LEU A 505 -33.77 -42.18 -11.91
CA LEU A 505 -34.98 -42.06 -11.14
C LEU A 505 -35.61 -43.43 -10.90
N SER A 506 -36.57 -43.48 -9.98
CA SER A 506 -37.30 -44.70 -9.72
C SER A 506 -38.26 -44.99 -10.86
N PRO A 507 -38.88 -46.17 -10.89
CA PRO A 507 -39.89 -46.44 -11.92
C PRO A 507 -41.05 -45.45 -11.89
N SER A 508 -41.36 -44.88 -10.73
CA SER A 508 -42.43 -43.91 -10.60
C SER A 508 -42.00 -42.50 -10.96
N GLY A 509 -40.74 -42.29 -11.33
CA GLY A 509 -40.24 -40.96 -11.61
C GLY A 509 -39.80 -40.19 -10.39
N GLU A 510 -39.54 -40.86 -9.28
CA GLU A 510 -39.14 -40.17 -8.06
C GLU A 510 -37.72 -39.63 -8.19
N GLN A 511 -37.45 -38.59 -7.40
CA GLN A 511 -36.12 -38.00 -7.32
C GLN A 511 -35.32 -38.74 -6.25
N THR A 512 -34.42 -39.61 -6.70
CA THR A 512 -33.65 -40.47 -5.83
C THR A 512 -32.18 -40.09 -5.86
N SER A 513 -31.56 -40.06 -4.69
CA SER A 513 -30.14 -39.75 -4.58
C SER A 513 -29.32 -41.01 -4.85
N MET A 514 -28.01 -40.92 -4.64
CA MET A 514 -27.12 -42.04 -4.93
C MET A 514 -27.35 -43.20 -3.98
N GLU A 515 -27.68 -42.91 -2.71
CA GLU A 515 -27.86 -43.97 -1.73
C GLU A 515 -29.06 -44.84 -2.03
N ASP A 516 -30.05 -44.31 -2.75
CA ASP A 516 -31.24 -45.09 -3.09
C ASP A 516 -30.89 -46.28 -3.97
N LEU A 517 -29.71 -46.27 -4.59
CA LEU A 517 -29.31 -47.35 -5.49
C LEU A 517 -28.95 -48.63 -4.74
N PHE A 518 -28.80 -48.57 -3.42
CA PHE A 518 -28.55 -49.78 -2.65
C PHE A 518 -29.87 -50.54 -2.43
N PRO A 519 -29.79 -51.85 -2.23
CA PRO A 519 -31.02 -52.62 -1.94
C PRO A 519 -31.56 -52.30 -0.55
N LYS A 520 -32.85 -52.58 -0.38
CA LYS A 520 -33.50 -52.29 0.89
C LYS A 520 -32.98 -53.12 2.04
N ASP A 521 -32.28 -54.23 1.75
CA ASP A 521 -31.71 -55.06 2.81
C ASP A 521 -30.50 -54.42 3.47
N ILE A 522 -29.99 -53.32 2.92
CA ILE A 522 -28.78 -52.69 3.41
C ILE A 522 -29.08 -51.33 4.07
N LEU A 523 -30.00 -50.57 3.49
CA LEU A 523 -30.31 -49.25 4.04
C LEU A 523 -30.87 -49.34 5.45
N ASP A 524 -31.46 -50.48 5.83
CA ASP A 524 -32.09 -50.64 7.13
C ASP A 524 -31.15 -51.14 8.21
N ILE A 525 -29.91 -51.51 7.86
CA ILE A 525 -28.99 -52.05 8.85
C ILE A 525 -28.72 -51.02 9.93
N LYS A 526 -28.73 -51.47 11.18
CA LYS A 526 -28.51 -50.60 12.33
C LYS A 526 -27.13 -50.88 12.91
N ILE A 527 -26.38 -49.80 13.15
CA ILE A 527 -25.03 -49.89 13.71
C ILE A 527 -25.10 -49.41 15.15
N ASP A 528 -24.71 -50.28 16.08
CA ASP A 528 -24.79 -49.98 17.50
C ASP A 528 -26.23 -49.66 17.92
N GLY A 529 -27.19 -50.28 17.25
CA GLY A 529 -28.59 -50.01 17.55
C GLY A 529 -29.08 -48.66 17.09
N LYS A 530 -28.45 -48.07 16.08
CA LYS A 530 -28.82 -46.76 15.57
C LYS A 530 -29.40 -46.91 14.17
N LYS A 531 -30.55 -46.29 13.93
CA LYS A 531 -31.18 -46.33 12.62
C LYS A 531 -30.41 -45.45 11.64
N PHE A 532 -30.10 -46.00 10.47
CA PHE A 532 -29.40 -45.24 9.44
C PHE A 532 -30.32 -44.13 8.94
N ASN A 533 -29.95 -42.88 9.22
CA ASN A 533 -30.74 -41.76 8.72
C ASN A 533 -30.81 -41.81 7.20
N LYS A 534 -31.94 -41.36 6.65
CA LYS A 534 -32.22 -41.57 5.24
C LYS A 534 -31.02 -41.19 4.38
N ASN A 535 -30.66 -39.90 4.34
CA ASN A 535 -29.36 -39.50 3.83
C ASN A 535 -28.57 -38.75 4.89
N ASN A 536 -29.00 -37.56 5.29
CA ASN A 536 -28.33 -36.82 6.35
C ASN A 536 -29.26 -35.96 7.20
N ASP A 537 -30.57 -35.98 6.96
CA ASP A 537 -31.45 -34.97 7.54
C ASP A 537 -31.37 -34.94 9.05
N GLY A 538 -31.40 -36.12 9.67
CA GLY A 538 -31.32 -36.22 11.12
C GLY A 538 -29.94 -35.87 11.65
N THR A 542 -29.26 -41.37 18.04
CA THR A 542 -30.21 -42.42 17.70
C THR A 542 -30.07 -42.86 16.25
N GLU A 543 -29.47 -42.00 15.43
CA GLU A 543 -29.31 -42.25 14.00
C GLU A 543 -27.87 -41.97 13.58
N TYR A 544 -27.44 -42.65 12.52
CA TYR A 544 -26.10 -42.50 11.97
C TYR A 544 -26.18 -41.96 10.55
N GLY A 545 -25.30 -41.01 10.25
CA GLY A 545 -25.29 -40.35 8.96
C GLY A 545 -24.58 -41.17 7.89
N LYS A 546 -24.43 -40.54 6.73
CA LYS A 546 -23.83 -41.21 5.58
C LYS A 546 -22.36 -41.54 5.81
N HIS A 547 -21.68 -40.84 6.71
CA HIS A 547 -20.28 -41.16 6.98
C HIS A 547 -20.15 -42.55 7.58
N ILE A 548 -20.90 -42.83 8.66
CA ILE A 548 -20.86 -44.15 9.27
C ILE A 548 -21.40 -45.19 8.30
N PHE A 549 -22.42 -44.83 7.53
CA PHE A 549 -22.94 -45.74 6.52
C PHE A 549 -21.84 -46.18 5.57
N SER A 550 -21.07 -45.22 5.05
CA SER A 550 -20.00 -45.55 4.12
C SER A 550 -18.90 -46.36 4.80
N MET A 551 -18.55 -46.00 6.04
CA MET A 551 -17.40 -46.63 6.67
C MET A 551 -17.71 -48.07 7.10
N ARG A 552 -18.88 -48.28 7.72
CA ARG A 552 -19.17 -49.55 8.38
C ARG A 552 -20.25 -50.36 7.68
N VAL A 553 -20.77 -49.92 6.55
CA VAL A 553 -21.78 -50.68 5.82
C VAL A 553 -21.29 -50.93 4.40
N VAL A 554 -21.07 -49.85 3.65
CA VAL A 554 -20.70 -49.99 2.23
C VAL A 554 -19.33 -50.63 2.10
N ARG A 555 -18.34 -50.11 2.84
CA ARG A 555 -17.00 -50.68 2.79
C ARG A 555 -16.90 -51.99 3.54
N ASP A 556 -17.86 -52.29 4.42
CA ASP A 556 -17.83 -53.55 5.16
C ASP A 556 -18.19 -54.68 4.22
N LYS A 557 -17.17 -55.33 3.64
CA LYS A 557 -17.40 -56.35 2.64
C LYS A 557 -18.13 -57.56 3.22
N LYS A 558 -17.95 -57.82 4.52
CA LYS A 558 -18.62 -58.96 5.14
C LYS A 558 -20.13 -58.83 5.15
N ARG A 559 -20.66 -57.61 5.05
CA ARG A 559 -22.10 -57.43 4.98
C ARG A 559 -22.69 -58.00 3.69
N LYS A 560 -21.86 -58.22 2.68
CA LYS A 560 -22.30 -58.85 1.42
C LYS A 560 -23.37 -58.00 0.74
N ILE A 561 -22.99 -56.78 0.40
CA ILE A 561 -23.88 -55.86 -0.31
C ILE A 561 -23.82 -56.18 -1.81
N ASP A 562 -24.98 -56.39 -2.41
CA ASP A 562 -25.07 -56.63 -3.84
C ASP A 562 -25.31 -55.31 -4.56
N PHE A 563 -24.39 -54.93 -5.42
CA PHE A 563 -24.47 -53.67 -6.16
C PHE A 563 -25.18 -53.86 -7.50
N LYS A 564 -26.37 -54.45 -7.47
CA LYS A 564 -27.15 -54.62 -8.69
C LYS A 564 -27.52 -53.26 -9.27
N ALA A 565 -28.31 -52.48 -8.53
CA ALA A 565 -28.77 -51.19 -9.02
C ALA A 565 -27.68 -50.14 -8.82
N PHE A 566 -26.46 -50.49 -9.21
CA PHE A 566 -25.42 -49.54 -9.55
C PHE A 566 -24.95 -49.73 -10.98
N CYS A 567 -25.17 -50.91 -11.56
CA CYS A 567 -24.67 -51.19 -12.91
C CYS A 567 -25.02 -50.06 -13.85
N CYS A 568 -26.27 -49.56 -13.79
CA CYS A 568 -26.70 -48.46 -14.63
C CYS A 568 -25.61 -47.40 -14.75
N ILE A 569 -25.20 -46.83 -13.61
CA ILE A 569 -24.25 -45.72 -13.65
C ILE A 569 -23.01 -46.13 -14.44
N PHE A 570 -22.43 -47.26 -14.09
CA PHE A 570 -21.20 -47.68 -14.75
C PHE A 570 -21.44 -47.82 -16.25
N ASP A 571 -22.57 -48.42 -16.64
CA ASP A 571 -22.87 -48.53 -18.06
C ASP A 571 -22.78 -47.17 -18.72
N ALA A 572 -23.42 -46.17 -18.12
CA ALA A 572 -23.36 -44.82 -18.68
C ALA A 572 -21.92 -44.42 -18.93
N ILE A 573 -21.06 -44.57 -17.92
CA ILE A 573 -19.67 -44.15 -18.06
C ILE A 573 -19.07 -44.83 -19.28
N LYS A 574 -19.26 -46.16 -19.39
CA LYS A 574 -18.71 -46.89 -20.51
C LYS A 574 -19.12 -46.23 -21.81
N ASP A 575 -20.43 -46.01 -21.99
CA ASP A 575 -20.90 -45.41 -23.23
C ASP A 575 -20.21 -44.08 -23.46
N ILE A 576 -20.13 -43.25 -22.42
CA ILE A 576 -19.51 -41.93 -22.57
C ILE A 576 -18.13 -42.08 -23.16
N LYS A 577 -17.35 -43.03 -22.65
CA LYS A 577 -16.01 -43.24 -23.20
C LYS A 577 -16.09 -43.36 -24.71
N GLU A 578 -16.84 -44.35 -25.19
CA GLU A 578 -16.95 -44.54 -26.64
C GLU A 578 -17.39 -43.25 -27.31
N HIS A 579 -18.38 -42.57 -26.73
CA HIS A 579 -18.89 -41.35 -27.34
C HIS A 579 -17.74 -40.37 -27.58
N TYR A 580 -16.91 -40.14 -26.55
CA TYR A 580 -15.83 -39.18 -26.73
C TYR A 580 -14.89 -39.62 -27.82
N LYS A 581 -14.63 -40.93 -27.91
CA LYS A 581 -13.79 -41.43 -28.99
C LYS A 581 -14.35 -41.04 -30.34
N LEU A 582 -15.68 -41.18 -30.52
CA LEU A 582 -16.29 -40.76 -31.77
C LEU A 582 -15.99 -39.30 -32.05
N MET A 583 -16.03 -38.47 -31.01
CA MET A 583 -15.71 -37.06 -31.19
C MET A 583 -14.30 -36.88 -31.71
N LEU A 584 -13.36 -37.67 -31.19
CA LEU A 584 -11.99 -37.60 -31.68
C LEU A 584 -11.83 -38.22 -33.06
N ASN A 585 -12.83 -38.97 -33.53
CA ASN A 585 -12.79 -39.55 -34.87
C ASN A 585 -13.52 -38.72 -35.90
N SER A 586 -14.41 -37.82 -35.47
CA SER A 586 -15.17 -36.98 -36.39
C SER A 586 -14.33 -35.78 -36.84
N MET B 1 -4.87 41.52 32.87
CA MET B 1 -5.61 42.76 32.49
C MET B 1 -4.73 43.70 31.67
N THR B 2 -5.04 43.82 30.37
CA THR B 2 -4.32 44.70 29.47
C THR B 2 -2.83 44.36 29.43
N LYS B 3 -2.56 43.15 28.92
CA LYS B 3 -1.18 42.66 28.86
C LYS B 3 -0.29 43.62 28.07
N THR B 4 -0.84 44.32 27.08
CA THR B 4 -0.03 45.25 26.30
C THR B 4 0.38 46.47 27.12
N SER B 5 -0.48 46.91 28.04
CA SER B 5 -0.17 48.09 28.84
C SER B 5 0.78 47.79 29.99
N LYS B 6 0.95 46.53 30.37
CA LYS B 6 1.81 46.21 31.50
C LYS B 6 3.27 46.55 31.20
N LEU B 7 3.71 46.31 29.97
CA LEU B 7 5.08 46.64 29.60
C LEU B 7 5.33 48.14 29.71
N ASP B 8 4.41 48.94 29.18
CA ASP B 8 4.55 50.39 29.27
C ASP B 8 4.50 50.86 30.72
N ALA B 9 3.60 50.28 31.51
CA ALA B 9 3.49 50.67 32.92
C ALA B 9 4.79 50.37 33.67
N LEU B 10 5.39 49.20 33.39
CA LEU B 10 6.64 48.86 34.07
C LEU B 10 7.77 49.78 33.63
N ARG B 11 7.94 49.98 32.33
CA ARG B 11 9.05 50.81 31.87
C ARG B 11 8.81 52.30 32.14
N ALA B 12 7.60 52.69 32.55
CA ALA B 12 7.32 54.04 32.98
C ALA B 12 7.42 54.22 34.48
N ALA B 13 7.32 53.15 35.26
CA ALA B 13 7.38 53.26 36.71
C ALA B 13 8.74 53.81 37.13
N THR B 14 8.73 54.61 38.19
CA THR B 14 9.94 55.26 38.68
C THR B 14 10.17 55.10 40.18
N SER B 15 9.19 54.58 40.93
CA SER B 15 9.35 54.40 42.36
C SER B 15 8.79 53.05 42.75
N ARG B 16 9.23 52.55 43.91
CA ARG B 16 8.75 51.26 44.39
C ARG B 16 7.24 51.23 44.52
N GLU B 17 6.61 52.38 44.76
CA GLU B 17 5.16 52.43 44.85
C GLU B 17 4.53 52.05 43.52
N ASP B 18 5.08 52.54 42.40
CA ASP B 18 4.55 52.18 41.10
C ASP B 18 4.69 50.68 40.85
N LEU B 19 5.84 50.11 41.20
CA LEU B 19 6.04 48.68 41.02
C LEU B 19 5.05 47.88 41.87
N ALA B 20 4.83 48.30 43.11
CA ALA B 20 3.88 47.61 43.97
C ALA B 20 2.47 47.70 43.39
N LYS B 21 2.08 48.87 42.87
CA LYS B 21 0.78 49.01 42.25
C LYS B 21 0.66 48.11 41.04
N ILE B 22 1.73 47.99 40.25
CA ILE B 22 1.71 47.10 39.09
C ILE B 22 1.50 45.66 39.54
N LEU B 23 2.25 45.23 40.57
CA LEU B 23 2.11 43.87 41.08
C LEU B 23 0.83 43.68 41.90
N ASP B 24 0.10 44.76 42.20
CA ASP B 24 -1.16 44.68 42.95
C ASP B 24 -0.92 44.23 44.39
N VAL B 25 0.14 44.76 45.01
CA VAL B 25 0.43 44.52 46.42
C VAL B 25 0.67 45.86 47.09
N LYS B 26 0.53 45.87 48.41
CA LYS B 26 0.76 47.09 49.17
C LYS B 26 2.25 47.32 49.33
N LEU B 27 2.69 48.55 49.09
CA LEU B 27 4.11 48.86 49.16
C LEU B 27 4.71 48.41 50.49
N VAL B 28 3.95 48.58 51.58
CA VAL B 28 4.46 48.21 52.90
C VAL B 28 4.81 46.73 52.93
N PHE B 29 3.89 45.88 52.47
CA PHE B 29 4.13 44.43 52.50
C PHE B 29 5.31 44.06 51.59
N LEU B 30 5.36 44.64 50.39
CA LEU B 30 6.44 44.33 49.47
C LEU B 30 7.80 44.65 50.09
N THR B 31 7.93 45.85 50.66
CA THR B 31 9.23 46.27 51.17
C THR B 31 9.56 45.57 52.49
N ASN B 32 8.54 45.18 53.26
CA ASN B 32 8.80 44.40 54.46
C ASN B 32 9.28 43.00 54.12
N VAL B 33 8.69 42.39 53.09
CA VAL B 33 9.11 41.05 52.69
C VAL B 33 10.51 41.10 52.08
N LEU B 34 10.75 42.05 51.18
CA LEU B 34 12.00 42.04 50.42
C LEU B 34 13.18 42.47 51.29
N TYR B 35 12.99 43.47 52.15
CA TYR B 35 14.09 44.12 52.84
C TYR B 35 14.09 43.88 54.34
N ARG B 36 12.98 44.15 55.04
CA ARG B 36 12.96 43.95 56.49
C ARG B 36 13.32 42.51 56.85
N ILE B 37 12.61 41.56 56.25
CA ILE B 37 12.96 40.15 56.35
C ILE B 37 13.87 39.82 55.18
N GLY B 38 15.06 39.32 55.47
CA GLY B 38 16.02 39.02 54.43
C GLY B 38 15.43 38.10 53.38
N SER B 39 15.58 38.46 52.11
CA SER B 39 15.16 37.57 51.04
C SER B 39 15.90 36.24 51.12
N ASP B 40 17.17 36.27 51.56
CA ASP B 40 17.94 35.05 51.71
C ASP B 40 17.45 34.19 52.87
N ASN B 41 16.64 34.74 53.76
CA ASN B 41 16.13 34.01 54.90
C ASN B 41 14.76 33.38 54.66
N GLN B 42 14.17 33.58 53.48
CA GLN B 42 12.85 33.07 53.14
C GLN B 42 12.94 31.97 52.09
N TYR B 43 13.95 31.10 52.19
CA TYR B 43 14.15 30.03 51.23
C TYR B 43 14.36 28.72 51.97
N THR B 44 13.45 27.77 51.75
CA THR B 44 13.70 26.39 52.16
C THR B 44 14.56 25.70 51.11
N GLN B 45 15.22 24.63 51.52
CA GLN B 45 16.20 23.95 50.66
C GLN B 45 16.03 22.45 50.80
N PHE B 46 15.72 21.78 49.69
CA PHE B 46 15.52 20.34 49.71
C PHE B 46 16.20 19.72 48.50
N THR B 47 16.54 18.44 48.64
CA THR B 47 17.30 17.73 47.63
C THR B 47 16.43 16.73 46.89
N ILE B 48 16.84 16.42 45.66
CA ILE B 48 16.25 15.36 44.85
C ILE B 48 17.36 14.37 44.53
N PRO B 49 17.18 13.07 44.79
CA PRO B 49 18.26 12.13 44.52
C PRO B 49 18.55 11.99 43.03
N LYS B 50 19.80 11.65 42.73
CA LYS B 50 20.26 11.42 41.37
C LYS B 50 20.68 9.97 41.23
N LYS B 51 20.57 9.44 40.00
CA LYS B 51 20.96 8.06 39.75
C LYS B 51 22.41 7.83 40.12
N GLY B 52 23.29 8.75 39.77
CA GLY B 52 24.69 8.62 40.12
C GLY B 52 24.96 8.90 41.58
N LYS B 53 26.14 9.41 41.89
CA LYS B 53 26.50 9.74 43.26
C LYS B 53 26.15 11.17 43.64
N GLY B 54 25.53 11.93 42.75
CA GLY B 54 25.21 13.33 43.00
C GLY B 54 23.81 13.50 43.57
N VAL B 55 23.37 14.76 43.57
CA VAL B 55 22.04 15.11 44.07
C VAL B 55 21.72 16.51 43.58
N ARG B 56 20.43 16.77 43.35
CA ARG B 56 19.97 18.03 42.78
C ARG B 56 19.34 18.86 43.90
N THR B 57 20.03 19.90 44.33
CA THR B 57 19.55 20.75 45.41
C THR B 57 18.68 21.87 44.85
N ILE B 58 17.53 22.11 45.51
CA ILE B 58 16.56 23.09 45.07
C ILE B 58 16.27 24.02 46.24
N SER B 59 16.32 25.32 45.98
CA SER B 59 15.99 26.35 46.96
C SER B 59 14.69 27.01 46.52
N ALA B 60 13.68 26.96 47.39
CA ALA B 60 12.35 27.44 47.04
C ALA B 60 11.86 28.48 48.05
N PRO B 61 11.14 29.50 47.60
CA PRO B 61 10.65 30.52 48.54
C PRO B 61 9.64 29.94 49.51
N THR B 62 9.62 30.51 50.72
CA THR B 62 8.83 29.90 51.79
C THR B 62 7.33 29.92 51.49
N ASP B 63 6.66 31.07 51.64
CA ASP B 63 5.27 31.16 51.20
C ASP B 63 4.89 32.53 50.64
N ARG B 64 5.56 33.59 51.10
CA ARG B 64 5.18 34.95 50.77
C ARG B 64 6.07 35.54 49.68
N LEU B 65 7.38 35.39 49.81
CA LEU B 65 8.26 35.65 48.69
C LEU B 65 7.83 34.85 47.47
N LYS B 66 7.24 33.68 47.70
CA LYS B 66 6.66 32.89 46.61
C LYS B 66 5.55 33.67 45.91
N ASP B 67 4.67 34.31 46.68
CA ASP B 67 3.60 35.10 46.08
C ASP B 67 4.17 36.30 45.31
N ILE B 68 5.15 36.98 45.91
CA ILE B 68 5.76 38.13 45.24
C ILE B 68 6.36 37.69 43.91
N GLN B 69 7.08 36.58 43.92
CA GLN B 69 7.72 36.12 42.70
C GLN B 69 6.70 35.59 41.69
N ARG B 70 5.57 35.05 42.15
CA ARG B 70 4.52 34.67 41.22
C ARG B 70 3.97 35.89 40.50
N ARG B 71 3.73 36.99 41.23
CA ARG B 71 3.29 38.21 40.59
C ARG B 71 4.33 38.72 39.61
N ILE B 72 5.60 38.71 40.02
CA ILE B 72 6.67 39.16 39.13
C ILE B 72 6.74 38.28 37.88
N CYS B 73 6.53 36.98 38.06
CA CYS B 73 6.58 36.05 36.94
C CYS B 73 5.46 36.33 35.95
N ASP B 74 4.24 36.54 36.44
CA ASP B 74 3.14 36.86 35.53
C ASP B 74 3.41 38.17 34.82
N LEU B 75 3.91 39.18 35.55
CA LEU B 75 4.24 40.45 34.93
C LEU B 75 5.24 40.27 33.80
N LEU B 76 6.33 39.55 34.07
CA LEU B 76 7.39 39.42 33.08
C LEU B 76 6.98 38.53 31.92
N SER B 77 6.10 37.55 32.16
CA SER B 77 5.56 36.76 31.05
C SER B 77 4.73 37.64 30.13
N ASP B 78 3.87 38.50 30.69
CA ASP B 78 3.10 39.41 29.85
C ASP B 78 4.02 40.38 29.12
N CYS B 79 5.09 40.83 29.80
CA CYS B 79 6.04 41.73 29.15
C CYS B 79 6.73 41.05 27.97
N ARG B 80 7.13 39.79 28.14
CA ARG B 80 7.77 39.06 27.05
C ARG B 80 6.80 38.86 25.89
N ASP B 81 5.55 38.53 26.20
CA ASP B 81 4.56 38.37 25.13
C ASP B 81 4.38 39.68 24.37
N GLU B 82 4.31 40.81 25.09
CA GLU B 82 4.17 42.09 24.42
C GLU B 82 5.40 42.41 23.57
N ILE B 83 6.60 42.11 24.08
CA ILE B 83 7.81 42.38 23.33
C ILE B 83 7.84 41.55 22.06
N PHE B 84 7.37 40.30 22.13
CA PHE B 84 7.22 39.50 20.92
C PHE B 84 6.23 40.15 19.96
N ALA B 85 5.10 40.64 20.47
CA ALA B 85 4.07 41.18 19.60
C ALA B 85 4.55 42.42 18.86
N ILE B 86 5.17 43.36 19.59
CA ILE B 86 5.54 44.64 18.97
C ILE B 86 6.66 44.43 17.95
N ARG B 87 7.61 43.55 18.25
CA ARG B 87 8.74 43.32 17.35
C ARG B 87 8.34 42.58 16.09
N LYS B 88 7.09 42.12 15.97
CA LYS B 88 6.63 41.40 14.79
C LYS B 88 7.46 40.14 14.55
N ILE B 89 7.83 39.48 15.65
CA ILE B 89 8.58 38.22 15.57
C ILE B 89 7.81 37.16 16.33
N SER B 90 8.35 35.94 16.37
CA SER B 90 7.74 34.83 17.09
C SER B 90 8.85 33.98 17.69
N ASN B 91 8.46 33.14 18.65
CA ASN B 91 9.42 32.28 19.33
C ASN B 91 9.64 31.01 18.52
N ASN B 92 10.88 30.75 18.15
CA ASN B 92 11.23 29.57 17.38
C ASN B 92 12.43 28.82 17.91
N TYR B 93 13.22 29.40 18.81
CA TYR B 93 14.44 28.79 19.30
C TYR B 93 14.36 28.40 20.77
N SER B 94 13.25 28.67 21.45
CA SER B 94 13.11 28.36 22.86
C SER B 94 11.73 27.80 23.13
N PHE B 95 11.69 26.68 23.84
CA PHE B 95 10.45 26.02 24.22
C PHE B 95 10.33 25.82 25.71
N GLY B 96 11.41 25.39 26.35
CA GLY B 96 11.72 25.74 27.73
C GLY B 96 10.52 25.89 28.65
N PHE B 97 10.50 27.00 29.39
CA PHE B 97 9.38 27.36 30.25
C PHE B 97 8.46 28.37 29.58
N GLU B 98 8.41 28.35 28.25
CA GLU B 98 7.70 29.36 27.49
C GLU B 98 6.23 28.99 27.32
N ARG B 99 5.37 30.00 27.40
CA ARG B 99 3.95 29.77 27.18
C ARG B 99 3.69 29.38 25.74
N GLY B 100 2.80 28.40 25.56
CA GLY B 100 2.49 27.91 24.24
C GLY B 100 3.52 26.99 23.64
N LYS B 101 4.53 26.59 24.42
CA LYS B 101 5.59 25.72 23.94
C LYS B 101 5.69 24.50 24.84
N SER B 102 6.06 23.37 24.25
CA SER B 102 6.08 22.10 24.95
C SER B 102 7.27 21.29 24.46
N ILE B 103 7.46 20.12 25.07
CA ILE B 103 8.49 19.21 24.60
C ILE B 103 8.13 18.65 23.25
N ILE B 104 6.83 18.57 22.93
CA ILE B 104 6.41 18.02 21.65
C ILE B 104 6.89 18.91 20.51
N LEU B 105 6.72 20.23 20.65
CA LEU B 105 7.17 21.14 19.60
C LEU B 105 8.69 21.19 19.52
N ASN B 106 9.35 21.13 20.66
CA ASN B 106 10.81 21.08 20.67
C ASN B 106 11.32 19.87 19.91
N ALA B 107 10.71 18.71 20.14
CA ALA B 107 11.14 17.51 19.43
C ALA B 107 10.74 17.56 17.96
N TYR B 108 9.58 18.16 17.67
CA TYR B 108 9.11 18.25 16.30
C TYR B 108 10.02 19.13 15.45
N LYS B 109 10.69 20.09 16.07
CA LYS B 109 11.65 20.89 15.32
C LYS B 109 12.78 20.07 14.74
N HIS B 110 13.07 18.90 15.31
CA HIS B 110 14.24 18.09 14.94
C HIS B 110 13.84 16.75 14.35
N ARG B 111 12.67 16.66 13.73
CA ARG B 111 12.02 15.36 13.56
C ARG B 111 12.85 14.35 12.78
N GLY B 112 13.08 14.56 11.50
CA GLY B 112 13.66 13.48 10.71
C GLY B 112 15.17 13.54 10.57
N LYS B 113 15.84 14.31 11.42
CA LYS B 113 17.20 14.71 11.13
C LYS B 113 18.17 13.54 11.27
N GLN B 114 19.25 13.61 10.48
CA GLN B 114 20.18 12.50 10.39
C GLN B 114 20.99 12.35 11.67
N ILE B 115 21.53 13.44 12.19
CA ILE B 115 22.34 13.42 13.40
C ILE B 115 21.77 14.44 14.37
N ILE B 116 21.74 14.07 15.65
CA ILE B 116 21.26 14.94 16.72
C ILE B 116 22.39 15.10 17.73
N LEU B 117 22.71 16.35 18.05
CA LEU B 117 23.67 16.66 19.11
C LEU B 117 22.90 17.24 20.29
N ASN B 118 23.12 16.66 21.47
CA ASN B 118 22.48 17.10 22.70
C ASN B 118 23.55 17.64 23.64
N ILE B 119 23.34 18.86 24.12
CA ILE B 119 24.19 19.51 25.10
C ILE B 119 23.32 19.88 26.29
N ASP B 120 23.92 19.84 27.47
CA ASP B 120 23.26 20.29 28.70
C ASP B 120 24.15 21.35 29.35
N LEU B 121 23.56 22.47 29.72
CA LEU B 121 24.30 23.53 30.40
C LEU B 121 24.43 23.20 31.88
N LYS B 122 25.63 23.40 32.42
CA LYS B 122 25.91 23.06 33.81
C LYS B 122 25.49 24.21 34.72
N ASP B 123 24.82 23.86 35.81
CA ASP B 123 24.33 24.83 36.79
C ASP B 123 23.63 25.99 36.08
N PHE B 124 22.51 25.66 35.43
CA PHE B 124 21.81 26.63 34.59
C PHE B 124 21.46 27.89 35.39
N PHE B 125 20.63 27.74 36.42
CA PHE B 125 20.17 28.90 37.16
C PHE B 125 21.28 29.52 38.00
N GLU B 126 22.26 28.72 38.42
CA GLU B 126 23.36 29.25 39.21
C GLU B 126 24.21 30.24 38.44
N SER B 127 24.08 30.29 37.11
CA SER B 127 24.88 31.20 36.30
C SER B 127 24.22 32.56 36.11
N PHE B 128 22.99 32.74 36.55
CA PHE B 128 22.30 34.03 36.49
C PHE B 128 22.48 34.72 37.84
N ASN B 129 23.61 35.41 38.01
CA ASN B 129 23.85 36.11 39.26
C ASN B 129 23.07 37.43 39.28
N PHE B 130 23.00 38.02 40.47
CA PHE B 130 22.17 39.20 40.67
C PHE B 130 22.58 40.33 39.72
N GLY B 131 23.89 40.56 39.58
CA GLY B 131 24.34 41.60 38.68
C GLY B 131 23.86 41.40 37.26
N ARG B 132 23.84 40.16 36.80
CA ARG B 132 23.40 39.88 35.43
C ARG B 132 21.93 40.21 35.24
N VAL B 133 21.08 39.81 36.19
CA VAL B 133 19.66 40.10 36.07
C VAL B 133 19.40 41.60 36.11
N ARG B 134 20.04 42.29 37.06
CA ARG B 134 19.87 43.74 37.13
C ARG B 134 20.36 44.42 35.87
N GLY B 135 21.53 44.01 35.37
CA GLY B 135 22.07 44.62 34.17
C GLY B 135 21.19 44.40 32.96
N TYR B 136 20.62 43.21 32.83
CA TYR B 136 19.70 42.98 31.73
C TYR B 136 18.47 43.87 31.86
N PHE B 137 17.90 43.94 33.06
CA PHE B 137 16.69 44.74 33.23
C PHE B 137 16.97 46.22 32.97
N LEU B 138 18.18 46.68 33.25
CA LEU B 138 18.52 48.08 33.07
C LEU B 138 18.87 48.40 31.61
N SER B 139 19.90 47.74 31.08
CA SER B 139 20.51 48.12 29.82
C SER B 139 19.88 47.46 28.61
N ASN B 140 18.81 46.70 28.79
CA ASN B 140 18.14 46.05 27.67
C ASN B 140 17.03 46.94 27.15
N GLN B 141 17.05 47.21 25.84
CA GLN B 141 15.94 47.91 25.22
C GLN B 141 14.65 47.14 25.46
N ASP B 142 13.54 47.85 25.28
CA ASP B 142 12.19 47.30 25.46
C ASP B 142 11.85 47.10 26.94
N PHE B 143 12.83 47.25 27.83
CA PHE B 143 12.54 47.40 29.24
C PHE B 143 13.03 48.75 29.77
N LEU B 144 14.32 49.03 29.66
CA LEU B 144 14.91 50.28 30.12
C LEU B 144 14.26 50.76 31.42
N LEU B 145 14.30 49.89 32.42
CA LEU B 145 13.64 50.17 33.69
C LEU B 145 14.42 51.19 34.50
N ASN B 146 13.70 51.92 35.35
CA ASN B 146 14.35 52.82 36.29
C ASN B 146 15.21 51.99 37.25
N PRO B 147 16.42 52.45 37.58
CA PRO B 147 17.29 51.61 38.43
C PRO B 147 16.63 51.12 39.70
N VAL B 148 15.73 51.90 40.30
CA VAL B 148 15.05 51.45 41.51
C VAL B 148 14.22 50.21 41.21
N VAL B 149 13.42 50.27 40.13
CA VAL B 149 12.54 49.16 39.80
C VAL B 149 13.35 47.91 39.42
N ALA B 150 14.38 48.09 38.60
CA ALA B 150 15.20 46.96 38.20
C ALA B 150 15.90 46.33 39.40
N THR B 151 16.42 47.16 40.31
CA THR B 151 17.07 46.63 41.50
C THR B 151 16.08 45.89 42.37
N THR B 152 14.86 46.41 42.51
CA THR B 152 13.86 45.72 43.31
C THR B 152 13.52 44.36 42.71
N LEU B 153 13.35 44.32 41.38
CA LEU B 153 13.05 43.05 40.73
C LEU B 153 14.19 42.05 40.93
N ALA B 154 15.43 42.50 40.74
CA ALA B 154 16.57 41.61 40.91
C ALA B 154 16.68 41.13 42.36
N LYS B 155 16.45 42.02 43.33
CA LYS B 155 16.52 41.64 44.73
C LYS B 155 15.45 40.61 45.07
N ALA B 156 14.24 40.81 44.57
CA ALA B 156 13.17 39.84 44.82
C ALA B 156 13.48 38.50 44.19
N ALA B 157 14.02 38.51 42.97
CA ALA B 157 14.14 37.30 42.16
C ALA B 157 15.41 36.50 42.43
N CYS B 158 16.31 36.99 43.28
CA CYS B 158 17.64 36.42 43.38
C CYS B 158 17.91 35.91 44.79
N TYR B 159 18.48 34.71 44.88
CA TYR B 159 19.11 34.22 46.10
C TYR B 159 20.50 34.82 46.18
N ASN B 160 21.37 34.27 47.01
CA ASN B 160 22.70 34.87 47.18
C ASN B 160 23.50 34.73 45.90
N GLY B 161 23.45 35.76 45.06
CA GLY B 161 24.21 35.78 43.81
C GLY B 161 23.78 34.72 42.82
N THR B 162 22.50 34.38 42.78
CA THR B 162 22.00 33.33 41.90
C THR B 162 20.50 33.50 41.75
N LEU B 163 19.94 32.77 40.77
CA LEU B 163 18.50 32.66 40.60
C LEU B 163 18.03 31.37 41.26
N PRO B 164 17.10 31.41 42.22
CA PRO B 164 16.65 30.16 42.84
C PRO B 164 16.02 29.22 41.81
N GLN B 165 16.28 27.92 41.97
CA GLN B 165 15.65 26.95 41.10
C GLN B 165 14.14 26.92 41.31
N GLY B 166 13.70 27.01 42.56
CA GLY B 166 12.30 26.95 42.92
C GLY B 166 11.57 28.27 42.88
N SER B 167 12.22 29.33 42.44
CA SER B 167 11.57 30.64 42.39
C SER B 167 10.57 30.68 41.24
N PRO B 168 9.31 31.05 41.47
CA PRO B 168 8.35 31.11 40.37
C PRO B 168 8.73 32.08 39.25
N CYS B 169 9.77 32.90 39.42
CA CYS B 169 10.16 33.86 38.40
C CYS B 169 11.49 33.53 37.75
N SER B 170 12.28 32.61 38.31
CA SER B 170 13.54 32.25 37.67
C SER B 170 13.36 31.75 36.24
N PRO B 171 12.35 30.94 35.91
CA PRO B 171 12.16 30.51 34.52
C PRO B 171 12.12 31.64 33.50
N ILE B 172 11.22 32.61 33.68
CA ILE B 172 11.04 33.66 32.68
C ILE B 172 12.27 34.54 32.60
N ILE B 173 12.91 34.83 33.74
CA ILE B 173 14.13 35.63 33.73
C ILE B 173 15.23 34.90 32.97
N SER B 174 15.37 33.60 33.22
CA SER B 174 16.37 32.83 32.49
C SER B 174 16.08 32.84 31.00
N ASN B 175 14.81 32.75 30.61
CA ASN B 175 14.47 32.82 29.20
C ASN B 175 14.89 34.16 28.60
N LEU B 176 14.54 35.25 29.27
CA LEU B 176 14.85 36.58 28.76
C LEU B 176 16.35 36.78 28.62
N ILE B 177 17.12 36.32 29.61
CA ILE B 177 18.56 36.53 29.55
C ILE B 177 19.26 35.54 28.63
N CYS B 178 18.66 34.37 28.38
CA CYS B 178 19.22 33.40 27.45
C CYS B 178 18.84 33.69 26.01
N ASN B 179 17.91 34.61 25.76
CA ASN B 179 17.59 34.99 24.40
C ASN B 179 18.83 35.42 23.63
N ILE B 180 19.79 36.05 24.30
CA ILE B 180 21.01 36.49 23.62
C ILE B 180 21.76 35.29 23.05
N MET B 181 22.01 34.29 23.90
CA MET B 181 22.66 33.06 23.42
C MET B 181 21.80 32.36 22.40
N ASP B 182 20.48 32.46 22.53
CA ASP B 182 19.60 31.83 21.56
C ASP B 182 19.85 32.38 20.16
N MET B 183 19.89 33.71 20.04
CA MET B 183 20.16 34.29 18.72
C MET B 183 21.56 33.97 18.25
N ARG B 184 22.56 34.06 19.13
CA ARG B 184 23.93 33.74 18.70
C ARG B 184 24.00 32.32 18.16
N LEU B 185 23.44 31.35 18.89
CA LEU B 185 23.53 29.96 18.49
C LEU B 185 22.64 29.65 17.28
N ALA B 186 21.52 30.36 17.13
CA ALA B 186 20.69 30.18 15.95
C ALA B 186 21.44 30.62 14.70
N LYS B 187 22.11 31.77 14.77
CA LYS B 187 22.90 32.22 13.62
C LYS B 187 24.05 31.27 13.37
N LEU B 188 24.71 30.80 14.43
CA LEU B 188 25.81 29.85 14.25
C LEU B 188 25.35 28.57 13.60
N ALA B 189 24.20 28.04 14.02
CA ALA B 189 23.68 26.81 13.44
C ALA B 189 23.28 27.01 11.99
N LYS B 190 22.59 28.11 11.68
CA LYS B 190 22.25 28.39 10.29
C LYS B 190 23.50 28.50 9.43
N LYS B 191 24.59 29.03 9.99
CA LYS B 191 25.84 29.13 9.24
C LYS B 191 26.29 27.76 8.74
N TYR B 192 26.23 26.75 9.60
CA TYR B 192 26.74 25.42 9.29
C TYR B 192 25.65 24.44 8.90
N GLY B 193 24.42 24.92 8.70
CA GLY B 193 23.34 24.06 8.26
C GLY B 193 22.85 23.11 9.34
N CYS B 194 22.29 23.67 10.41
CA CYS B 194 21.77 22.87 11.52
C CYS B 194 20.56 23.57 12.11
N THR B 195 19.59 22.77 12.54
CA THR B 195 18.50 23.27 13.36
C THR B 195 18.96 23.37 14.81
N TYR B 196 18.59 24.47 15.46
CA TYR B 196 18.95 24.72 16.85
C TYR B 196 17.68 24.92 17.67
N SER B 197 17.68 24.36 18.88
CA SER B 197 16.59 24.63 19.81
C SER B 197 17.12 24.49 21.23
N ARG B 198 16.43 25.15 22.15
CA ARG B 198 16.76 25.08 23.57
C ARG B 198 15.49 24.84 24.35
N TYR B 199 15.59 23.98 25.36
CA TYR B 199 14.51 23.71 26.31
C TYR B 199 15.13 23.80 27.70
N ALA B 200 14.96 24.95 28.35
CA ALA B 200 15.64 25.22 29.61
C ALA B 200 17.14 25.19 29.38
N ASP B 201 17.82 24.16 29.88
CA ASP B 201 19.27 24.01 29.68
C ASP B 201 19.62 22.90 28.71
N ASP B 202 18.63 22.38 27.97
CA ASP B 202 18.84 21.31 27.01
C ASP B 202 18.92 21.89 25.61
N ILE B 203 20.12 21.92 25.04
CA ILE B 203 20.34 22.44 23.70
C ILE B 203 20.40 21.26 22.73
N THR B 204 19.66 21.36 21.64
CA THR B 204 19.68 20.35 20.58
C THR B 204 20.06 21.02 19.27
N ILE B 205 21.08 20.47 18.63
CA ILE B 205 21.53 20.91 17.31
C ILE B 205 21.48 19.70 16.39
N SER B 206 20.61 19.75 15.39
CA SER B 206 20.37 18.61 14.52
C SER B 206 20.73 18.97 13.09
N THR B 207 21.17 17.97 12.34
CA THR B 207 21.50 18.19 10.93
C THR B 207 21.09 16.97 10.12
N ASN B 208 20.72 17.21 8.87
CA ASN B 208 20.46 16.16 7.91
C ASN B 208 21.73 15.68 7.23
N LYS B 209 22.87 16.30 7.50
CA LYS B 209 24.14 15.84 6.97
C LYS B 209 24.54 14.51 7.61
N ASN B 210 25.19 13.67 6.82
CA ASN B 210 25.65 12.38 7.33
C ASN B 210 26.90 12.51 8.19
N THR B 211 27.63 13.62 8.06
CA THR B 211 28.74 13.95 8.95
C THR B 211 28.44 15.28 9.60
N PHE B 212 28.51 15.32 10.93
CA PHE B 212 28.28 16.56 11.63
C PHE B 212 29.39 17.56 11.28
N PRO B 213 29.08 18.85 11.12
CA PRO B 213 30.13 19.82 10.81
C PRO B 213 31.23 19.79 11.86
N LEU B 214 32.48 19.86 11.38
CA LEU B 214 33.62 19.76 12.28
C LEU B 214 33.69 20.93 13.24
N GLU B 215 33.14 22.09 12.85
CA GLU B 215 33.16 23.26 13.71
C GLU B 215 32.17 23.16 14.86
N MET B 216 31.16 22.31 14.75
CA MET B 216 30.16 22.14 15.79
C MET B 216 30.52 21.03 16.76
N ALA B 217 30.91 19.87 16.24
CA ALA B 217 31.22 18.72 17.08
C ALA B 217 31.87 17.65 16.23
N THR B 218 32.78 16.90 16.83
CA THR B 218 33.49 15.82 16.14
C THR B 218 33.61 14.62 17.07
N VAL B 219 33.65 13.44 16.47
CA VAL B 219 33.75 12.20 17.21
C VAL B 219 35.20 11.71 17.10
N GLN B 220 35.91 11.72 18.21
CA GLN B 220 37.26 11.20 18.35
C GLN B 220 37.24 9.93 19.17
N PRO B 221 38.37 9.23 19.28
CA PRO B 221 38.40 8.04 20.14
C PRO B 221 37.99 8.32 21.58
N GLU B 222 38.27 9.53 22.07
CA GLU B 222 37.82 9.89 23.41
C GLU B 222 36.29 9.89 23.50
N GLY B 223 35.63 10.40 22.49
CA GLY B 223 34.17 10.52 22.48
C GLY B 223 33.74 11.70 21.63
N VAL B 224 32.68 12.37 22.07
CA VAL B 224 32.17 13.54 21.38
C VAL B 224 32.87 14.77 21.94
N VAL B 225 33.48 15.56 21.06
CA VAL B 225 34.18 16.78 21.44
C VAL B 225 33.54 17.93 20.67
N LEU B 226 33.05 18.93 21.40
CA LEU B 226 32.46 20.10 20.76
C LEU B 226 33.55 20.95 20.12
N GLY B 227 33.22 21.55 18.99
CA GLY B 227 34.16 22.42 18.32
C GLY B 227 34.44 23.67 19.10
N LYS B 228 35.57 24.31 18.78
CA LYS B 228 35.96 25.52 19.49
C LYS B 228 34.94 26.63 19.27
N VAL B 229 34.41 26.74 18.06
CA VAL B 229 33.48 27.82 17.75
C VAL B 229 32.25 27.73 18.63
N LEU B 230 31.62 26.55 18.70
CA LEU B 230 30.42 26.38 19.51
C LEU B 230 30.72 26.56 21.00
N VAL B 231 31.82 25.99 21.47
CA VAL B 231 32.16 26.10 22.88
C VAL B 231 32.34 27.56 23.26
N LYS B 232 32.99 28.34 22.40
CA LYS B 232 33.20 29.75 22.67
C LYS B 232 31.89 30.53 22.58
N GLU B 233 31.04 30.20 21.61
CA GLU B 233 29.76 30.89 21.51
C GLU B 233 28.89 30.63 22.73
N ILE B 234 29.10 29.49 23.40
CA ILE B 234 28.34 29.21 24.62
C ILE B 234 29.00 29.86 25.82
N GLU B 235 30.32 29.74 25.96
CA GLU B 235 31.01 30.27 27.13
C GLU B 235 30.95 31.79 27.17
N ASN B 236 31.13 32.45 26.03
CA ASN B 236 31.07 33.91 25.97
C ASN B 236 29.69 34.44 26.24
N SER B 237 28.66 33.60 26.24
CA SER B 237 27.32 33.97 26.65
C SER B 237 27.10 33.79 28.14
N GLY B 238 28.13 33.45 28.89
CA GLY B 238 28.00 33.31 30.33
C GLY B 238 27.39 32.02 30.80
N PHE B 239 27.65 30.91 30.11
CA PHE B 239 27.15 29.61 30.53
C PHE B 239 28.25 28.58 30.43
N GLU B 240 28.13 27.52 31.23
CA GLU B 240 29.04 26.40 31.19
C GLU B 240 28.38 25.21 30.51
N ILE B 241 29.20 24.24 30.11
CA ILE B 241 28.74 23.03 29.45
C ILE B 241 29.02 21.86 30.36
N ASN B 242 27.97 21.10 30.68
CA ASN B 242 28.09 19.81 31.35
C ASN B 242 28.64 18.80 30.36
N ASP B 243 29.95 18.57 30.39
CA ASP B 243 30.59 17.77 29.35
C ASP B 243 30.12 16.32 29.40
N SER B 244 29.91 15.78 30.60
CA SER B 244 29.50 14.39 30.71
C SER B 244 28.13 14.14 30.08
N LYS B 245 27.36 15.19 29.81
CA LYS B 245 26.02 15.06 29.25
C LYS B 245 25.99 15.23 27.73
N THR B 246 27.12 15.53 27.10
CA THR B 246 27.13 15.75 25.66
C THR B 246 26.95 14.44 24.91
N ARG B 247 26.09 14.45 23.91
CA ARG B 247 25.78 13.25 23.16
C ARG B 247 25.66 13.57 21.68
N LEU B 248 26.14 12.66 20.85
CA LEU B 248 25.90 12.69 19.41
C LEU B 248 25.22 11.39 19.03
N THR B 249 24.08 11.48 18.35
CA THR B 249 23.27 10.31 18.06
C THR B 249 22.99 10.25 16.57
N TYR B 250 23.37 9.13 15.96
CA TYR B 250 23.01 8.79 14.59
C TYR B 250 21.64 8.13 14.57
N LYS B 251 21.09 7.98 13.36
CA LYS B 251 19.74 7.44 13.24
C LYS B 251 19.67 5.96 13.59
N THR B 252 20.79 5.28 13.76
CA THR B 252 20.79 3.88 14.13
C THR B 252 20.56 3.65 15.62
N SER B 253 20.52 4.71 16.41
CA SER B 253 20.19 4.65 17.82
C SER B 253 18.92 5.44 18.06
N ARG B 254 18.42 5.42 19.29
CA ARG B 254 17.28 6.25 19.62
C ARG B 254 17.73 7.70 19.73
N GLN B 255 17.19 8.54 18.84
CA GLN B 255 17.44 9.97 18.87
C GLN B 255 16.35 10.61 19.71
N GLU B 256 16.74 11.15 20.86
CA GLU B 256 15.80 11.66 21.85
C GLU B 256 16.00 13.16 22.01
N VAL B 257 14.92 13.91 21.85
CA VAL B 257 14.92 15.35 22.08
C VAL B 257 13.96 15.62 23.22
N THR B 258 14.51 15.95 24.39
CA THR B 258 13.71 16.29 25.57
C THR B 258 12.68 15.21 25.86
N GLY B 259 13.14 13.96 25.80
CA GLY B 259 12.37 12.83 26.26
C GLY B 259 11.63 12.06 25.19
N LEU B 260 11.51 12.60 23.98
CA LEU B 260 10.69 12.01 22.94
C LEU B 260 11.57 11.47 21.82
N THR B 261 11.16 10.33 21.25
CA THR B 261 11.86 9.77 20.11
C THR B 261 11.63 10.63 18.88
N VAL B 262 12.67 10.76 18.05
CA VAL B 262 12.68 11.73 16.97
C VAL B 262 13.02 11.02 15.67
N ASN B 263 13.49 9.77 15.75
CA ASN B 263 14.02 9.07 14.59
C ASN B 263 13.21 9.30 13.32
N ARG B 264 11.93 8.99 13.35
CA ARG B 264 11.07 9.17 12.18
C ARG B 264 9.98 10.20 12.45
N ILE B 265 9.17 9.99 13.48
CA ILE B 265 8.14 10.93 13.88
C ILE B 265 8.42 11.34 15.32
N VAL B 266 7.66 12.32 15.79
CA VAL B 266 7.69 12.68 17.21
C VAL B 266 6.88 11.63 17.94
N ASN B 267 7.53 10.87 18.81
CA ASN B 267 6.91 9.70 19.42
C ASN B 267 7.30 9.60 20.88
N ILE B 268 6.53 8.85 21.62
CA ILE B 268 6.84 8.51 23.01
C ILE B 268 7.92 7.43 23.01
N ASP B 269 8.71 7.39 24.08
CA ASP B 269 9.67 6.32 24.25
C ASP B 269 8.95 4.98 24.24
N ARG B 270 9.46 4.03 23.48
CA ARG B 270 8.79 2.74 23.37
C ARG B 270 8.81 1.99 24.70
N CYS B 271 9.90 2.10 25.45
CA CYS B 271 9.97 1.47 26.75
C CYS B 271 8.89 2.01 27.67
N TYR B 272 8.68 3.32 27.66
CA TYR B 272 7.67 3.93 28.51
C TYR B 272 6.27 3.47 28.14
N TYR B 273 5.96 3.47 26.84
CA TYR B 273 4.63 3.06 26.42
C TYR B 273 4.38 1.60 26.76
N LYS B 274 5.39 0.75 26.57
CA LYS B 274 5.22 -0.66 26.91
C LYS B 274 5.08 -0.86 28.42
N LYS B 275 5.80 -0.07 29.21
CA LYS B 275 5.65 -0.13 30.66
C LYS B 275 4.24 0.24 31.08
N THR B 276 3.68 1.29 30.46
CA THR B 276 2.31 1.68 30.77
C THR B 276 1.31 0.60 30.34
N ARG B 277 1.55 0.01 29.17
CA ARG B 277 0.74 -1.12 28.72
C ARG B 277 0.74 -2.25 29.75
N ALA B 278 1.92 -2.59 30.25
CA ALA B 278 2.04 -3.67 31.23
C ALA B 278 1.39 -3.30 32.56
N LEU B 279 1.50 -2.04 32.98
CA LEU B 279 0.84 -1.62 34.22
C LEU B 279 -0.67 -1.74 34.10
N ALA B 280 -1.22 -1.29 32.98
CA ALA B 280 -2.66 -1.46 32.76
C ALA B 280 -3.03 -2.93 32.73
N HIS B 281 -2.19 -3.77 32.12
CA HIS B 281 -2.48 -5.19 32.09
C HIS B 281 -2.52 -5.77 33.51
N ALA B 282 -1.56 -5.40 34.34
CA ALA B 282 -1.57 -5.87 35.72
C ALA B 282 -2.81 -5.38 36.45
N LEU B 283 -3.23 -4.14 36.19
CA LEU B 283 -4.45 -3.63 36.81
C LEU B 283 -5.66 -4.45 36.39
N TYR B 284 -5.75 -4.83 35.12
CA TYR B 284 -6.89 -5.62 34.66
C TYR B 284 -6.86 -7.03 35.26
N ARG B 285 -5.71 -7.67 35.24
CA ARG B 285 -5.60 -9.04 35.74
C ARG B 285 -5.94 -9.12 37.21
N THR B 286 -5.14 -8.49 38.04
CA THR B 286 -5.40 -8.42 39.47
C THR B 286 -6.25 -7.18 39.74
N GLY B 287 -6.38 -6.79 41.01
CA GLY B 287 -7.12 -5.59 41.31
C GLY B 287 -6.33 -4.30 41.12
N GLU B 288 -5.00 -4.39 41.06
CA GLU B 288 -4.17 -3.20 41.02
C GLU B 288 -2.80 -3.55 40.46
N TYR B 289 -2.02 -2.53 40.15
CA TYR B 289 -0.63 -2.63 39.76
C TYR B 289 0.24 -2.05 40.86
N LYS B 290 1.56 -2.08 40.64
CA LYS B 290 2.52 -1.61 41.63
C LYS B 290 3.56 -0.73 40.96
N VAL B 291 4.00 0.29 41.69
CA VAL B 291 5.08 1.17 41.20
C VAL B 291 5.96 1.58 42.37
N PRO B 292 7.23 1.84 42.09
CA PRO B 292 8.13 2.25 43.17
C PRO B 292 7.83 3.65 43.68
N ASP B 293 8.18 3.89 44.94
CA ASP B 293 8.02 5.19 45.57
C ASP B 293 9.39 5.80 45.84
N GLU B 294 9.40 6.94 46.52
CA GLU B 294 10.65 7.64 46.79
C GLU B 294 11.63 6.77 47.57
N ASN B 295 11.13 5.95 48.48
CA ASN B 295 11.96 5.13 49.34
C ASN B 295 12.39 3.82 48.69
N GLY B 296 11.90 3.52 47.49
CA GLY B 296 12.29 2.30 46.81
C GLY B 296 11.44 1.09 47.11
N VAL B 297 10.22 1.27 47.62
CA VAL B 297 9.30 0.18 47.93
C VAL B 297 8.09 0.31 47.02
N LEU B 298 7.63 -0.83 46.51
CA LEU B 298 6.47 -0.83 45.63
C LEU B 298 5.20 -0.49 46.41
N VAL B 299 4.27 0.19 45.73
CA VAL B 299 3.01 0.60 46.31
C VAL B 299 1.93 0.48 45.24
N SER B 300 0.67 0.48 45.69
CA SER B 300 -0.43 0.15 44.80
C SER B 300 -0.53 1.14 43.63
N GLY B 301 -0.58 2.43 43.92
CA GLY B 301 -0.76 3.40 42.87
C GLY B 301 -2.20 3.46 42.41
N GLY B 302 -2.74 4.66 42.24
CA GLY B 302 -4.14 4.82 41.92
C GLY B 302 -4.39 4.87 40.42
N LEU B 303 -5.68 4.90 40.07
CA LEU B 303 -6.06 5.10 38.68
C LEU B 303 -5.62 6.47 38.17
N ASP B 304 -5.46 7.45 39.06
CA ASP B 304 -5.02 8.77 38.65
C ASP B 304 -3.63 8.74 38.02
N LYS B 305 -2.70 8.00 38.63
CA LYS B 305 -1.34 7.93 38.11
C LYS B 305 -1.32 7.30 36.71
N LEU B 306 -1.98 6.15 36.56
CA LEU B 306 -2.01 5.48 35.27
C LEU B 306 -2.75 6.32 34.24
N GLU B 307 -3.81 7.01 34.65
CA GLU B 307 -4.53 7.89 33.75
C GLU B 307 -3.63 9.02 33.26
N GLY B 308 -2.82 9.58 34.16
CA GLY B 308 -1.89 10.61 33.75
C GLY B 308 -0.85 10.09 32.76
N MET B 309 -0.34 8.88 33.00
CA MET B 309 0.62 8.30 32.07
C MET B 309 -0.01 8.10 30.69
N PHE B 310 -1.22 7.56 30.66
CA PHE B 310 -1.91 7.36 29.40
C PHE B 310 -2.18 8.70 28.72
N GLY B 311 -2.51 9.73 29.49
CA GLY B 311 -2.75 11.03 28.90
C GLY B 311 -1.49 11.63 28.31
N PHE B 312 -0.35 11.42 28.96
CA PHE B 312 0.91 11.87 28.39
C PHE B 312 1.16 11.20 27.05
N ILE B 313 0.90 9.90 26.94
CA ILE B 313 1.07 9.22 25.66
C ILE B 313 0.07 9.77 24.63
N ASP B 314 -1.17 10.01 25.07
CA ASP B 314 -2.20 10.44 24.15
C ASP B 314 -1.96 11.85 23.64
N GLN B 315 -1.24 12.67 24.39
CA GLN B 315 -0.87 13.99 23.89
C GLN B 315 -0.10 13.87 22.58
N VAL B 316 0.93 13.03 22.56
CA VAL B 316 1.72 12.83 21.36
C VAL B 316 0.89 12.14 20.29
N ASP B 317 0.04 11.20 20.69
CA ASP B 317 -0.83 10.55 19.71
C ASP B 317 -1.71 11.57 18.99
N LYS B 318 -2.32 12.48 19.76
CA LYS B 318 -3.19 13.49 19.17
C LYS B 318 -2.42 14.45 18.27
N PHE B 319 -1.21 14.84 18.69
CA PHE B 319 -0.38 15.69 17.83
C PHE B 319 -0.12 15.00 16.49
N ASN B 320 0.26 13.72 16.52
CA ASN B 320 0.54 13.00 15.29
C ASN B 320 -0.73 12.88 14.44
N ASN B 321 -1.88 12.65 15.08
CA ASN B 321 -3.12 12.53 14.33
C ASN B 321 -3.47 13.84 13.63
N ILE B 322 -3.28 14.97 14.31
CA ILE B 322 -3.57 16.25 13.67
C ILE B 322 -2.65 16.46 12.47
N LYS B 323 -1.36 16.13 12.62
CA LYS B 323 -0.45 16.28 11.49
C LYS B 323 -0.86 15.38 10.32
N LYS B 324 -1.23 14.13 10.62
CA LYS B 324 -1.65 13.23 9.55
C LYS B 324 -2.92 13.72 8.87
N LYS B 325 -3.87 14.25 9.64
CA LYS B 325 -5.04 14.89 9.06
C LYS B 325 -4.61 15.98 8.08
N LEU B 326 -3.66 16.82 8.52
CA LEU B 326 -3.22 17.91 7.65
C LEU B 326 -2.64 17.38 6.35
N ASN B 327 -1.84 16.31 6.41
CA ASN B 327 -1.25 15.79 5.18
C ASN B 327 -2.28 15.04 4.34
N LYS B 328 -2.80 13.93 4.87
CA LYS B 328 -3.92 13.21 4.27
C LYS B 328 -3.61 12.72 2.87
N GLN B 329 -4.48 11.84 2.35
CA GLN B 329 -4.37 11.32 0.99
C GLN B 329 -5.74 10.81 0.53
N PRO B 330 -6.56 11.64 -0.10
CA PRO B 330 -7.94 11.22 -0.38
C PRO B 330 -7.99 9.98 -1.26
N ASP B 331 -8.91 9.08 -0.94
CA ASP B 331 -9.08 7.85 -1.70
C ASP B 331 -10.46 7.28 -1.40
N ARG B 332 -10.90 6.38 -2.27
CA ARG B 332 -12.18 5.68 -2.11
C ARG B 332 -11.91 4.22 -1.80
N TYR B 333 -12.45 3.74 -0.69
CA TYR B 333 -12.29 2.36 -0.28
C TYR B 333 -13.23 2.08 0.88
N VAL B 334 -13.89 0.92 0.84
CA VAL B 334 -14.79 0.54 1.91
C VAL B 334 -14.00 0.43 3.21
N LEU B 335 -14.69 0.62 4.34
CA LEU B 335 -14.10 0.47 5.67
C LEU B 335 -14.94 -0.54 6.45
N THR B 336 -14.65 -1.82 6.23
CA THR B 336 -15.24 -2.94 6.96
C THR B 336 -16.77 -2.85 7.05
N ASN B 337 -17.41 -2.08 6.16
CA ASN B 337 -18.86 -1.90 6.20
C ASN B 337 -19.34 -1.56 7.60
N ALA B 338 -18.59 -0.72 8.30
CA ALA B 338 -18.91 -0.32 9.66
C ALA B 338 -18.92 -1.53 10.59
N THR B 339 -20.10 -2.08 10.87
CA THR B 339 -20.26 -3.23 11.74
C THR B 339 -19.73 -2.95 13.15
N LEU B 340 -19.87 -3.93 14.04
CA LEU B 340 -19.42 -3.77 15.42
C LEU B 340 -17.92 -4.03 15.51
N HIS B 341 -17.29 -3.38 16.50
CA HIS B 341 -15.86 -3.44 16.76
C HIS B 341 -15.04 -2.75 15.68
N GLY B 342 -15.67 -2.21 14.63
CA GLY B 342 -14.93 -1.57 13.56
C GLY B 342 -14.40 -0.20 13.93
N PHE B 343 -14.98 0.46 14.93
CA PHE B 343 -14.51 1.78 15.33
C PHE B 343 -13.08 1.74 15.84
N LYS B 344 -12.57 0.56 16.20
CA LYS B 344 -11.20 0.43 16.65
C LYS B 344 -10.22 0.25 15.51
N LEU B 345 -10.69 0.24 14.25
CA LEU B 345 -9.78 0.15 13.13
C LEU B 345 -9.02 1.45 12.90
N LYS B 346 -9.55 2.59 13.36
CA LYS B 346 -8.86 3.87 13.22
C LYS B 346 -7.83 4.10 14.31
N LEU B 347 -7.85 3.31 15.37
CA LEU B 347 -6.94 3.50 16.49
C LEU B 347 -5.67 2.69 16.28
N ASN B 348 -4.53 3.28 16.64
CA ASN B 348 -3.28 2.53 16.66
C ASN B 348 -3.18 1.76 17.97
N ALA B 349 -2.05 1.09 18.19
CA ALA B 349 -1.93 0.23 19.37
C ALA B 349 -2.00 1.03 20.66
N ARG B 350 -1.31 2.17 20.71
CA ARG B 350 -1.33 2.98 21.92
C ARG B 350 -2.75 3.47 22.21
N GLU B 351 -3.45 3.90 21.17
CA GLU B 351 -4.82 4.39 21.36
C GLU B 351 -5.75 3.25 21.74
N LYS B 352 -5.51 2.04 21.24
CA LYS B 352 -6.32 0.89 21.65
C LYS B 352 -6.11 0.57 23.12
N ALA B 353 -4.86 0.63 23.58
CA ALA B 353 -4.59 0.41 25.00
C ALA B 353 -5.27 1.48 25.85
N TYR B 354 -5.20 2.74 25.42
CA TYR B 354 -5.85 3.81 26.16
C TYR B 354 -7.36 3.62 26.19
N SER B 355 -7.94 3.20 25.06
CA SER B 355 -9.37 2.95 25.00
C SER B 355 -9.77 1.83 25.95
N LYS B 356 -8.99 0.75 25.99
CA LYS B 356 -9.27 -0.32 26.93
C LYS B 356 -9.21 0.18 28.36
N PHE B 357 -8.22 1.02 28.67
CA PHE B 357 -8.14 1.54 30.04
C PHE B 357 -9.32 2.42 30.39
N ILE B 358 -9.75 3.29 29.46
CA ILE B 358 -10.89 4.15 29.76
C ILE B 358 -12.15 3.31 29.99
N TYR B 359 -12.35 2.30 29.13
CA TYR B 359 -13.51 1.43 29.31
C TYR B 359 -13.46 0.72 30.65
N TYR B 360 -12.29 0.22 31.05
CA TYR B 360 -12.16 -0.40 32.35
C TYR B 360 -12.48 0.60 33.45
N LYS B 361 -11.98 1.82 33.33
CA LYS B 361 -12.22 2.84 34.35
C LYS B 361 -13.71 3.06 34.54
N PHE B 362 -14.47 3.11 33.45
CA PHE B 362 -15.87 3.52 33.54
C PHE B 362 -16.86 2.36 33.66
N PHE B 363 -16.45 1.11 33.37
CA PHE B 363 -17.42 0.02 33.33
C PHE B 363 -16.97 -1.27 33.97
N HIS B 364 -15.70 -1.48 34.26
CA HIS B 364 -15.25 -2.76 34.83
C HIS B 364 -14.60 -2.60 36.19
N GLY B 365 -13.65 -1.69 36.33
CA GLY B 365 -13.00 -1.44 37.60
C GLY B 365 -13.53 -0.20 38.29
N ASN B 366 -14.71 0.26 37.90
CA ASN B 366 -15.33 1.39 38.57
C ASN B 366 -15.53 1.09 40.04
N THR B 367 -15.24 2.08 40.88
CA THR B 367 -15.44 1.97 42.32
C THR B 367 -16.83 2.43 42.77
N CYS B 368 -17.63 2.95 41.86
CA CYS B 368 -19.01 3.33 42.15
C CYS B 368 -19.84 3.07 40.90
N PRO B 369 -21.16 2.95 41.05
CA PRO B 369 -21.99 2.69 39.88
C PRO B 369 -21.86 3.78 38.84
N THR B 370 -21.92 3.39 37.56
CA THR B 370 -21.76 4.31 36.45
C THR B 370 -23.10 4.47 35.75
N ILE B 371 -23.58 5.70 35.64
CA ILE B 371 -24.86 6.01 35.03
C ILE B 371 -24.62 6.47 33.60
N ILE B 372 -25.19 5.76 32.64
CA ILE B 372 -25.13 6.14 31.24
C ILE B 372 -26.48 6.70 30.83
N THR B 373 -26.47 7.68 29.93
CA THR B 373 -27.67 8.36 29.49
C THR B 373 -27.61 8.54 27.98
N GLU B 374 -28.72 9.02 27.40
CA GLU B 374 -28.85 9.17 25.96
C GLU B 374 -28.61 10.60 25.49
N GLY B 375 -28.29 11.53 26.39
CA GLY B 375 -28.11 12.91 25.97
C GLY B 375 -27.26 13.69 26.96
N LYS B 376 -27.00 14.94 26.59
CA LYS B 376 -26.20 15.82 27.43
C LYS B 376 -26.98 16.37 28.62
N THR B 377 -28.29 16.61 28.46
CA THR B 377 -29.08 17.23 29.52
C THR B 377 -29.63 16.22 30.51
N ASP B 378 -29.68 14.93 30.14
CA ASP B 378 -30.18 13.93 31.07
C ASP B 378 -29.32 13.87 32.31
N ARG B 379 -27.99 13.86 32.13
CA ARG B 379 -27.09 13.79 33.28
C ARG B 379 -27.21 15.05 34.14
N ILE B 380 -27.41 16.21 33.52
CA ILE B 380 -27.63 17.43 34.29
C ILE B 380 -28.87 17.30 35.15
N TYR B 381 -29.96 16.78 34.56
CA TYR B 381 -31.18 16.58 35.32
C TYR B 381 -30.94 15.65 36.51
N LEU B 382 -30.27 14.52 36.28
CA LEU B 382 -30.02 13.58 37.36
C LEU B 382 -29.16 14.21 38.45
N LYS B 383 -28.12 14.95 38.05
CA LYS B 383 -27.26 15.58 39.05
C LYS B 383 -28.03 16.60 39.88
N ALA B 384 -28.87 17.41 39.23
CA ALA B 384 -29.68 18.37 39.99
C ALA B 384 -30.61 17.65 40.94
N ALA B 385 -31.26 16.58 40.47
CA ALA B 385 -32.19 15.85 41.33
C ALA B 385 -31.49 15.27 42.53
N LEU B 386 -30.30 14.69 42.33
CA LEU B 386 -29.57 14.10 43.45
C LEU B 386 -29.08 15.17 44.41
N HIS B 387 -28.64 16.32 43.89
CA HIS B 387 -28.20 17.41 44.76
C HIS B 387 -29.36 17.91 45.61
N SER B 388 -30.55 18.05 45.02
CA SER B 388 -31.69 18.53 45.78
C SER B 388 -32.11 17.54 46.86
N LEU B 389 -32.00 16.23 46.58
CA LEU B 389 -32.44 15.18 47.48
C LEU B 389 -31.30 14.59 48.29
N GLU B 390 -30.33 15.42 48.69
CA GLU B 390 -29.15 14.90 49.36
C GLU B 390 -29.50 14.19 50.66
N THR B 391 -30.37 14.79 51.47
CA THR B 391 -30.74 14.20 52.74
C THR B 391 -31.52 12.91 52.56
N SER B 392 -32.33 12.80 51.50
CA SER B 392 -33.15 11.62 51.30
C SER B 392 -32.29 10.38 51.06
N TYR B 393 -31.20 10.53 50.31
CA TYR B 393 -30.37 9.40 49.87
C TYR B 393 -28.92 9.64 50.25
N PRO B 394 -28.59 9.54 51.54
CA PRO B 394 -27.18 9.58 51.93
C PRO B 394 -26.38 8.40 51.42
N GLU B 395 -27.05 7.32 51.00
CA GLU B 395 -26.36 6.14 50.52
C GLU B 395 -25.75 6.35 49.15
N LEU B 396 -26.19 7.37 48.41
CA LEU B 396 -25.61 7.72 47.12
C LEU B 396 -24.64 8.90 47.23
N PHE B 397 -23.92 9.00 48.35
CA PHE B 397 -23.00 10.09 48.59
C PHE B 397 -21.75 9.57 49.27
N ARG B 398 -20.68 10.37 49.19
CA ARG B 398 -19.41 10.01 49.81
C ARG B 398 -18.73 11.28 50.30
N GLU B 399 -17.88 11.13 51.30
CA GLU B 399 -17.12 12.24 51.85
C GLU B 399 -15.77 12.31 51.13
N LYS B 400 -15.57 13.38 50.36
CA LYS B 400 -14.30 13.56 49.65
C LYS B 400 -13.16 13.76 50.65
N THR B 401 -13.24 14.82 51.45
CA THR B 401 -12.26 15.11 52.47
C THR B 401 -12.88 15.21 53.86
N ASP B 402 -14.14 14.82 54.01
CA ASP B 402 -14.89 14.82 55.26
C ASP B 402 -15.14 16.23 55.80
N SER B 403 -14.73 17.27 55.08
CA SER B 403 -14.91 18.65 55.54
C SER B 403 -16.23 19.22 55.05
N LYS B 404 -17.32 18.51 55.31
CA LYS B 404 -18.63 18.86 54.78
C LYS B 404 -18.62 18.95 53.26
N LYS B 405 -17.69 18.22 52.63
CA LYS B 405 -17.54 18.21 51.18
C LYS B 405 -18.25 17.03 50.54
N LYS B 406 -19.37 16.60 51.12
CA LYS B 406 -20.06 15.42 50.61
C LYS B 406 -20.42 15.60 49.14
N GLU B 407 -20.17 14.56 48.34
CA GLU B 407 -20.32 14.63 46.90
C GLU B 407 -21.00 13.37 46.41
N ILE B 408 -21.62 13.48 45.23
CA ILE B 408 -22.36 12.38 44.64
C ILE B 408 -21.43 11.20 44.41
N ASN B 409 -21.68 10.10 45.13
CA ASN B 409 -20.89 8.89 44.95
C ASN B 409 -21.15 8.23 43.61
N LEU B 410 -22.19 8.64 42.89
CA LEU B 410 -22.51 8.04 41.61
C LEU B 410 -21.60 8.59 40.52
N ASN B 411 -21.02 7.68 39.74
CA ASN B 411 -20.12 8.05 38.64
C ASN B 411 -20.96 8.31 37.39
N ILE B 412 -21.53 9.51 37.34
CA ILE B 412 -22.41 9.88 36.23
C ILE B 412 -21.59 10.08 34.97
N PHE B 413 -21.66 9.10 34.07
CA PHE B 413 -20.86 9.12 32.86
C PHE B 413 -21.22 10.33 31.98
N LYS B 414 -20.20 11.00 31.47
CA LYS B 414 -20.35 12.15 30.58
C LYS B 414 -19.79 11.80 29.22
N SER B 415 -20.53 12.13 28.17
CA SER B 415 -20.13 11.85 26.80
C SER B 415 -19.59 13.10 26.12
N ASN B 416 -18.57 12.93 25.30
CA ASN B 416 -17.98 14.01 24.53
C ASN B 416 -17.33 13.41 23.30
N GLU B 417 -16.51 14.21 22.62
CA GLU B 417 -15.82 13.72 21.43
C GLU B 417 -14.82 12.61 21.79
N LYS B 418 -14.18 12.70 22.95
CA LYS B 418 -13.18 11.70 23.32
C LYS B 418 -13.80 10.33 23.53
N THR B 419 -14.96 10.28 24.19
CA THR B 419 -15.62 8.99 24.40
C THR B 419 -16.15 8.43 23.08
N LYS B 420 -16.47 9.29 22.13
CA LYS B 420 -16.83 8.81 20.79
C LYS B 420 -15.60 8.26 20.06
N TYR B 421 -14.43 8.85 20.29
CA TYR B 421 -13.21 8.40 19.62
C TYR B 421 -12.71 7.09 20.20
N PHE B 422 -12.71 6.95 21.52
CA PHE B 422 -12.10 5.81 22.18
C PHE B 422 -13.08 4.72 22.54
N LEU B 423 -14.35 5.05 22.79
CA LEU B 423 -15.35 4.09 23.21
C LEU B 423 -16.52 3.97 22.25
N ASP B 424 -16.69 4.89 21.30
CA ASP B 424 -17.82 4.88 20.39
C ASP B 424 -19.12 5.20 21.13
N LEU B 425 -19.06 6.16 22.05
CA LEU B 425 -20.21 6.57 22.86
C LEU B 425 -20.37 8.08 22.72
N SER B 426 -21.09 8.52 21.69
CA SER B 426 -21.38 9.92 21.50
C SER B 426 -22.69 10.35 22.17
N GLY B 427 -23.41 9.42 22.79
CA GLY B 427 -24.68 9.72 23.43
C GLY B 427 -25.89 9.27 22.64
N GLY B 428 -25.74 8.98 21.36
CA GLY B 428 -26.87 8.53 20.56
C GLY B 428 -27.39 7.19 21.02
N THR B 429 -28.68 6.96 20.77
CA THR B 429 -29.30 5.70 21.19
C THR B 429 -28.67 4.50 20.49
N ALA B 430 -28.38 4.64 19.20
CA ALA B 430 -27.73 3.53 18.48
C ALA B 430 -26.38 3.19 19.10
N ASP B 431 -25.65 4.21 19.56
CA ASP B 431 -24.39 3.96 20.24
C ASP B 431 -24.61 3.14 21.51
N LEU B 432 -25.69 3.45 22.25
CA LEU B 432 -25.99 2.67 23.44
C LEU B 432 -26.37 1.23 23.09
N LYS B 433 -27.12 1.05 22.00
CA LYS B 433 -27.43 -0.31 21.57
C LYS B 433 -26.17 -1.08 21.22
N LYS B 434 -25.24 -0.45 20.50
CA LYS B 434 -23.97 -1.10 20.19
C LYS B 434 -23.19 -1.39 21.47
N PHE B 435 -23.26 -0.48 22.44
CA PHE B 435 -22.57 -0.68 23.71
C PHE B 435 -23.09 -1.93 24.41
N VAL B 436 -24.42 -2.09 24.44
CA VAL B 436 -25.00 -3.27 25.06
C VAL B 436 -24.61 -4.52 24.28
N GLU B 437 -24.53 -4.39 22.95
CA GLU B 437 -24.10 -5.54 22.14
C GLU B 437 -22.68 -5.96 22.49
N ARG B 438 -21.76 -5.00 22.63
CA ARG B 438 -20.36 -5.30 22.87
C ARG B 438 -20.05 -5.64 24.31
N TYR B 439 -20.97 -5.33 25.23
CA TYR B 439 -20.68 -5.49 26.66
C TYR B 439 -20.12 -6.87 26.98
N LYS B 440 -20.65 -7.92 26.35
CA LYS B 440 -20.19 -9.27 26.67
C LYS B 440 -18.70 -9.43 26.38
N ASN B 441 -18.29 -9.10 25.15
CA ASN B 441 -16.89 -9.24 24.77
C ASN B 441 -16.00 -8.31 25.59
N ASN B 442 -16.45 -7.08 25.82
CA ASN B 442 -15.66 -6.14 26.61
C ASN B 442 -15.46 -6.67 28.02
N TYR B 443 -16.51 -7.24 28.62
CA TYR B 443 -16.39 -7.83 29.94
C TYR B 443 -15.40 -8.99 29.93
N ALA B 444 -15.49 -9.86 28.93
CA ALA B 444 -14.57 -10.99 28.85
C ALA B 444 -13.13 -10.54 28.66
N SER B 445 -12.91 -9.35 28.09
CA SER B 445 -11.56 -8.93 27.73
C SER B 445 -10.64 -8.68 28.92
N TYR B 446 -11.17 -8.63 30.14
CA TYR B 446 -10.36 -8.24 31.30
C TYR B 446 -9.95 -9.43 32.16
N TYR B 447 -9.70 -10.59 31.53
CA TYR B 447 -9.07 -11.73 32.18
C TYR B 447 -9.87 -12.21 33.39
N GLY B 448 -11.18 -12.38 33.17
CA GLY B 448 -12.03 -12.94 34.19
C GLY B 448 -12.28 -12.04 35.38
N SER B 449 -11.75 -10.83 35.38
CA SER B 449 -11.99 -9.92 36.49
C SER B 449 -13.48 -9.67 36.64
N VAL B 450 -13.95 -9.70 37.89
CA VAL B 450 -15.36 -9.48 38.21
C VAL B 450 -15.53 -8.03 38.65
N PRO B 451 -16.35 -7.24 37.97
CA PRO B 451 -16.60 -5.87 38.45
C PRO B 451 -17.17 -5.87 39.86
N LYS B 452 -16.78 -4.86 40.63
CA LYS B 452 -17.25 -4.70 41.99
C LYS B 452 -18.45 -3.77 42.11
N GLN B 453 -18.90 -3.16 41.02
CA GLN B 453 -20.01 -2.22 41.06
C GLN B 453 -20.86 -2.39 39.81
N PRO B 454 -22.12 -2.01 39.87
CA PRO B 454 -23.01 -2.12 38.72
C PRO B 454 -22.76 -1.01 37.71
N VAL B 455 -23.47 -1.09 36.59
CA VAL B 455 -23.41 -0.10 35.51
C VAL B 455 -24.83 0.05 34.99
N ILE B 456 -25.45 1.20 35.25
CA ILE B 456 -26.87 1.42 35.02
C ILE B 456 -27.05 2.34 33.84
N MET B 457 -27.86 1.92 32.86
CA MET B 457 -28.24 2.74 31.73
C MET B 457 -29.62 3.33 32.04
N VAL B 458 -29.66 4.61 32.38
CA VAL B 458 -30.90 5.28 32.71
C VAL B 458 -31.46 5.90 31.43
N LEU B 459 -32.61 5.40 30.98
CA LEU B 459 -33.26 5.91 29.78
C LEU B 459 -34.71 6.23 30.08
N ASP B 460 -35.41 6.73 29.06
CA ASP B 460 -36.83 7.03 29.17
C ASP B 460 -37.65 5.77 28.88
N ASN B 461 -38.96 5.93 28.78
CA ASN B 461 -39.88 4.81 28.59
C ASN B 461 -40.20 4.66 27.12
N ASP B 462 -39.61 3.64 26.48
CA ASP B 462 -40.04 3.18 25.16
C ASP B 462 -40.17 4.32 24.15
N THR B 463 -39.43 5.40 24.37
CA THR B 463 -39.41 6.51 23.42
C THR B 463 -38.27 6.32 22.41
N GLY B 464 -37.04 6.27 22.91
CA GLY B 464 -35.89 5.98 22.10
C GLY B 464 -35.36 4.56 22.26
N PRO B 465 -35.37 4.02 23.50
CA PRO B 465 -34.77 2.70 23.73
C PRO B 465 -35.52 1.54 23.09
N SER B 466 -36.51 1.82 22.25
CA SER B 466 -37.27 0.75 21.61
C SER B 466 -36.34 -0.25 20.93
N ASP B 467 -35.27 0.24 20.29
CA ASP B 467 -34.30 -0.66 19.69
C ASP B 467 -33.64 -1.54 20.74
N LEU B 468 -33.27 -0.96 21.88
CA LEU B 468 -32.68 -1.75 22.96
C LEU B 468 -33.64 -2.82 23.45
N LEU B 469 -34.92 -2.46 23.61
CA LEU B 469 -35.90 -3.43 24.09
C LEU B 469 -36.11 -4.55 23.08
N ASN B 470 -36.16 -4.21 21.79
CA ASN B 470 -36.25 -5.24 20.76
C ASN B 470 -35.05 -6.16 20.80
N PHE B 471 -33.85 -5.60 20.96
CA PHE B 471 -32.65 -6.43 21.04
C PHE B 471 -32.68 -7.33 22.26
N LEU B 472 -33.16 -6.81 23.40
CA LEU B 472 -33.23 -7.63 24.61
C LEU B 472 -34.26 -8.73 24.48
N ARG B 473 -35.37 -8.49 23.77
CA ARG B 473 -36.36 -9.53 23.56
C ARG B 473 -35.82 -10.60 22.62
N ASN B 474 -35.23 -10.18 21.50
CA ASN B 474 -34.78 -11.11 20.47
C ASN B 474 -33.38 -11.67 20.74
N LYS B 475 -32.67 -11.12 21.73
CA LYS B 475 -31.31 -11.54 22.02
C LYS B 475 -31.05 -11.35 23.51
N VAL B 476 -30.06 -12.09 24.02
CA VAL B 476 -29.73 -12.10 25.44
C VAL B 476 -30.77 -12.91 26.19
N LYS B 477 -31.99 -12.39 26.27
CA LYS B 477 -33.10 -13.05 26.96
C LYS B 477 -32.76 -13.29 28.43
N SER B 478 -32.56 -12.18 29.14
CA SER B 478 -32.29 -12.27 30.58
C SER B 478 -33.47 -12.91 31.31
N CYS B 479 -34.70 -12.51 30.96
CA CYS B 479 -35.89 -13.12 31.54
C CYS B 479 -36.37 -14.26 30.65
N PRO B 480 -37.05 -15.27 31.22
CA PRO B 480 -37.48 -16.40 30.39
C PRO B 480 -38.34 -15.99 29.21
N ASP B 481 -39.24 -15.02 29.40
CA ASP B 481 -40.16 -14.65 28.34
C ASP B 481 -40.83 -13.31 28.65
N ASP B 482 -40.83 -12.40 27.68
CA ASP B 482 -41.48 -11.11 27.85
C ASP B 482 -41.91 -10.57 26.50
N VAL B 483 -42.99 -9.78 26.50
CA VAL B 483 -43.51 -9.19 25.28
C VAL B 483 -43.40 -7.67 25.39
N THR B 484 -44.09 -7.09 26.36
CA THR B 484 -44.01 -5.66 26.60
C THR B 484 -43.93 -5.30 28.08
N GLU B 485 -43.97 -6.27 28.98
CA GLU B 485 -43.86 -5.99 30.41
C GLU B 485 -42.49 -5.45 30.80
N MET B 486 -41.49 -5.54 29.93
CA MET B 486 -40.18 -5.01 30.25
C MET B 486 -40.23 -3.50 30.44
N ARG B 487 -41.13 -2.81 29.73
CA ARG B 487 -41.25 -1.37 29.86
C ARG B 487 -41.75 -0.93 31.23
N LYS B 488 -42.26 -1.86 32.04
CA LYS B 488 -42.80 -1.54 33.37
C LYS B 488 -42.12 -2.45 34.40
N MET B 489 -40.93 -2.03 34.85
CA MET B 489 -40.24 -2.69 35.95
C MET B 489 -39.43 -1.65 36.69
N LYS B 490 -39.05 -1.98 37.93
CA LYS B 490 -38.13 -1.13 38.67
C LYS B 490 -36.77 -1.09 38.00
N TYR B 491 -36.29 -2.23 37.52
CA TYR B 491 -34.99 -2.31 36.87
C TYR B 491 -34.94 -3.59 36.05
N ILE B 492 -33.95 -3.66 35.16
CA ILE B 492 -33.74 -4.81 34.28
C ILE B 492 -32.30 -5.25 34.41
N HIS B 493 -32.09 -6.55 34.56
CA HIS B 493 -30.75 -7.13 34.61
C HIS B 493 -30.43 -7.72 33.24
N VAL B 494 -29.42 -7.14 32.58
CA VAL B 494 -29.08 -7.50 31.20
C VAL B 494 -27.91 -8.46 31.15
N PHE B 495 -26.82 -8.13 31.82
CA PHE B 495 -25.58 -8.91 31.74
C PHE B 495 -24.98 -8.97 33.14
N TYR B 496 -23.71 -9.36 33.21
CA TYR B 496 -23.02 -9.53 34.48
C TYR B 496 -23.30 -8.38 35.45
N ASN B 497 -22.94 -7.16 35.04
CA ASN B 497 -23.09 -5.99 35.91
C ASN B 497 -23.79 -4.83 35.19
N LEU B 498 -24.50 -5.11 34.11
CA LEU B 498 -25.19 -4.09 33.33
C LEU B 498 -26.67 -4.15 33.60
N TYR B 499 -27.27 -3.02 33.97
CA TYR B 499 -28.69 -2.91 34.21
C TYR B 499 -29.25 -1.77 33.37
N ILE B 500 -30.56 -1.80 33.15
CA ILE B 500 -31.27 -0.72 32.46
C ILE B 500 -32.39 -0.24 33.36
N VAL B 501 -32.52 1.07 33.49
CA VAL B 501 -33.54 1.70 34.33
C VAL B 501 -34.37 2.60 33.44
N LEU B 502 -35.64 2.23 33.25
CA LEU B 502 -36.58 3.07 32.55
C LEU B 502 -37.32 3.96 33.54
N THR B 503 -37.91 5.04 33.03
CA THR B 503 -38.62 5.96 33.87
C THR B 503 -39.88 5.31 34.43
N PRO B 504 -40.43 5.85 35.52
CA PRO B 504 -41.74 5.38 35.99
C PRO B 504 -42.78 5.61 34.91
N LEU B 505 -43.33 4.51 34.39
CA LEU B 505 -44.32 4.62 33.32
C LEU B 505 -45.59 5.29 33.83
N SER B 506 -46.24 6.03 32.93
CA SER B 506 -47.42 6.79 33.32
C SER B 506 -48.53 5.84 33.79
N PRO B 507 -49.35 6.26 34.75
CA PRO B 507 -50.41 5.36 35.24
C PRO B 507 -51.33 4.87 34.12
N SER B 508 -51.68 5.73 33.17
CA SER B 508 -52.52 5.31 32.05
C SER B 508 -51.75 4.49 31.03
N GLY B 509 -50.43 4.65 30.96
CA GLY B 509 -49.60 3.93 30.01
C GLY B 509 -48.91 4.82 29.00
N GLU B 510 -49.19 6.12 28.98
CA GLU B 510 -48.52 7.02 28.05
C GLU B 510 -47.01 7.02 28.30
N GLN B 511 -46.24 6.95 27.22
CA GLN B 511 -44.79 6.98 27.35
C GLN B 511 -44.34 8.31 27.93
N THR B 512 -43.29 8.26 28.74
CA THR B 512 -42.79 9.42 29.46
C THR B 512 -41.27 9.51 29.30
N SER B 513 -40.75 10.72 29.47
CA SER B 513 -39.31 10.95 29.42
C SER B 513 -38.86 11.73 30.65
N MET B 514 -37.60 12.17 30.66
CA MET B 514 -37.11 12.94 31.80
C MET B 514 -37.93 14.19 32.02
N GLU B 515 -38.28 14.89 30.94
CA GLU B 515 -39.05 16.12 31.07
C GLU B 515 -40.40 15.86 31.70
N ASP B 516 -41.07 14.77 31.30
CA ASP B 516 -42.37 14.44 31.87
C ASP B 516 -42.29 14.15 33.37
N LEU B 517 -41.10 13.80 33.87
CA LEU B 517 -40.96 13.56 35.30
C LEU B 517 -40.96 14.85 36.11
N PHE B 518 -40.66 15.99 35.48
CA PHE B 518 -40.71 17.25 36.20
C PHE B 518 -42.15 17.61 36.54
N PRO B 519 -42.37 18.41 37.58
CA PRO B 519 -43.73 18.88 37.87
C PRO B 519 -44.26 19.74 36.74
N LYS B 520 -45.60 19.79 36.64
CA LYS B 520 -46.22 20.58 35.58
C LYS B 520 -45.82 22.05 35.67
N ASP B 521 -45.81 22.60 36.89
CA ASP B 521 -45.48 24.02 37.05
C ASP B 521 -44.06 24.31 36.55
N ILE B 522 -43.11 23.43 36.88
CA ILE B 522 -41.73 23.65 36.46
C ILE B 522 -41.63 23.64 34.94
N LEU B 523 -42.29 22.68 34.29
CA LEU B 523 -42.25 22.61 32.84
C LEU B 523 -42.86 23.84 32.20
N ASP B 524 -43.82 24.46 32.86
CA ASP B 524 -44.52 25.62 32.30
C ASP B 524 -43.77 26.92 32.49
N ILE B 525 -42.63 26.90 33.18
CA ILE B 525 -41.86 28.13 33.37
C ILE B 525 -41.43 28.66 32.01
N LYS B 526 -41.34 29.97 31.89
CA LYS B 526 -40.96 30.63 30.65
C LYS B 526 -40.03 31.79 30.96
N ILE B 527 -38.98 31.91 30.14
CA ILE B 527 -38.00 32.99 30.26
C ILE B 527 -38.07 33.82 28.99
N ASP B 528 -38.15 35.15 29.16
CA ASP B 528 -38.32 36.07 28.04
C ASP B 528 -39.58 35.74 27.25
N GLY B 529 -40.63 35.30 27.94
CA GLY B 529 -41.88 35.00 27.27
C GLY B 529 -41.77 33.91 26.23
N LYS B 530 -41.04 32.84 26.53
CA LYS B 530 -40.85 31.73 25.61
C LYS B 530 -41.26 30.44 26.29
N LYS B 531 -42.14 29.68 25.64
CA LYS B 531 -42.53 28.37 26.17
C LYS B 531 -41.39 27.38 25.97
N PHE B 532 -41.35 26.37 26.85
CA PHE B 532 -40.35 25.32 26.78
C PHE B 532 -40.82 24.23 25.82
N ASN B 533 -40.10 24.07 24.71
CA ASN B 533 -40.42 23.01 23.76
C ASN B 533 -40.33 21.65 24.44
N LYS B 534 -41.27 20.77 24.11
CA LYS B 534 -41.25 19.43 24.68
C LYS B 534 -39.97 18.69 24.31
N ASN B 535 -39.55 18.80 23.05
CA ASN B 535 -38.34 18.14 22.59
C ASN B 535 -37.47 19.08 21.77
N THR B 542 -40.20 31.03 18.76
CA THR B 542 -40.58 31.25 20.16
C THR B 542 -40.64 29.92 20.91
N GLU B 543 -39.47 29.32 21.14
CA GLU B 543 -39.39 28.03 21.81
C GLU B 543 -38.03 27.91 22.47
N TYR B 544 -37.95 26.99 23.43
CA TYR B 544 -36.73 26.73 24.17
C TYR B 544 -36.36 25.26 24.04
N GLY B 545 -35.11 24.99 23.70
CA GLY B 545 -34.60 23.63 23.65
C GLY B 545 -34.23 23.12 25.03
N LYS B 546 -33.79 21.86 25.06
CA LYS B 546 -33.40 21.26 26.33
C LYS B 546 -32.20 21.96 26.95
N HIS B 547 -31.35 22.57 26.11
CA HIS B 547 -30.15 23.22 26.64
C HIS B 547 -30.52 24.37 27.58
N ILE B 548 -31.37 25.28 27.11
CA ILE B 548 -31.77 26.40 27.95
C ILE B 548 -32.58 25.92 29.14
N PHE B 549 -33.46 24.94 28.92
CA PHE B 549 -34.24 24.39 30.03
C PHE B 549 -33.31 23.95 31.15
N SER B 550 -32.27 23.20 30.79
CA SER B 550 -31.32 22.71 31.80
C SER B 550 -30.53 23.86 32.41
N MET B 551 -30.05 24.80 31.60
CA MET B 551 -29.13 25.80 32.11
C MET B 551 -29.83 26.79 33.04
N ARG B 552 -31.05 27.20 32.70
CA ARG B 552 -31.70 28.28 33.43
C ARG B 552 -32.78 27.80 34.40
N VAL B 553 -33.36 26.63 34.17
CA VAL B 553 -34.46 26.16 35.01
C VAL B 553 -33.94 25.12 36.01
N VAL B 554 -33.41 24.01 35.50
CA VAL B 554 -32.96 22.93 36.38
C VAL B 554 -31.75 23.36 37.20
N ARG B 555 -30.76 23.96 36.53
CA ARG B 555 -29.52 24.32 37.21
C ARG B 555 -29.75 25.38 38.28
N ASP B 556 -30.59 26.37 37.99
CA ASP B 556 -30.78 27.50 38.89
C ASP B 556 -31.72 27.09 40.02
N LYS B 557 -31.21 27.12 41.25
CA LYS B 557 -31.99 26.80 42.44
C LYS B 557 -32.70 28.02 43.01
N LYS B 558 -32.89 29.07 42.22
CA LYS B 558 -33.61 30.25 42.69
C LYS B 558 -35.04 29.90 43.08
N ARG B 559 -35.70 29.09 42.26
CA ARG B 559 -37.11 28.76 42.46
C ARG B 559 -37.30 27.63 43.47
N LYS B 560 -36.23 27.03 43.98
CA LYS B 560 -36.34 25.85 44.84
C LYS B 560 -37.19 24.78 44.15
N ILE B 561 -36.94 24.59 42.86
CA ILE B 561 -37.75 23.70 42.04
C ILE B 561 -37.82 22.34 42.71
N ASP B 562 -38.93 21.63 42.50
CA ASP B 562 -39.19 20.36 43.15
C ASP B 562 -39.07 19.22 42.16
N PHE B 563 -38.38 18.16 42.58
CA PHE B 563 -38.27 16.92 41.81
C PHE B 563 -39.18 15.89 42.47
N LYS B 564 -40.31 15.59 41.83
CA LYS B 564 -41.27 14.63 42.36
C LYS B 564 -41.07 13.24 41.76
N ALA B 565 -41.11 13.14 40.43
CA ALA B 565 -40.87 11.86 39.75
C ALA B 565 -39.39 11.65 39.50
N PHE B 566 -38.59 11.81 40.56
CA PHE B 566 -37.16 11.50 40.52
C PHE B 566 -36.72 10.57 41.63
N CYS B 567 -37.50 10.40 42.69
CA CYS B 567 -37.15 9.44 43.72
C CYS B 567 -37.16 8.02 43.17
N CYS B 568 -38.17 7.69 42.35
CA CYS B 568 -38.36 6.31 41.92
C CYS B 568 -37.10 5.74 41.28
N ILE B 569 -36.45 6.51 40.41
CA ILE B 569 -35.23 6.02 39.78
C ILE B 569 -34.12 5.87 40.82
N PHE B 570 -34.12 6.71 41.86
CA PHE B 570 -33.12 6.58 42.91
C PHE B 570 -33.30 5.28 43.69
N ASP B 571 -34.54 4.95 44.07
CA ASP B 571 -34.78 3.67 44.72
C ASP B 571 -34.47 2.52 43.77
N ALA B 572 -34.74 2.69 42.48
CA ALA B 572 -34.35 1.68 41.51
C ALA B 572 -32.84 1.47 41.51
N ILE B 573 -32.08 2.57 41.56
CA ILE B 573 -30.62 2.46 41.58
C ILE B 573 -30.15 1.74 42.83
N LYS B 574 -30.75 2.05 43.98
CA LYS B 574 -30.36 1.37 45.21
C LYS B 574 -30.72 -0.11 45.15
N ASP B 575 -31.87 -0.43 44.53
CA ASP B 575 -32.23 -1.83 44.35
C ASP B 575 -31.22 -2.55 43.46
N ILE B 576 -30.75 -1.87 42.41
CA ILE B 576 -29.71 -2.45 41.56
C ILE B 576 -28.42 -2.66 42.35
N LYS B 577 -28.06 -1.69 43.18
CA LYS B 577 -26.86 -1.85 44.00
C LYS B 577 -26.97 -3.07 44.90
N GLU B 578 -28.11 -3.22 45.57
CA GLU B 578 -28.31 -4.37 46.45
C GLU B 578 -28.32 -5.67 45.65
N HIS B 579 -28.97 -5.66 44.49
CA HIS B 579 -29.04 -6.85 43.64
C HIS B 579 -27.64 -7.30 43.23
N TYR B 580 -26.81 -6.36 42.78
CA TYR B 580 -25.46 -6.73 42.38
C TYR B 580 -24.61 -7.13 43.57
N LYS B 581 -24.82 -6.52 44.74
CA LYS B 581 -24.09 -6.96 45.93
C LYS B 581 -24.44 -8.41 46.26
N LEU B 582 -25.73 -8.76 46.16
CA LEU B 582 -26.13 -10.14 46.40
C LEU B 582 -25.54 -11.08 45.36
N MET B 583 -25.56 -10.65 44.09
CA MET B 583 -24.99 -11.49 43.03
C MET B 583 -23.50 -11.73 43.28
N LEU B 584 -22.78 -10.71 43.72
CA LEU B 584 -21.38 -10.91 44.09
C LEU B 584 -21.26 -11.87 45.26
N ASN B 585 -22.12 -11.73 46.26
CA ASN B 585 -22.07 -12.60 47.43
C ASN B 585 -22.62 -14.00 47.15
N SER B 586 -23.27 -14.21 46.01
CA SER B 586 -23.84 -15.51 45.68
C SER B 586 -22.75 -16.58 45.64
N MET C 1 7.20 5.95 -53.66
CA MET C 1 7.27 4.81 -54.62
C MET C 1 7.24 3.50 -53.83
N THR C 2 6.04 3.13 -53.36
CA THR C 2 5.84 1.88 -52.64
C THR C 2 6.55 1.89 -51.29
N LYS C 3 7.17 3.02 -50.93
CA LYS C 3 7.92 3.17 -49.68
C LYS C 3 9.05 2.15 -49.56
N THR C 4 9.51 1.58 -50.67
CA THR C 4 10.59 0.61 -50.65
C THR C 4 11.67 0.83 -51.69
N SER C 5 11.39 1.53 -52.79
CA SER C 5 12.33 1.62 -53.90
C SER C 5 12.59 3.06 -54.34
N LYS C 6 12.29 4.05 -53.47
CA LYS C 6 12.77 5.40 -53.74
C LYS C 6 14.29 5.46 -53.69
N LEU C 7 14.89 4.74 -52.74
CA LEU C 7 16.33 4.59 -52.71
C LEU C 7 16.84 3.92 -53.98
N ASP C 8 16.08 2.96 -54.50
CA ASP C 8 16.44 2.33 -55.76
C ASP C 8 16.47 3.36 -56.89
N ALA C 9 15.45 4.21 -56.95
CA ALA C 9 15.41 5.24 -57.98
C ALA C 9 16.60 6.19 -57.84
N LEU C 10 16.93 6.58 -56.61
CA LEU C 10 18.08 7.46 -56.41
C LEU C 10 19.37 6.78 -56.85
N ARG C 11 19.52 5.49 -56.54
CA ARG C 11 20.70 4.75 -56.98
C ARG C 11 20.79 4.72 -58.49
N ALA C 12 19.66 4.46 -59.16
CA ALA C 12 19.67 4.37 -60.62
C ALA C 12 19.91 5.71 -61.28
N ALA C 13 19.68 6.82 -60.58
CA ALA C 13 19.90 8.14 -61.17
C ALA C 13 21.36 8.29 -61.59
N THR C 14 21.56 8.86 -62.77
CA THR C 14 22.90 9.05 -63.32
C THR C 14 23.18 10.48 -63.78
N SER C 15 22.17 11.33 -63.88
CA SER C 15 22.35 12.72 -64.27
C SER C 15 21.42 13.59 -63.45
N ARG C 16 21.59 14.90 -63.59
CA ARG C 16 20.71 15.83 -62.89
C ARG C 16 19.27 15.67 -63.34
N GLU C 17 19.05 15.21 -64.58
CA GLU C 17 17.69 14.98 -65.05
C GLU C 17 16.98 13.94 -64.20
N ASP C 18 17.66 12.83 -63.91
CA ASP C 18 17.06 11.80 -63.09
C ASP C 18 16.81 12.29 -61.68
N LEU C 19 17.75 13.07 -61.11
CA LEU C 19 17.54 13.62 -59.79
C LEU C 19 16.33 14.54 -59.75
N ALA C 20 16.20 15.40 -60.76
CA ALA C 20 15.04 16.30 -60.81
C ALA C 20 13.74 15.50 -60.96
N LYS C 21 13.77 14.44 -61.76
CA LYS C 21 12.57 13.61 -61.90
C LYS C 21 12.20 12.97 -60.57
N ILE C 22 13.20 12.50 -59.83
CA ILE C 22 12.93 11.89 -58.52
C ILE C 22 12.36 12.92 -57.56
N LEU C 23 12.94 14.12 -57.54
CA LEU C 23 12.45 15.19 -56.68
C LEU C 23 11.09 15.73 -57.14
N ASP C 24 10.65 15.38 -58.35
CA ASP C 24 9.37 15.86 -58.88
C ASP C 24 9.41 17.36 -59.14
N VAL C 25 10.53 17.85 -59.68
CA VAL C 25 10.71 19.27 -59.97
C VAL C 25 11.32 19.40 -61.36
N LYS C 26 10.90 20.43 -62.09
CA LYS C 26 11.44 20.66 -63.42
C LYS C 26 12.95 20.86 -63.35
N LEU C 27 13.66 20.23 -64.28
CA LEU C 27 15.12 20.31 -64.25
C LEU C 27 15.61 21.74 -64.42
N VAL C 28 14.95 22.50 -65.29
CA VAL C 28 15.35 23.89 -65.50
C VAL C 28 15.25 24.68 -64.20
N PHE C 29 14.18 24.47 -63.44
CA PHE C 29 14.01 25.16 -62.17
C PHE C 29 15.13 24.79 -61.20
N LEU C 30 15.45 23.50 -61.10
CA LEU C 30 16.51 23.06 -60.19
C LEU C 30 17.85 23.67 -60.56
N THR C 31 18.20 23.62 -61.84
CA THR C 31 19.47 24.17 -62.29
C THR C 31 19.52 25.67 -62.11
N ASN C 32 18.39 26.34 -62.31
CA ASN C 32 18.31 27.78 -62.05
C ASN C 32 18.59 28.08 -60.59
N VAL C 33 17.92 27.38 -59.68
CA VAL C 33 18.09 27.66 -58.26
C VAL C 33 19.53 27.38 -57.83
N LEU C 34 20.09 26.25 -58.25
CA LEU C 34 21.39 25.85 -57.73
C LEU C 34 22.54 26.62 -58.36
N TYR C 35 22.45 26.93 -59.65
CA TYR C 35 23.63 27.36 -60.40
C TYR C 35 23.53 28.78 -60.95
N ARG C 36 22.47 29.12 -61.69
CA ARG C 36 22.35 30.50 -62.17
C ARG C 36 22.37 31.47 -61.01
N ILE C 37 21.52 31.25 -60.02
CA ILE C 37 21.57 31.95 -58.75
C ILE C 37 22.39 31.09 -57.81
N GLY C 38 23.51 31.63 -57.33
CA GLY C 38 24.32 30.88 -56.40
C GLY C 38 23.51 30.46 -55.20
N SER C 39 23.64 29.19 -54.80
CA SER C 39 22.96 28.74 -53.59
C SER C 39 23.42 29.52 -52.36
N ASP C 40 24.62 30.12 -52.42
CA ASP C 40 25.11 30.95 -51.32
C ASP C 40 24.53 32.35 -51.34
N ASN C 41 23.89 32.76 -52.44
CA ASN C 41 23.20 34.03 -52.53
C ASN C 41 21.72 33.91 -52.22
N GLN C 42 21.29 32.80 -51.62
CA GLN C 42 19.89 32.56 -51.28
C GLN C 42 19.76 32.15 -49.82
N TYR C 43 20.46 32.87 -48.95
CA TYR C 43 20.43 32.60 -47.52
C TYR C 43 20.34 33.90 -46.75
N THR C 44 19.65 33.84 -45.61
CA THR C 44 19.55 34.98 -44.71
C THR C 44 19.96 34.53 -43.32
N GLN C 45 20.71 35.38 -42.62
CA GLN C 45 21.17 35.08 -41.27
C GLN C 45 20.31 35.81 -40.25
N PHE C 46 19.94 35.10 -39.20
CA PHE C 46 19.29 35.73 -38.06
C PHE C 46 19.88 35.16 -36.77
N THR C 47 19.46 35.73 -35.66
CA THR C 47 20.10 35.48 -34.37
C THR C 47 19.09 35.01 -33.34
N ILE C 48 19.56 34.18 -32.42
CA ILE C 48 18.82 33.80 -31.23
C ILE C 48 19.70 34.14 -30.04
N PRO C 49 19.24 34.92 -29.07
CA PRO C 49 20.11 35.33 -27.97
C PRO C 49 20.45 34.17 -27.04
N LYS C 50 21.60 34.27 -26.39
CA LYS C 50 22.09 33.29 -25.45
C LYS C 50 22.33 33.93 -24.09
N LYS C 51 22.06 33.13 -23.04
CA LYS C 51 22.14 33.61 -21.66
C LYS C 51 23.35 34.52 -21.42
N GLY C 52 24.52 34.10 -21.88
CA GLY C 52 25.72 34.89 -21.69
C GLY C 52 25.87 35.99 -22.71
N LYS C 53 24.80 36.75 -22.96
CA LYS C 53 24.78 37.80 -23.98
C LYS C 53 25.20 37.25 -25.34
N GLY C 54 25.12 35.94 -25.54
CA GLY C 54 25.69 35.32 -26.72
C GLY C 54 24.73 35.31 -27.90
N VAL C 55 25.22 34.75 -29.01
CA VAL C 55 24.49 34.71 -30.26
C VAL C 55 24.52 33.30 -30.81
N ARG C 56 23.34 32.77 -31.15
CA ARG C 56 23.22 31.55 -31.95
C ARG C 56 22.77 31.99 -33.34
N THR C 57 23.66 31.87 -34.31
CA THR C 57 23.37 32.33 -35.67
C THR C 57 22.73 31.21 -36.47
N ILE C 58 21.65 31.54 -37.17
CA ILE C 58 20.93 30.59 -38.01
C ILE C 58 20.94 31.13 -39.43
N SER C 59 21.43 30.30 -40.36
CA SER C 59 21.33 30.57 -41.79
C SER C 59 20.13 29.84 -42.34
N ALA C 60 19.18 30.57 -42.92
CA ALA C 60 17.95 30.01 -43.43
C ALA C 60 17.85 30.28 -44.92
N PRO C 61 17.49 29.29 -45.74
CA PRO C 61 17.38 29.54 -47.18
C PRO C 61 16.13 30.34 -47.52
N THR C 62 16.11 30.86 -48.74
CA THR C 62 14.93 31.53 -49.25
C THR C 62 13.91 30.49 -49.73
N ASP C 63 12.78 30.96 -50.26
CA ASP C 63 11.69 30.06 -50.58
C ASP C 63 12.06 29.08 -51.69
N ARG C 64 12.69 29.58 -52.76
CA ARG C 64 12.96 28.74 -53.92
C ARG C 64 13.93 27.62 -53.57
N LEU C 65 14.98 27.92 -52.82
CA LEU C 65 15.90 26.87 -52.39
C LEU C 65 15.30 26.01 -51.29
N LYS C 66 14.45 26.61 -50.44
CA LYS C 66 13.88 25.86 -49.33
C LYS C 66 12.93 24.78 -49.83
N ASP C 67 12.20 25.04 -50.93
CA ASP C 67 11.35 24.00 -51.50
C ASP C 67 12.17 22.81 -51.97
N ILE C 68 13.28 23.08 -52.66
CA ILE C 68 14.15 22.01 -53.14
C ILE C 68 14.72 21.23 -51.97
N GLN C 69 15.14 21.93 -50.91
CA GLN C 69 15.72 21.26 -49.77
C GLN C 69 14.68 20.45 -48.99
N ARG C 70 13.42 20.91 -48.97
CA ARG C 70 12.38 20.10 -48.35
C ARG C 70 12.12 18.83 -49.16
N ARG C 71 12.16 18.94 -50.49
CA ARG C 71 12.02 17.74 -51.31
C ARG C 71 13.18 16.77 -51.06
N ILE C 72 14.40 17.31 -50.97
CA ILE C 72 15.57 16.46 -50.67
C ILE C 72 15.41 15.82 -49.30
N CYS C 73 14.90 16.57 -48.32
CA CYS C 73 14.69 16.02 -46.98
C CYS C 73 13.72 14.86 -47.01
N ASP C 74 12.61 15.02 -47.73
CA ASP C 74 11.64 13.92 -47.84
C ASP C 74 12.27 12.71 -48.51
N LEU C 75 13.01 12.94 -49.60
CA LEU C 75 13.64 11.84 -50.32
C LEU C 75 14.60 11.08 -49.42
N LEU C 76 15.48 11.80 -48.72
CA LEU C 76 16.49 11.14 -47.90
C LEU C 76 15.88 10.50 -46.66
N SER C 77 14.79 11.05 -46.13
CA SER C 77 14.10 10.40 -45.03
C SER C 77 13.50 9.07 -45.48
N ASP C 78 12.89 9.05 -46.66
CA ASP C 78 12.41 7.78 -47.20
C ASP C 78 13.55 6.80 -47.40
N CYS C 79 14.69 7.30 -47.91
CA CYS C 79 15.86 6.45 -48.11
C CYS C 79 16.34 5.85 -46.79
N ARG C 80 16.39 6.67 -45.74
CA ARG C 80 16.83 6.17 -44.44
C ARG C 80 15.88 5.12 -43.90
N ASP C 81 14.57 5.34 -44.03
CA ASP C 81 13.61 4.34 -43.59
C ASP C 81 13.80 3.04 -44.36
N GLU C 82 14.00 3.13 -45.68
CA GLU C 82 14.18 1.93 -46.48
C GLU C 82 15.47 1.21 -46.12
N ILE C 83 16.54 1.93 -45.82
CA ILE C 83 17.78 1.29 -45.40
C ILE C 83 17.58 0.58 -44.08
N PHE C 84 16.86 1.21 -43.15
CA PHE C 84 16.58 0.55 -41.88
C PHE C 84 15.79 -0.74 -42.11
N ALA C 85 14.81 -0.70 -43.01
CA ALA C 85 14.05 -1.91 -43.33
C ALA C 85 14.95 -2.98 -43.95
N ILE C 86 15.81 -2.58 -44.88
CA ILE C 86 16.61 -3.54 -45.64
C ILE C 86 17.60 -4.23 -44.71
N ARG C 87 18.34 -3.46 -43.92
CA ARG C 87 19.32 -4.05 -43.03
C ARG C 87 18.69 -4.77 -41.85
N LYS C 88 17.36 -4.80 -41.77
CA LYS C 88 16.65 -5.50 -40.71
C LYS C 88 17.15 -5.06 -39.33
N ILE C 89 17.31 -3.74 -39.18
CA ILE C 89 17.70 -3.13 -37.92
C ILE C 89 16.67 -2.07 -37.56
N SER C 90 16.79 -1.55 -36.35
CA SER C 90 15.94 -0.47 -35.87
C SER C 90 16.82 0.69 -35.43
N ASN C 91 16.18 1.81 -35.13
CA ASN C 91 16.85 3.01 -34.65
C ASN C 91 16.78 3.01 -33.14
N ASN C 92 17.90 2.73 -32.49
CA ASN C 92 17.96 2.64 -31.04
C ASN C 92 18.91 3.65 -30.41
N TYR C 93 19.64 4.43 -31.21
CA TYR C 93 20.67 5.32 -30.70
C TYR C 93 20.47 6.78 -31.08
N SER C 94 19.64 7.08 -32.07
CA SER C 94 19.45 8.44 -32.56
C SER C 94 18.00 8.84 -32.38
N PHE C 95 17.79 10.02 -31.80
CA PHE C 95 16.45 10.48 -31.47
C PHE C 95 16.16 11.91 -31.93
N GLY C 96 17.17 12.69 -32.29
CA GLY C 96 16.99 14.10 -32.54
C GLY C 96 16.03 14.45 -33.65
N PHE C 97 16.40 14.15 -34.88
CA PHE C 97 15.65 14.56 -36.06
C PHE C 97 15.08 13.36 -36.79
N GLU C 98 14.58 12.39 -36.02
CA GLU C 98 14.19 11.09 -36.54
C GLU C 98 12.68 10.94 -36.51
N ARG C 99 12.13 10.32 -37.55
CA ARG C 99 10.71 10.05 -37.59
C ARG C 99 10.35 8.98 -36.57
N GLY C 100 9.28 9.22 -35.82
CA GLY C 100 8.89 8.28 -34.79
C GLY C 100 9.78 8.31 -33.56
N LYS C 101 10.51 9.39 -33.35
CA LYS C 101 11.35 9.55 -32.16
C LYS C 101 11.08 10.92 -31.55
N SER C 102 11.17 10.97 -30.22
CA SER C 102 10.92 12.19 -29.48
C SER C 102 11.93 12.29 -28.35
N ILE C 103 11.83 13.39 -27.59
CA ILE C 103 12.63 13.51 -26.38
C ILE C 103 12.15 12.54 -25.33
N ILE C 104 10.88 12.12 -25.40
CA ILE C 104 10.35 11.20 -24.40
C ILE C 104 11.06 9.85 -24.48
N LEU C 105 11.28 9.35 -25.69
CA LEU C 105 11.96 8.06 -25.84
C LEU C 105 13.45 8.18 -25.53
N ASN C 106 14.06 9.30 -25.90
CA ASN C 106 15.43 9.58 -25.52
C ASN C 106 15.59 9.52 -24.00
N ALA C 107 14.68 10.18 -23.28
CA ALA C 107 14.76 10.18 -21.82
C ALA C 107 14.43 8.82 -21.25
N TYR C 108 13.49 8.11 -21.86
CA TYR C 108 13.12 6.78 -21.40
C TYR C 108 14.29 5.81 -21.47
N LYS C 109 15.18 6.00 -22.45
CA LYS C 109 16.37 5.14 -22.54
C LYS C 109 17.18 5.15 -21.25
N HIS C 110 17.17 6.27 -20.52
CA HIS C 110 17.97 6.46 -19.32
C HIS C 110 17.11 6.64 -18.08
N ARG C 111 15.99 5.92 -18.01
CA ARG C 111 14.88 6.34 -17.16
C ARG C 111 15.26 6.41 -15.69
N GLY C 112 16.10 5.51 -15.19
CA GLY C 112 16.37 5.48 -13.77
C GLY C 112 17.81 5.20 -13.42
N LYS C 113 18.74 5.64 -14.26
CA LYS C 113 20.13 5.27 -14.12
C LYS C 113 20.79 6.05 -12.98
N GLN C 114 21.78 5.41 -12.35
CA GLN C 114 22.42 6.00 -11.19
C GLN C 114 23.16 7.29 -11.54
N ILE C 115 23.90 7.28 -12.65
CA ILE C 115 24.70 8.43 -13.07
C ILE C 115 24.38 8.74 -14.52
N ILE C 116 24.18 10.02 -14.82
CA ILE C 116 24.03 10.50 -16.19
C ILE C 116 25.24 11.35 -16.54
N LEU C 117 25.68 11.26 -17.80
CA LEU C 117 26.72 12.10 -18.34
C LEU C 117 26.19 12.75 -19.60
N ASN C 118 26.16 14.07 -19.62
CA ASN C 118 25.66 14.84 -20.76
C ASN C 118 26.81 15.54 -21.44
N ILE C 119 26.96 15.29 -22.74
CA ILE C 119 27.93 15.96 -23.59
C ILE C 119 27.17 16.69 -24.68
N ASP C 120 27.72 17.81 -25.13
CA ASP C 120 27.19 18.55 -26.26
C ASP C 120 28.29 18.81 -27.26
N LEU C 121 27.97 18.67 -28.54
CA LEU C 121 28.95 18.84 -29.60
C LEU C 121 28.99 20.30 -30.03
N LYS C 122 30.19 20.87 -30.07
CA LYS C 122 30.36 22.24 -30.49
C LYS C 122 30.18 22.36 -32.00
N ASP C 123 29.43 23.38 -32.42
CA ASP C 123 29.23 23.68 -33.84
C ASP C 123 28.87 22.41 -34.60
N PHE C 124 27.72 21.85 -34.23
CA PHE C 124 27.34 20.54 -34.78
C PHE C 124 27.19 20.59 -36.28
N PHE C 125 26.56 21.63 -36.82
CA PHE C 125 26.28 21.68 -38.24
C PHE C 125 27.45 22.22 -39.06
N GLU C 126 28.41 22.88 -38.42
CA GLU C 126 29.58 23.38 -39.14
C GLU C 126 30.66 22.33 -39.30
N SER C 127 30.45 21.13 -38.77
CA SER C 127 31.39 20.03 -38.95
C SER C 127 31.01 19.11 -40.11
N PHE C 128 29.78 19.23 -40.62
CA PHE C 128 29.36 18.47 -41.80
C PHE C 128 29.69 19.31 -43.03
N ASN C 129 30.97 19.34 -43.39
CA ASN C 129 31.39 20.15 -44.52
C ASN C 129 31.00 19.46 -45.83
N PHE C 130 31.30 20.12 -46.94
CA PHE C 130 30.82 19.67 -48.24
C PHE C 130 31.48 18.35 -48.62
N GLY C 131 32.77 18.21 -48.31
CA GLY C 131 33.45 16.96 -48.58
C GLY C 131 32.77 15.79 -47.87
N ARG C 132 32.41 15.97 -46.61
CA ARG C 132 31.78 14.88 -45.87
C ARG C 132 30.45 14.49 -46.50
N VAL C 133 29.62 15.47 -46.87
CA VAL C 133 28.31 15.15 -47.43
C VAL C 133 28.45 14.44 -48.77
N ARG C 134 29.24 15.03 -49.67
CA ARG C 134 29.42 14.44 -50.99
C ARG C 134 30.04 13.06 -50.88
N GLY C 135 31.06 12.92 -50.03
CA GLY C 135 31.70 11.63 -49.86
C GLY C 135 30.79 10.59 -49.27
N TYR C 136 29.94 10.98 -48.31
CA TYR C 136 29.01 10.01 -47.76
C TYR C 136 28.06 9.52 -48.84
N PHE C 137 27.55 10.43 -49.67
CA PHE C 137 26.68 9.97 -50.75
C PHE C 137 27.43 9.12 -51.76
N LEU C 138 28.73 9.37 -51.95
CA LEU C 138 29.52 8.60 -52.89
C LEU C 138 29.86 7.20 -52.37
N SER C 139 30.24 7.09 -51.10
CA SER C 139 30.96 5.93 -50.59
C SER C 139 30.11 5.00 -49.75
N ASN C 140 29.11 5.51 -49.04
CA ASN C 140 28.28 4.63 -48.21
C ASN C 140 27.67 3.54 -49.08
N GLN C 141 27.79 2.29 -48.62
CA GLN C 141 27.43 1.16 -49.46
C GLN C 141 25.94 1.09 -49.75
N ASP C 142 25.11 1.79 -48.99
CA ASP C 142 23.68 1.81 -49.25
C ASP C 142 23.27 2.90 -50.24
N PHE C 143 24.17 3.82 -50.57
CA PHE C 143 23.88 4.87 -51.54
C PHE C 143 24.70 4.71 -52.81
N LEU C 144 26.03 4.75 -52.69
CA LEU C 144 26.93 4.61 -53.84
C LEU C 144 26.37 5.32 -55.06
N LEU C 145 25.96 6.55 -54.86
CA LEU C 145 25.31 7.31 -55.92
C LEU C 145 26.30 7.71 -57.00
N ASN C 146 25.77 7.93 -58.19
CA ASN C 146 26.60 8.40 -59.30
C ASN C 146 27.21 9.75 -58.93
N PRO C 147 28.46 10.01 -59.31
CA PRO C 147 29.13 11.23 -58.82
C PRO C 147 28.35 12.52 -59.06
N VAL C 148 27.70 12.66 -60.22
CA VAL C 148 26.96 13.90 -60.50
C VAL C 148 25.79 14.06 -59.53
N VAL C 149 25.05 12.99 -59.28
CA VAL C 149 23.91 13.08 -58.37
C VAL C 149 24.36 13.44 -56.97
N ALA C 150 25.42 12.79 -56.48
CA ALA C 150 25.92 13.09 -55.15
C ALA C 150 26.42 14.53 -55.06
N THR C 151 27.13 14.98 -56.09
CA THR C 151 27.61 16.36 -56.10
C THR C 151 26.45 17.35 -56.07
N THR C 152 25.39 17.08 -56.84
CA THR C 152 24.26 17.99 -56.86
C THR C 152 23.54 17.99 -55.51
N LEU C 153 23.40 16.82 -54.89
CA LEU C 153 22.78 16.78 -53.57
C LEU C 153 23.59 17.58 -52.56
N ALA C 154 24.92 17.41 -52.57
CA ALA C 154 25.76 18.15 -51.64
C ALA C 154 25.75 19.64 -51.95
N LYS C 155 25.62 20.01 -53.22
CA LYS C 155 25.57 21.42 -53.59
C LYS C 155 24.28 22.06 -53.08
N ALA C 156 23.15 21.38 -53.29
CA ALA C 156 21.88 21.92 -52.80
C ALA C 156 21.86 21.98 -51.28
N ALA C 157 22.44 20.98 -50.62
CA ALA C 157 22.33 20.87 -49.17
C ALA C 157 23.25 21.82 -48.41
N CYS C 158 24.27 22.39 -49.05
CA CYS C 158 25.36 23.05 -48.34
C CYS C 158 25.39 24.55 -48.57
N TYR C 159 25.62 25.27 -47.48
CA TYR C 159 25.98 26.68 -47.50
C TYR C 159 27.47 26.68 -47.77
N ASN C 160 28.18 27.75 -47.40
CA ASN C 160 29.56 27.93 -47.84
C ASN C 160 30.48 26.94 -47.10
N GLY C 161 30.49 25.71 -47.60
CA GLY C 161 31.28 24.63 -47.08
C GLY C 161 30.52 23.67 -46.18
N THR C 162 29.62 24.16 -45.34
CA THR C 162 29.05 23.36 -44.27
C THR C 162 27.53 23.38 -44.34
N LEU C 163 26.91 22.46 -43.62
CA LEU C 163 25.45 22.40 -43.58
C LEU C 163 24.91 23.62 -42.83
N PRO C 164 23.91 24.32 -43.38
CA PRO C 164 23.29 25.39 -42.61
C PRO C 164 22.22 24.87 -41.67
N GLN C 165 22.07 25.56 -40.54
CA GLN C 165 21.14 25.10 -39.51
C GLN C 165 19.71 25.08 -40.02
N GLY C 166 19.32 26.10 -40.77
CA GLY C 166 17.94 26.27 -41.17
C GLY C 166 17.51 25.53 -42.41
N SER C 167 18.40 24.79 -43.05
CA SER C 167 18.02 24.05 -44.25
C SER C 167 17.16 22.85 -43.86
N PRO C 168 16.05 22.60 -44.56
CA PRO C 168 15.24 21.42 -44.20
C PRO C 168 15.97 20.10 -44.30
N CYS C 169 16.97 19.99 -45.18
CA CYS C 169 17.65 18.72 -45.39
C CYS C 169 18.87 18.54 -44.49
N SER C 170 19.28 19.57 -43.76
CA SER C 170 20.43 19.43 -42.88
C SER C 170 20.21 18.37 -41.79
N PRO C 171 19.06 18.31 -41.13
CA PRO C 171 18.87 17.29 -40.09
C PRO C 171 19.07 15.86 -40.56
N ILE C 172 18.46 15.47 -41.69
CA ILE C 172 18.53 14.08 -42.12
C ILE C 172 19.95 13.73 -42.55
N ILE C 173 20.63 14.64 -43.23
CA ILE C 173 22.04 14.41 -43.59
C ILE C 173 22.88 14.30 -42.32
N SER C 174 22.57 15.11 -41.32
CA SER C 174 23.27 15.01 -40.04
C SER C 174 23.10 13.62 -39.44
N ASN C 175 21.88 13.09 -39.46
CA ASN C 175 21.65 11.75 -38.92
C ASN C 175 22.42 10.70 -39.71
N LEU C 176 22.37 10.80 -41.05
CA LEU C 176 23.05 9.82 -41.89
C LEU C 176 24.55 9.81 -41.62
N ILE C 177 25.16 10.98 -41.50
CA ILE C 177 26.61 11.01 -41.31
C ILE C 177 27.01 10.83 -39.85
N CYS C 178 26.11 11.04 -38.91
CA CYS C 178 26.40 10.78 -37.50
C CYS C 178 26.12 9.35 -37.09
N ASN C 179 25.50 8.54 -37.94
CA ASN C 179 25.37 7.12 -37.62
C ASN C 179 26.72 6.47 -37.38
N ILE C 180 27.78 6.95 -38.04
CA ILE C 180 29.11 6.39 -37.82
C ILE C 180 29.53 6.59 -36.37
N MET C 181 29.43 7.82 -35.88
CA MET C 181 29.74 8.11 -34.49
C MET C 181 28.78 7.39 -33.55
N ASP C 182 27.52 7.24 -33.96
CA ASP C 182 26.55 6.55 -33.11
C ASP C 182 26.97 5.10 -32.88
N MET C 183 27.37 4.40 -33.95
CA MET C 183 27.82 3.03 -33.79
C MET C 183 29.10 2.96 -32.97
N ARG C 184 30.05 3.85 -33.23
CA ARG C 184 31.30 3.81 -32.48
C ARG C 184 31.06 4.02 -30.99
N LEU C 185 30.24 5.01 -30.65
CA LEU C 185 29.96 5.30 -29.25
C LEU C 185 29.09 4.23 -28.62
N ALA C 186 28.21 3.59 -29.39
CA ALA C 186 27.44 2.48 -28.85
C ALA C 186 28.36 1.34 -28.47
N LYS C 187 29.33 1.01 -29.33
CA LYS C 187 30.30 -0.03 -28.98
C LYS C 187 31.09 0.37 -27.75
N LEU C 188 31.57 1.62 -27.71
CA LEU C 188 32.36 2.07 -26.57
C LEU C 188 31.56 2.01 -25.28
N ALA C 189 30.29 2.38 -25.32
CA ALA C 189 29.45 2.36 -24.13
C ALA C 189 29.18 0.93 -23.69
N LYS C 190 28.81 0.05 -24.62
CA LYS C 190 28.60 -1.34 -24.26
C LYS C 190 29.85 -1.95 -23.66
N LYS C 191 31.03 -1.51 -24.08
CA LYS C 191 32.26 -2.04 -23.50
C LYS C 191 32.38 -1.69 -22.02
N TYR C 192 31.98 -0.46 -21.65
CA TYR C 192 32.13 0.02 -20.28
C TYR C 192 30.82 0.04 -19.51
N GLY C 193 29.84 -0.73 -19.95
CA GLY C 193 28.61 -0.88 -19.20
C GLY C 193 27.79 0.39 -19.07
N CYS C 194 27.52 1.06 -20.19
CA CYS C 194 26.76 2.30 -20.19
C CYS C 194 25.77 2.31 -21.34
N THR C 195 24.60 2.88 -21.09
CA THR C 195 23.66 3.21 -22.15
C THR C 195 24.11 4.47 -22.86
N TYR C 196 24.00 4.48 -24.18
CA TYR C 196 24.34 5.64 -24.98
C TYR C 196 23.14 6.05 -25.82
N SER C 197 22.94 7.35 -25.97
CA SER C 197 21.94 7.85 -26.90
C SER C 197 22.33 9.25 -27.33
N ARG C 198 21.78 9.66 -28.48
CA ARG C 198 22.05 10.99 -29.02
C ARG C 198 20.75 11.62 -29.49
N TYR C 199 20.68 12.94 -29.33
CA TYR C 199 19.55 13.74 -29.80
C TYR C 199 20.15 14.99 -30.43
N ALA C 200 20.27 14.99 -31.75
CA ALA C 200 20.92 16.08 -32.49
C ALA C 200 22.39 16.14 -32.13
N ASP C 201 22.77 17.06 -31.22
CA ASP C 201 24.13 17.16 -30.74
C ASP C 201 24.22 16.91 -29.24
N ASP C 202 23.17 16.32 -28.68
CA ASP C 202 23.02 16.12 -27.24
C ASP C 202 23.25 14.64 -26.94
N ILE C 203 24.43 14.31 -26.44
CA ILE C 203 24.81 12.93 -26.18
C ILE C 203 24.61 12.62 -24.70
N THR C 204 23.93 11.53 -24.40
CA THR C 204 23.71 11.06 -23.04
C THR C 204 24.34 9.70 -22.88
N ILE C 205 25.17 9.55 -21.85
CA ILE C 205 25.77 8.27 -21.48
C ILE C 205 25.40 8.02 -20.02
N SER C 206 24.61 6.99 -19.77
CA SER C 206 24.09 6.72 -18.43
C SER C 206 24.56 5.36 -17.95
N THR C 207 24.67 5.21 -16.64
CA THR C 207 25.09 3.94 -16.08
C THR C 207 24.47 3.77 -14.70
N ASN C 208 24.32 2.50 -14.30
CA ASN C 208 23.78 2.15 -13.00
C ASN C 208 24.86 1.94 -11.95
N LYS C 209 26.13 2.12 -12.31
CA LYS C 209 27.20 2.03 -11.35
C LYS C 209 27.26 3.28 -10.48
N ASN C 210 27.73 3.11 -9.24
CA ASN C 210 27.85 4.24 -8.34
C ASN C 210 29.07 5.09 -8.65
N THR C 211 30.02 4.57 -9.42
CA THR C 211 31.14 5.34 -9.93
C THR C 211 31.13 5.23 -11.45
N PHE C 212 31.15 6.37 -12.12
CA PHE C 212 31.22 6.34 -13.57
C PHE C 212 32.54 5.73 -14.01
N PRO C 213 32.55 4.90 -15.07
CA PRO C 213 33.81 4.31 -15.51
C PRO C 213 34.88 5.36 -15.74
N LEU C 214 36.10 5.04 -15.29
CA LEU C 214 37.20 6.00 -15.35
C LEU C 214 37.58 6.33 -16.78
N GLU C 215 37.36 5.41 -17.72
CA GLU C 215 37.75 5.63 -19.11
C GLU C 215 36.75 6.48 -19.87
N MET C 216 35.55 6.70 -19.33
CA MET C 216 34.55 7.53 -19.98
C MET C 216 34.53 8.96 -19.45
N ALA C 217 34.71 9.12 -18.14
CA ALA C 217 34.76 10.44 -17.53
C ALA C 217 35.13 10.27 -16.07
N THR C 218 35.72 11.31 -15.50
CA THR C 218 36.07 11.31 -14.09
C THR C 218 35.70 12.66 -13.49
N VAL C 219 35.50 12.68 -12.18
CA VAL C 219 35.17 13.90 -11.46
C VAL C 219 36.45 14.34 -10.75
N GLN C 220 37.22 15.18 -11.44
CA GLN C 220 38.43 15.74 -10.88
C GLN C 220 38.09 16.97 -10.04
N PRO C 221 39.02 17.44 -9.20
CA PRO C 221 38.75 18.66 -8.42
C PRO C 221 38.90 19.91 -9.27
N GLU C 222 38.40 19.83 -10.50
CA GLU C 222 38.11 20.98 -11.35
C GLU C 222 36.77 20.86 -12.05
N GLY C 223 36.12 19.69 -11.98
CA GLY C 223 34.90 19.41 -12.70
C GLY C 223 34.99 18.05 -13.36
N VAL C 224 34.21 17.85 -14.41
CA VAL C 224 34.19 16.59 -15.14
C VAL C 224 35.26 16.64 -16.23
N VAL C 225 36.12 15.63 -16.24
CA VAL C 225 37.16 15.48 -17.26
C VAL C 225 36.84 14.21 -18.05
N LEU C 226 36.56 14.37 -19.33
CA LEU C 226 36.20 13.24 -20.15
C LEU C 226 37.39 12.32 -20.38
N GLY C 227 37.14 11.02 -20.30
CA GLY C 227 38.21 10.07 -20.53
C GLY C 227 38.76 10.17 -21.94
N LYS C 228 40.06 9.94 -22.06
CA LYS C 228 40.73 10.11 -23.35
C LYS C 228 40.12 9.22 -24.42
N VAL C 229 39.62 8.04 -24.05
CA VAL C 229 39.05 7.13 -25.04
C VAL C 229 37.82 7.75 -25.67
N LEU C 230 36.93 8.30 -24.84
CA LEU C 230 35.71 8.90 -25.35
C LEU C 230 35.99 10.16 -26.16
N VAL C 231 36.90 10.99 -25.69
CA VAL C 231 37.26 12.20 -26.43
C VAL C 231 37.84 11.83 -27.79
N LYS C 232 38.72 10.83 -27.81
CA LYS C 232 39.31 10.40 -29.07
C LYS C 232 38.26 9.81 -30.00
N GLU C 233 37.28 9.08 -29.45
CA GLU C 233 36.23 8.54 -30.29
C GLU C 233 35.39 9.64 -30.91
N ILE C 234 35.08 10.68 -30.15
CA ILE C 234 34.28 11.77 -30.70
C ILE C 234 35.07 12.57 -31.71
N GLU C 235 36.35 12.85 -31.42
CA GLU C 235 37.16 13.66 -32.32
C GLU C 235 37.54 12.93 -33.59
N ASN C 236 37.78 11.61 -33.50
CA ASN C 236 38.12 10.84 -34.68
C ASN C 236 36.96 10.74 -35.65
N SER C 237 35.74 10.99 -35.19
CA SER C 237 34.56 11.00 -36.04
C SER C 237 34.28 12.37 -36.64
N GLY C 238 35.12 13.36 -36.36
CA GLY C 238 34.98 14.67 -36.97
C GLY C 238 34.04 15.60 -36.24
N PHE C 239 34.09 15.60 -34.91
CA PHE C 239 33.24 16.46 -34.11
C PHE C 239 34.06 17.00 -32.94
N GLU C 240 33.59 18.11 -32.38
CA GLU C 240 34.23 18.76 -31.25
C GLU C 240 33.31 18.72 -30.04
N ILE C 241 33.91 18.71 -28.86
CA ILE C 241 33.18 18.67 -27.60
C ILE C 241 33.17 20.07 -27.01
N ASN C 242 31.98 20.58 -26.74
CA ASN C 242 31.79 21.85 -26.04
C ASN C 242 32.11 21.63 -24.57
N ASP C 243 33.35 21.90 -24.18
CA ASP C 243 33.82 21.52 -22.85
C ASP C 243 33.07 22.22 -21.73
N SER C 244 32.41 23.33 -22.01
CA SER C 244 31.69 24.06 -20.98
C SER C 244 30.33 23.46 -20.65
N LYS C 245 29.88 22.47 -21.44
CA LYS C 245 28.56 21.88 -21.27
C LYS C 245 28.62 20.40 -20.86
N THR C 246 29.80 19.91 -20.49
CA THR C 246 29.92 18.53 -20.03
C THR C 246 29.43 18.46 -18.58
N ARG C 247 28.48 17.58 -18.32
CA ARG C 247 27.86 17.48 -17.01
C ARG C 247 27.82 16.03 -16.57
N LEU C 248 28.06 15.80 -15.28
CA LEU C 248 27.90 14.50 -14.66
C LEU C 248 26.95 14.67 -13.48
N THR C 249 25.86 13.91 -13.48
CA THR C 249 24.78 14.10 -12.52
C THR C 249 24.51 12.81 -11.77
N TYR C 250 24.44 12.93 -10.45
CA TYR C 250 24.08 11.87 -9.54
C TYR C 250 22.58 11.92 -9.25
N LYS C 251 22.07 10.83 -8.68
CA LYS C 251 20.65 10.76 -8.37
C LYS C 251 20.26 11.71 -7.25
N THR C 252 21.22 12.30 -6.55
CA THR C 252 20.92 13.28 -5.52
C THR C 252 20.53 14.64 -6.09
N SER C 253 20.78 14.89 -7.37
CA SER C 253 20.34 16.09 -8.05
C SER C 253 19.44 15.71 -9.22
N ARG C 254 18.92 16.71 -9.92
CA ARG C 254 18.00 16.45 -11.02
C ARG C 254 18.78 15.95 -12.23
N GLN C 255 18.39 14.79 -12.73
CA GLN C 255 19.01 14.18 -13.89
C GLN C 255 18.13 14.46 -15.10
N GLU C 256 18.66 15.19 -16.06
CA GLU C 256 17.90 15.70 -17.19
C GLU C 256 18.45 15.09 -18.48
N VAL C 257 17.56 14.58 -19.32
CA VAL C 257 17.91 14.10 -20.64
C VAL C 257 17.00 14.82 -21.63
N THR C 258 17.57 15.79 -22.36
CA THR C 258 16.83 16.55 -23.37
C THR C 258 15.53 17.11 -22.79
N GLY C 259 15.66 17.77 -21.65
CA GLY C 259 14.58 18.54 -21.07
C GLY C 259 13.73 17.83 -20.04
N LEU C 260 13.86 16.52 -19.90
CA LEU C 260 12.98 15.74 -19.04
C LEU C 260 13.75 15.14 -17.88
N THR C 261 13.07 15.01 -16.73
CA THR C 261 13.65 14.38 -15.56
C THR C 261 13.62 12.85 -15.70
N VAL C 262 14.71 12.21 -15.31
CA VAL C 262 14.82 10.76 -15.42
C VAL C 262 15.31 10.16 -14.12
N ASN C 263 15.06 10.83 -12.99
CA ASN C 263 15.53 10.31 -11.71
C ASN C 263 14.85 8.98 -11.39
N ARG C 264 13.53 8.96 -11.44
CA ARG C 264 12.76 7.73 -11.22
C ARG C 264 11.94 7.35 -12.44
N ILE C 265 11.12 8.27 -12.95
CA ILE C 265 10.34 8.06 -14.15
C ILE C 265 10.69 9.18 -15.13
N VAL C 266 10.17 9.07 -16.35
CA VAL C 266 10.31 10.14 -17.33
C VAL C 266 9.25 11.19 -17.02
N ASN C 267 9.69 12.34 -16.55
CA ASN C 267 8.77 13.37 -16.05
C ASN C 267 9.14 14.72 -16.62
N ILE C 268 8.20 15.65 -16.50
CA ILE C 268 8.45 17.05 -16.84
C ILE C 268 9.22 17.71 -15.72
N ASP C 269 9.99 18.74 -16.05
CA ASP C 269 10.66 19.53 -15.03
C ASP C 269 9.62 20.10 -14.07
N ARG C 270 9.90 19.98 -12.77
CA ARG C 270 8.92 20.42 -11.77
C ARG C 270 8.66 21.91 -11.87
N CYS C 271 9.71 22.69 -12.12
CA CYS C 271 9.54 24.14 -12.23
C CYS C 271 8.60 24.49 -13.38
N TYR C 272 8.73 23.81 -14.52
CA TYR C 272 7.89 24.11 -15.67
C TYR C 272 6.42 23.81 -15.36
N TYR C 273 6.14 22.63 -14.80
CA TYR C 273 4.77 22.28 -14.46
C TYR C 273 4.21 23.26 -13.45
N LYS C 274 5.00 23.63 -12.44
CA LYS C 274 4.52 24.55 -11.43
C LYS C 274 4.21 25.92 -12.03
N LYS C 275 5.06 26.39 -12.94
CA LYS C 275 4.79 27.66 -13.59
C LYS C 275 3.55 27.60 -14.47
N THR C 276 3.33 26.48 -15.15
CA THR C 276 2.10 26.36 -15.94
C THR C 276 0.87 26.36 -15.04
N ARG C 277 0.97 25.67 -13.91
CA ARG C 277 -0.07 25.72 -12.88
C ARG C 277 -0.37 27.16 -12.48
N ALA C 278 0.69 27.93 -12.20
CA ALA C 278 0.50 29.31 -11.76
C ALA C 278 -0.08 30.18 -12.87
N LEU C 279 0.33 29.94 -14.11
CA LEU C 279 -0.23 30.71 -15.23
C LEU C 279 -1.72 30.45 -15.39
N ALA C 280 -2.13 29.18 -15.29
CA ALA C 280 -3.55 28.88 -15.32
C ALA C 280 -4.27 29.53 -14.14
N HIS C 281 -3.63 29.53 -12.98
CA HIS C 281 -4.22 30.18 -11.80
C HIS C 281 -4.45 31.67 -12.06
N ALA C 282 -3.46 32.34 -12.62
CA ALA C 282 -3.59 33.76 -12.93
C ALA C 282 -4.69 33.99 -13.94
N LEU C 283 -4.78 33.12 -14.95
CA LEU C 283 -5.84 33.24 -15.94
C LEU C 283 -7.21 33.11 -15.28
N TYR C 284 -7.36 32.14 -14.37
CA TYR C 284 -8.64 31.97 -13.69
C TYR C 284 -9.00 33.20 -12.88
N ARG C 285 -8.02 33.77 -12.15
CA ARG C 285 -8.33 34.89 -11.28
C ARG C 285 -8.62 36.15 -12.08
N THR C 286 -7.63 36.65 -12.82
CA THR C 286 -7.73 37.96 -13.43
C THR C 286 -8.22 37.91 -14.88
N GLY C 287 -8.48 36.73 -15.42
CA GLY C 287 -8.88 36.61 -16.79
C GLY C 287 -7.75 36.65 -17.78
N GLU C 288 -6.52 36.81 -17.33
CA GLU C 288 -5.36 36.78 -18.22
C GLU C 288 -4.11 36.53 -17.41
N TYR C 289 -3.10 35.97 -18.06
CA TYR C 289 -1.78 35.80 -17.49
C TYR C 289 -0.77 36.57 -18.34
N LYS C 290 0.44 36.71 -17.81
CA LYS C 290 1.49 37.50 -18.47
C LYS C 290 2.74 36.67 -18.59
N VAL C 291 3.34 36.68 -19.79
CA VAL C 291 4.61 35.99 -20.03
C VAL C 291 5.56 36.98 -20.70
N PRO C 292 6.87 36.85 -20.52
CA PRO C 292 7.80 37.79 -21.15
C PRO C 292 7.75 37.67 -22.67
N ASP C 293 8.04 38.78 -23.34
CA ASP C 293 8.17 38.83 -24.79
C ASP C 293 9.64 39.02 -25.16
N GLU C 294 9.90 39.15 -26.47
CA GLU C 294 11.28 39.27 -26.94
C GLU C 294 11.95 40.51 -26.35
N ASN C 295 11.25 41.64 -26.36
CA ASN C 295 11.80 42.89 -25.84
C ASN C 295 11.96 42.88 -24.33
N GLY C 296 11.43 41.87 -23.64
CA GLY C 296 11.48 41.79 -22.19
C GLY C 296 10.25 42.29 -21.48
N VAL C 297 9.36 42.98 -22.17
CA VAL C 297 8.13 43.49 -21.55
C VAL C 297 7.10 42.37 -21.52
N LEU C 298 6.41 42.26 -20.39
CA LEU C 298 5.38 41.24 -20.23
C LEU C 298 4.17 41.58 -21.10
N VAL C 299 3.61 40.54 -21.74
CA VAL C 299 2.39 40.67 -22.53
C VAL C 299 1.46 39.56 -22.09
N SER C 300 0.18 39.69 -22.47
CA SER C 300 -0.83 38.74 -22.03
C SER C 300 -0.45 37.31 -22.42
N GLY C 301 -0.42 37.02 -23.71
CA GLY C 301 -0.29 35.65 -24.14
C GLY C 301 -1.64 34.98 -24.16
N GLY C 302 -1.97 34.31 -25.25
CA GLY C 302 -3.32 33.83 -25.47
C GLY C 302 -3.58 32.48 -24.85
N LEU C 303 -4.83 32.04 -25.00
CA LEU C 303 -5.23 30.73 -24.51
C LEU C 303 -4.61 29.60 -25.29
N ASP C 304 -3.97 29.87 -26.42
CA ASP C 304 -3.32 28.84 -27.21
C ASP C 304 -1.85 28.66 -26.86
N LYS C 305 -1.17 29.70 -26.38
CA LYS C 305 0.17 29.51 -25.84
C LYS C 305 0.11 28.57 -24.64
N LEU C 306 -0.54 29.01 -23.57
CA LEU C 306 -1.11 28.07 -22.62
C LEU C 306 -2.03 27.14 -23.38
N GLU C 307 -2.22 25.93 -22.87
CA GLU C 307 -2.87 24.84 -23.56
C GLU C 307 -1.93 24.18 -24.56
N GLY C 308 -0.77 24.76 -24.84
CA GLY C 308 0.27 24.08 -25.57
C GLY C 308 1.28 23.56 -24.57
N MET C 309 1.51 24.36 -23.52
CA MET C 309 2.28 23.88 -22.38
C MET C 309 1.57 22.73 -21.68
N PHE C 310 0.26 22.85 -21.53
CA PHE C 310 -0.53 21.78 -20.94
C PHE C 310 -0.45 20.52 -21.79
N GLY C 311 -0.51 20.67 -23.12
CA GLY C 311 -0.36 19.52 -23.99
C GLY C 311 1.02 18.91 -23.93
N PHE C 312 2.03 19.75 -23.78
CA PHE C 312 3.40 19.25 -23.65
C PHE C 312 3.55 18.41 -22.38
N ILE C 313 2.96 18.87 -21.27
CA ILE C 313 3.00 18.10 -20.04
C ILE C 313 2.15 16.83 -20.18
N ASP C 314 1.03 16.93 -20.87
CA ASP C 314 0.13 15.80 -21.03
C ASP C 314 0.74 14.71 -21.90
N GLN C 315 1.65 15.08 -22.80
CA GLN C 315 2.34 14.05 -23.58
C GLN C 315 3.08 13.08 -22.66
N VAL C 316 3.86 13.62 -21.73
CA VAL C 316 4.61 12.79 -20.80
C VAL C 316 3.66 12.07 -19.86
N ASP C 317 2.58 12.74 -19.43
CA ASP C 317 1.61 12.09 -18.56
C ASP C 317 0.97 10.88 -19.25
N LYS C 318 0.60 11.03 -20.52
CA LYS C 318 -0.01 9.94 -21.27
C LYS C 318 0.98 8.80 -21.50
N PHE C 319 2.25 9.13 -21.79
CA PHE C 319 3.26 8.10 -21.92
C PHE C 319 3.40 7.28 -20.64
N ASN C 320 3.46 7.96 -19.50
CA ASN C 320 3.57 7.26 -18.23
C ASN C 320 2.32 6.43 -17.94
N ASN C 321 1.15 6.96 -18.28
CA ASN C 321 -0.09 6.21 -18.09
C ASN C 321 -0.07 4.92 -18.90
N ILE C 322 0.41 4.99 -20.14
CA ILE C 322 0.47 3.79 -20.96
C ILE C 322 1.42 2.77 -20.35
N LYS C 323 2.57 3.22 -19.87
CA LYS C 323 3.51 2.28 -19.25
C LYS C 323 2.90 1.62 -18.01
N LYS C 324 2.27 2.44 -17.16
CA LYS C 324 1.61 1.88 -15.97
C LYS C 324 0.54 0.87 -16.36
N LYS C 325 -0.21 1.16 -17.42
CA LYS C 325 -1.17 0.18 -17.92
C LYS C 325 -0.47 -1.10 -18.33
N LEU C 326 0.67 -0.98 -19.01
CA LEU C 326 1.42 -2.17 -19.38
C LEU C 326 1.69 -3.05 -18.17
N ASN C 327 2.19 -2.45 -17.08
CA ASN C 327 2.47 -3.28 -15.90
C ASN C 327 1.19 -3.54 -15.10
N LYS C 328 0.65 -2.48 -14.48
CA LYS C 328 -0.71 -2.45 -13.94
C LYS C 328 -0.92 -3.27 -12.67
N GLN C 329 0.04 -4.12 -12.31
CA GLN C 329 0.01 -4.90 -11.06
C GLN C 329 -1.42 -5.20 -10.60
N PRO C 330 -2.19 -5.97 -11.37
CA PRO C 330 -3.60 -6.17 -11.01
C PRO C 330 -3.74 -6.78 -9.62
N ASP C 331 -4.77 -6.32 -8.89
CA ASP C 331 -5.01 -6.77 -7.52
C ASP C 331 -6.42 -6.36 -7.12
N ARG C 332 -6.77 -6.59 -5.86
CA ARG C 332 -8.06 -6.22 -5.33
C ARG C 332 -8.20 -4.70 -5.26
N TYR C 333 -9.45 -4.23 -5.30
CA TYR C 333 -9.72 -2.82 -5.15
C TYR C 333 -11.24 -2.61 -5.13
N VAL C 334 -11.65 -1.51 -4.49
CA VAL C 334 -13.04 -1.08 -4.48
C VAL C 334 -13.08 0.43 -4.52
N LEU C 335 -13.63 0.97 -5.61
CA LEU C 335 -13.63 2.42 -5.83
C LEU C 335 -14.75 3.14 -5.08
N THR C 336 -15.57 2.42 -4.33
CA THR C 336 -16.72 2.98 -3.63
C THR C 336 -17.83 3.39 -4.60
N ASN C 337 -17.98 2.65 -5.69
CA ASN C 337 -19.06 2.83 -6.65
C ASN C 337 -19.01 4.20 -7.33
N ALA C 338 -17.86 4.86 -7.29
CA ALA C 338 -17.70 6.17 -7.90
C ALA C 338 -18.70 7.16 -7.29
N THR C 339 -18.68 8.39 -7.79
CA THR C 339 -19.56 9.44 -7.28
C THR C 339 -19.38 10.70 -8.11
N LEU C 340 -20.13 11.76 -7.81
CA LEU C 340 -19.81 13.06 -8.36
C LEU C 340 -18.44 13.49 -7.87
N HIS C 341 -17.64 14.04 -8.78
CA HIS C 341 -16.25 14.41 -8.52
C HIS C 341 -15.36 13.19 -8.27
N GLY C 342 -15.83 11.99 -8.59
CA GLY C 342 -15.05 10.79 -8.36
C GLY C 342 -14.18 10.42 -9.52
N PHE C 343 -14.47 11.00 -10.70
CA PHE C 343 -13.66 10.72 -11.87
C PHE C 343 -12.29 11.39 -11.79
N LYS C 344 -12.12 12.35 -10.90
CA LYS C 344 -10.85 13.06 -10.78
C LYS C 344 -9.85 12.35 -9.88
N LEU C 345 -10.25 11.24 -9.23
CA LEU C 345 -9.32 10.55 -8.35
C LEU C 345 -8.29 9.75 -9.13
N LYS C 346 -8.62 9.30 -10.34
CA LYS C 346 -7.66 8.62 -11.17
C LYS C 346 -6.64 9.55 -11.80
N LEU C 347 -6.85 10.87 -11.72
CA LEU C 347 -5.94 11.84 -12.29
C LEU C 347 -4.92 12.29 -11.25
N ASN C 348 -3.67 12.42 -11.67
CA ASN C 348 -2.65 12.99 -10.79
C ASN C 348 -2.80 14.50 -10.76
N ALA C 349 -1.92 15.18 -10.04
CA ALA C 349 -2.05 16.62 -9.87
C ALA C 349 -1.93 17.35 -11.20
N ARG C 350 -0.98 16.93 -12.04
CA ARG C 350 -0.81 17.57 -13.34
C ARG C 350 -2.06 17.42 -14.20
N GLU C 351 -2.60 16.21 -14.27
CA GLU C 351 -3.80 15.99 -15.07
C GLU C 351 -5.00 16.69 -14.49
N LYS C 352 -5.05 16.86 -13.16
CA LYS C 352 -6.11 17.63 -12.55
C LYS C 352 -6.04 19.09 -12.96
N ALA C 353 -4.84 19.67 -12.95
CA ALA C 353 -4.68 21.04 -13.41
C ALA C 353 -5.07 21.16 -14.88
N TYR C 354 -4.68 20.19 -15.69
CA TYR C 354 -5.06 20.22 -17.11
C TYR C 354 -6.57 20.12 -17.28
N SER C 355 -7.23 19.25 -16.53
CA SER C 355 -8.67 19.10 -16.63
C SER C 355 -9.39 20.38 -16.22
N LYS C 356 -8.93 20.99 -15.13
CA LYS C 356 -9.49 22.27 -14.72
C LYS C 356 -9.33 23.31 -15.81
N PHE C 357 -8.17 23.33 -16.47
CA PHE C 357 -7.97 24.29 -17.55
C PHE C 357 -8.88 24.02 -18.73
N ILE C 358 -9.08 22.75 -19.09
CA ILE C 358 -9.97 22.44 -20.21
C ILE C 358 -11.39 22.88 -19.89
N TYR C 359 -11.83 22.62 -18.67
CA TYR C 359 -13.16 23.05 -18.26
C TYR C 359 -13.27 24.57 -18.30
N TYR C 360 -12.24 25.28 -17.86
CA TYR C 360 -12.27 26.73 -17.95
C TYR C 360 -12.36 27.18 -19.41
N LYS C 361 -11.60 26.54 -20.28
CA LYS C 361 -11.60 26.91 -21.69
C LYS C 361 -12.99 26.75 -22.29
N PHE C 362 -13.71 25.69 -21.90
CA PHE C 362 -14.98 25.38 -22.57
C PHE C 362 -16.22 25.91 -21.88
N PHE C 363 -16.16 26.23 -20.58
CA PHE C 363 -17.39 26.57 -19.85
C PHE C 363 -17.28 27.76 -18.91
N HIS C 364 -16.10 28.35 -18.72
CA HIS C 364 -15.98 29.48 -17.81
C HIS C 364 -15.16 30.64 -18.37
N GLY C 365 -14.45 30.46 -19.47
CA GLY C 365 -13.62 31.51 -20.02
C GLY C 365 -13.81 31.61 -21.51
N ASN C 366 -14.99 31.25 -21.99
CA ASN C 366 -15.26 31.25 -23.42
C ASN C 366 -15.15 32.67 -23.97
N THR C 367 -14.68 32.75 -25.21
CA THR C 367 -14.82 33.97 -25.99
C THR C 367 -16.09 33.97 -26.84
N CYS C 368 -16.83 32.87 -26.82
CA CYS C 368 -18.08 32.75 -27.57
C CYS C 368 -18.90 31.63 -26.93
N PRO C 369 -20.20 31.56 -27.23
CA PRO C 369 -21.04 30.55 -26.60
C PRO C 369 -20.53 29.14 -26.89
N THR C 370 -20.70 28.25 -25.91
CA THR C 370 -20.33 26.85 -26.04
C THR C 370 -21.61 26.02 -26.12
N ILE C 371 -21.78 25.28 -27.20
CA ILE C 371 -22.97 24.47 -27.42
C ILE C 371 -22.64 23.02 -27.10
N ILE C 372 -23.30 22.46 -26.09
CA ILE C 372 -23.12 21.07 -25.69
C ILE C 372 -24.30 20.28 -26.22
N THR C 373 -24.02 19.23 -26.98
CA THR C 373 -25.05 18.36 -27.54
C THR C 373 -24.70 16.92 -27.25
N GLU C 374 -25.71 16.16 -26.82
CA GLU C 374 -25.51 14.74 -26.55
C GLU C 374 -25.25 13.99 -27.85
N GLY C 375 -24.35 13.00 -27.77
CA GLY C 375 -24.06 12.17 -28.91
C GLY C 375 -22.92 12.72 -29.75
N LYS C 376 -22.92 12.32 -31.03
CA LYS C 376 -21.89 12.74 -31.96
C LYS C 376 -22.44 13.18 -33.31
N THR C 377 -23.75 13.12 -33.54
CA THR C 377 -24.34 13.52 -34.81
C THR C 377 -25.11 14.83 -34.72
N ASP C 378 -25.56 15.23 -33.52
CA ASP C 378 -26.32 16.47 -33.41
C ASP C 378 -25.48 17.67 -33.82
N ARG C 379 -24.21 17.68 -33.41
CA ARG C 379 -23.35 18.80 -33.78
C ARG C 379 -23.17 18.89 -35.29
N ILE C 380 -23.18 17.75 -36.00
CA ILE C 380 -23.08 17.78 -37.45
C ILE C 380 -24.30 18.49 -38.04
N TYR C 381 -25.49 18.12 -37.57
CA TYR C 381 -26.70 18.79 -38.05
C TYR C 381 -26.65 20.28 -37.74
N LEU C 382 -26.20 20.63 -36.54
CA LEU C 382 -26.16 22.03 -36.15
C LEU C 382 -25.19 22.83 -37.01
N LYS C 383 -24.01 22.27 -37.28
CA LYS C 383 -23.05 22.96 -38.14
C LYS C 383 -23.60 23.14 -39.54
N ALA C 384 -24.20 22.08 -40.10
CA ALA C 384 -24.76 22.20 -41.44
C ALA C 384 -25.85 23.26 -41.49
N ALA C 385 -26.74 23.27 -40.50
CA ALA C 385 -27.80 24.28 -40.48
C ALA C 385 -27.20 25.68 -40.36
N LEU C 386 -26.34 25.90 -39.38
CA LEU C 386 -25.77 27.22 -39.17
C LEU C 386 -25.02 27.70 -40.41
N HIS C 387 -24.47 26.78 -41.19
CA HIS C 387 -23.85 27.18 -42.46
C HIS C 387 -24.91 27.56 -43.47
N SER C 388 -26.01 26.80 -43.52
CA SER C 388 -27.05 27.06 -44.53
C SER C 388 -27.70 28.43 -44.31
N LEU C 389 -27.98 28.80 -43.06
CA LEU C 389 -28.63 30.07 -42.73
C LEU C 389 -27.62 31.13 -42.29
N GLU C 390 -26.44 31.16 -42.92
CA GLU C 390 -25.47 32.19 -42.57
C GLU C 390 -26.05 33.58 -42.73
N THR C 391 -26.80 33.81 -43.82
CA THR C 391 -27.40 35.11 -44.04
C THR C 391 -28.40 35.46 -42.95
N SER C 392 -29.20 34.47 -42.52
CA SER C 392 -30.23 34.73 -41.52
C SER C 392 -29.62 35.19 -40.20
N TYR C 393 -28.47 34.63 -39.83
CA TYR C 393 -27.86 34.85 -38.52
C TYR C 393 -26.42 35.34 -38.70
N PRO C 394 -26.23 36.64 -38.90
CA PRO C 394 -24.86 37.16 -39.02
C PRO C 394 -24.17 37.29 -37.68
N GLU C 395 -24.94 37.58 -36.63
CA GLU C 395 -24.35 37.74 -35.30
C GLU C 395 -23.77 36.44 -34.76
N LEU C 396 -24.15 35.29 -35.32
CA LEU C 396 -23.60 34.01 -34.94
C LEU C 396 -22.39 33.63 -35.78
N PHE C 397 -21.71 34.60 -36.37
CA PHE C 397 -20.53 34.35 -37.19
C PHE C 397 -19.47 35.40 -36.86
N ARG C 398 -18.22 35.05 -37.15
CA ARG C 398 -17.09 35.94 -36.96
C ARG C 398 -16.22 35.92 -38.20
N GLU C 399 -15.54 37.03 -38.45
CA GLU C 399 -14.73 37.20 -39.64
C GLU C 399 -13.33 36.64 -39.44
N LYS C 400 -12.73 36.19 -40.54
CA LYS C 400 -11.37 35.68 -40.54
C LYS C 400 -10.39 36.81 -40.88
N THR C 401 -9.14 36.44 -41.19
CA THR C 401 -8.03 37.40 -41.19
C THR C 401 -8.23 38.60 -42.12
N ASP C 402 -8.22 38.39 -43.44
CA ASP C 402 -8.03 39.52 -44.35
C ASP C 402 -9.23 39.78 -45.26
N SER C 403 -9.62 38.84 -46.13
CA SER C 403 -10.58 39.20 -47.16
C SER C 403 -12.01 38.82 -46.80
N LYS C 404 -12.29 37.52 -46.75
CA LYS C 404 -13.59 37.05 -46.26
C LYS C 404 -13.56 35.55 -46.00
N LYS C 405 -13.68 35.14 -44.75
CA LYS C 405 -14.00 33.74 -44.41
C LYS C 405 -14.77 33.78 -43.09
N LYS C 406 -16.09 33.83 -43.19
CA LYS C 406 -16.93 33.86 -42.01
C LYS C 406 -17.04 32.46 -41.42
N GLU C 407 -16.98 32.39 -40.09
CA GLU C 407 -16.98 31.10 -39.41
C GLU C 407 -17.91 31.14 -38.21
N ILE C 408 -18.44 29.96 -37.85
CA ILE C 408 -19.37 29.86 -36.75
C ILE C 408 -18.70 30.41 -35.49
N ASN C 409 -19.34 31.40 -34.87
CA ASN C 409 -18.84 31.98 -33.62
C ASN C 409 -19.41 31.25 -32.41
N LEU C 410 -19.27 29.92 -32.41
CA LEU C 410 -19.75 29.10 -31.30
C LEU C 410 -18.85 27.89 -31.18
N ASN C 411 -18.38 27.62 -29.96
CA ASN C 411 -17.63 26.40 -29.70
C ASN C 411 -18.59 25.21 -29.65
N ILE C 412 -18.78 24.54 -30.78
CA ILE C 412 -19.62 23.36 -30.81
C ILE C 412 -18.85 22.24 -30.12
N PHE C 413 -19.15 22.01 -28.85
CA PHE C 413 -18.39 21.06 -28.06
C PHE C 413 -18.39 19.69 -28.71
N LYS C 414 -17.22 19.08 -28.80
CA LYS C 414 -17.05 17.74 -29.33
C LYS C 414 -16.56 16.83 -28.22
N SER C 415 -17.29 15.73 -28.01
CA SER C 415 -16.95 14.77 -26.97
C SER C 415 -16.21 13.59 -27.57
N ASN C 416 -15.18 13.13 -26.88
CA ASN C 416 -14.34 12.03 -27.34
C ASN C 416 -13.72 11.37 -26.13
N GLU C 417 -12.72 10.52 -26.36
CA GLU C 417 -12.08 9.81 -25.26
C GLU C 417 -11.38 10.78 -24.32
N LYS C 418 -10.70 11.79 -24.88
CA LYS C 418 -9.99 12.75 -24.04
C LYS C 418 -10.96 13.53 -23.15
N THR C 419 -12.10 13.92 -23.70
CA THR C 419 -13.09 14.66 -22.90
C THR C 419 -13.68 13.77 -21.82
N LYS C 420 -13.89 12.49 -22.12
CA LYS C 420 -14.37 11.56 -21.09
C LYS C 420 -13.32 11.40 -19.99
N TYR C 421 -12.05 11.37 -20.37
CA TYR C 421 -10.98 11.18 -19.39
C TYR C 421 -10.84 12.40 -18.48
N PHE C 422 -10.79 13.59 -19.05
CA PHE C 422 -10.46 14.78 -18.29
C PHE C 422 -11.70 15.48 -17.71
N LEU C 423 -12.83 15.43 -18.41
CA LEU C 423 -14.02 16.15 -18.00
C LEU C 423 -15.19 15.25 -17.61
N ASP C 424 -15.10 13.95 -17.90
CA ASP C 424 -16.22 13.03 -17.69
C ASP C 424 -17.42 13.42 -18.55
N LEU C 425 -17.16 13.54 -19.85
CA LEU C 425 -18.20 13.84 -20.85
C LEU C 425 -17.95 12.95 -22.06
N SER C 426 -18.56 11.77 -22.06
CA SER C 426 -18.42 10.83 -23.16
C SER C 426 -19.52 10.98 -24.20
N GLY C 427 -20.44 11.91 -24.02
CA GLY C 427 -21.51 12.12 -24.96
C GLY C 427 -22.82 11.42 -24.62
N GLY C 428 -22.97 10.92 -23.39
CA GLY C 428 -24.19 10.28 -22.97
C GLY C 428 -25.10 11.22 -22.19
N THR C 429 -26.29 10.72 -21.87
CA THR C 429 -27.23 11.50 -21.07
C THR C 429 -26.84 11.52 -19.61
N ALA C 430 -26.35 10.39 -19.08
CA ALA C 430 -25.95 10.34 -17.68
C ALA C 430 -24.81 11.30 -17.40
N ASP C 431 -23.82 11.34 -18.29
CA ASP C 431 -22.71 12.28 -18.11
C ASP C 431 -23.19 13.73 -18.20
N LEU C 432 -24.17 14.00 -19.06
CA LEU C 432 -24.73 15.35 -19.14
C LEU C 432 -25.43 15.74 -17.85
N LYS C 433 -26.18 14.79 -17.27
CA LYS C 433 -26.84 15.05 -16.00
C LYS C 433 -25.82 15.29 -14.89
N LYS C 434 -24.74 14.50 -14.87
CA LYS C 434 -23.70 14.72 -13.89
C LYS C 434 -22.99 16.05 -14.10
N PHE C 435 -22.83 16.46 -15.36
CA PHE C 435 -22.27 17.76 -15.66
C PHE C 435 -23.13 18.87 -15.07
N VAL C 436 -24.45 18.77 -15.25
CA VAL C 436 -25.35 19.75 -14.66
C VAL C 436 -25.26 19.71 -13.15
N GLU C 437 -25.13 18.51 -12.58
CA GLU C 437 -25.00 18.38 -11.13
C GLU C 437 -23.79 19.15 -10.63
N ARG C 438 -22.63 18.93 -11.25
CA ARG C 438 -21.37 19.49 -10.79
C ARG C 438 -21.18 20.95 -11.20
N TYR C 439 -22.02 21.47 -12.10
CA TYR C 439 -21.79 22.80 -12.66
C TYR C 439 -21.59 23.85 -11.57
N LYS C 440 -22.33 23.75 -10.46
CA LYS C 440 -22.23 24.78 -9.44
C LYS C 440 -20.85 24.78 -8.79
N ASN C 441 -20.37 23.61 -8.39
CA ASN C 441 -19.03 23.52 -7.81
C ASN C 441 -17.97 23.93 -8.81
N ASN C 442 -18.12 23.51 -10.06
CA ASN C 442 -17.15 23.89 -11.08
C ASN C 442 -17.10 25.40 -11.24
N TYR C 443 -18.26 26.05 -11.25
CA TYR C 443 -18.32 27.51 -11.34
C TYR C 443 -17.63 28.14 -10.14
N ALA C 444 -17.91 27.64 -8.94
CA ALA C 444 -17.34 28.22 -7.74
C ALA C 444 -15.83 28.00 -7.64
N SER C 445 -15.30 27.00 -8.34
CA SER C 445 -13.88 26.68 -8.24
C SER C 445 -12.97 27.70 -8.93
N TYR C 446 -13.52 28.68 -9.63
CA TYR C 446 -12.74 29.62 -10.42
C TYR C 446 -12.65 31.00 -9.77
N TYR C 447 -12.59 31.04 -8.45
CA TYR C 447 -12.23 32.25 -7.69
C TYR C 447 -13.18 33.41 -8.00
N GLY C 448 -14.45 33.10 -8.17
CA GLY C 448 -15.46 34.13 -8.27
C GLY C 448 -15.51 34.88 -9.59
N SER C 449 -14.73 34.46 -10.58
CA SER C 449 -14.82 35.09 -11.89
C SER C 449 -16.15 34.74 -12.54
N VAL C 450 -16.71 35.69 -13.28
CA VAL C 450 -18.02 35.53 -13.92
C VAL C 450 -17.78 35.25 -15.39
N PRO C 451 -18.31 34.17 -15.95
CA PRO C 451 -18.15 33.93 -17.38
C PRO C 451 -18.71 35.07 -18.21
N LYS C 452 -18.06 35.37 -19.32
CA LYS C 452 -18.49 36.42 -20.23
C LYS C 452 -19.43 35.91 -21.31
N GLN C 453 -19.63 34.61 -21.43
CA GLN C 453 -20.45 34.03 -22.48
C GLN C 453 -21.28 32.88 -21.91
N PRO C 454 -22.41 32.57 -22.53
CA PRO C 454 -23.25 31.48 -22.02
C PRO C 454 -22.75 30.11 -22.45
N VAL C 455 -23.25 29.11 -21.74
CA VAL C 455 -23.04 27.70 -22.07
C VAL C 455 -24.42 27.12 -22.33
N ILE C 456 -24.70 26.79 -23.59
CA ILE C 456 -26.03 26.39 -24.03
C ILE C 456 -26.00 24.88 -24.25
N MET C 457 -26.93 24.18 -23.60
CA MET C 457 -27.03 22.74 -23.68
C MET C 457 -28.23 22.41 -24.56
N VAL C 458 -27.95 22.08 -25.82
CA VAL C 458 -29.00 21.84 -26.81
C VAL C 458 -29.34 20.36 -26.78
N LEU C 459 -30.61 20.05 -26.51
CA LEU C 459 -31.05 18.68 -26.33
C LEU C 459 -32.41 18.48 -26.99
N ASP C 460 -32.72 17.22 -27.27
CA ASP C 460 -34.05 16.87 -27.74
C ASP C 460 -35.06 17.00 -26.60
N ASN C 461 -36.32 17.19 -26.97
CA ASN C 461 -37.37 17.48 -26.00
C ASN C 461 -37.81 16.19 -25.32
N ASP C 462 -37.27 15.95 -24.12
CA ASP C 462 -37.80 14.96 -23.19
C ASP C 462 -37.53 13.51 -23.60
N THR C 463 -36.99 13.30 -24.80
CA THR C 463 -36.66 11.94 -25.20
C THR C 463 -35.50 11.39 -24.36
N GLY C 464 -34.44 12.18 -24.23
CA GLY C 464 -33.32 11.85 -23.38
C GLY C 464 -33.31 12.59 -22.06
N PRO C 465 -33.63 13.89 -22.06
CA PRO C 465 -33.53 14.66 -20.81
C PRO C 465 -34.71 14.48 -19.87
N SER C 466 -35.49 13.41 -20.07
CA SER C 466 -36.59 13.12 -19.16
C SER C 466 -36.11 13.13 -17.71
N ASP C 467 -34.99 12.45 -17.45
CA ASP C 467 -34.44 12.42 -16.10
C ASP C 467 -33.83 13.76 -15.71
N LEU C 468 -33.06 14.36 -16.61
CA LEU C 468 -32.40 15.63 -16.30
C LEU C 468 -33.40 16.65 -15.78
N LEU C 469 -34.51 16.83 -16.49
CA LEU C 469 -35.49 17.83 -16.10
C LEU C 469 -36.00 17.55 -14.69
N ASN C 470 -36.18 16.28 -14.33
CA ASN C 470 -36.60 15.95 -12.97
C ASN C 470 -35.63 16.57 -11.97
N PHE C 471 -34.33 16.41 -12.20
CA PHE C 471 -33.35 17.05 -11.34
C PHE C 471 -33.60 18.54 -11.26
N LEU C 472 -33.81 19.18 -12.41
CA LEU C 472 -34.03 20.62 -12.42
C LEU C 472 -35.24 21.03 -11.59
N ARG C 473 -36.18 20.12 -11.35
CA ARG C 473 -37.36 20.40 -10.55
C ARG C 473 -37.33 19.70 -9.20
N ASN C 474 -36.26 18.98 -8.87
CA ASN C 474 -36.16 18.28 -7.60
C ASN C 474 -35.06 18.80 -6.70
N LYS C 475 -34.01 19.42 -7.24
CA LYS C 475 -32.91 19.94 -6.44
C LYS C 475 -32.61 21.39 -6.81
N VAL C 476 -32.83 21.75 -8.07
CA VAL C 476 -32.50 23.08 -8.56
C VAL C 476 -33.61 24.08 -8.28
N LYS C 477 -34.84 23.71 -8.58
CA LYS C 477 -35.98 24.64 -8.49
C LYS C 477 -35.77 25.83 -9.42
N SER C 478 -35.25 25.55 -10.63
CA SER C 478 -34.97 26.62 -11.57
C SER C 478 -36.23 27.34 -12.02
N CYS C 479 -37.38 26.67 -11.99
CA CYS C 479 -38.63 27.22 -12.43
C CYS C 479 -39.68 27.13 -11.33
N PRO C 480 -40.71 27.98 -11.37
CA PRO C 480 -41.70 28.00 -10.28
C PRO C 480 -42.71 26.86 -10.36
N ASP C 481 -42.36 25.70 -9.79
CA ASP C 481 -43.24 24.54 -9.79
C ASP C 481 -43.57 24.10 -11.21
N ASP C 482 -42.56 24.10 -12.07
CA ASP C 482 -42.73 23.68 -13.46
C ASP C 482 -42.32 22.23 -13.61
N VAL C 483 -43.14 21.47 -14.34
CA VAL C 483 -42.87 20.06 -14.61
C VAL C 483 -42.80 19.85 -16.11
N THR C 484 -43.90 20.14 -16.81
CA THR C 484 -43.99 19.95 -18.24
C THR C 484 -44.20 21.24 -19.02
N GLU C 485 -44.44 22.36 -18.36
CA GLU C 485 -44.53 23.64 -19.07
C GLU C 485 -43.16 24.06 -19.60
N MET C 486 -42.09 23.74 -18.88
CA MET C 486 -40.75 24.11 -19.31
C MET C 486 -40.37 23.50 -20.64
N ARG C 487 -41.05 22.42 -21.04
CA ARG C 487 -40.84 21.80 -22.33
C ARG C 487 -41.58 22.53 -23.44
N LYS C 488 -42.00 23.77 -23.21
CA LYS C 488 -42.75 24.54 -24.19
C LYS C 488 -42.18 25.91 -24.50
N MET C 489 -41.09 26.31 -23.84
CA MET C 489 -40.45 27.60 -24.13
C MET C 489 -39.19 27.39 -24.94
N LYS C 490 -38.86 28.39 -25.76
CA LYS C 490 -37.73 28.27 -26.67
C LYS C 490 -36.40 28.16 -25.93
N TYR C 491 -36.34 28.57 -24.67
CA TYR C 491 -35.09 28.54 -23.93
C TYR C 491 -35.39 28.32 -22.45
N ILE C 492 -34.37 27.83 -21.74
CA ILE C 492 -34.42 27.64 -20.29
C ILE C 492 -33.12 28.16 -19.71
N HIS C 493 -33.20 28.80 -18.55
CA HIS C 493 -32.02 29.32 -17.86
C HIS C 493 -31.83 28.48 -16.59
N VAL C 494 -30.94 27.49 -16.67
CA VAL C 494 -30.69 26.64 -15.52
C VAL C 494 -30.12 27.45 -14.37
N PHE C 495 -28.92 28.00 -14.56
CA PHE C 495 -28.37 28.91 -13.55
C PHE C 495 -27.01 29.38 -14.00
N TYR C 496 -26.56 30.50 -13.44
CA TYR C 496 -25.26 31.08 -13.75
C TYR C 496 -25.24 31.37 -15.24
N ASN C 497 -24.29 30.83 -16.00
CA ASN C 497 -24.29 30.98 -17.45
C ASN C 497 -24.80 29.74 -18.17
N LEU C 498 -25.23 28.71 -17.43
CA LEU C 498 -25.74 27.49 -18.02
C LEU C 498 -27.21 27.64 -18.36
N TYR C 499 -27.51 27.54 -19.66
CA TYR C 499 -28.87 27.50 -20.19
C TYR C 499 -29.07 26.16 -20.89
N ILE C 500 -30.33 25.75 -21.02
CA ILE C 500 -30.71 24.58 -21.79
C ILE C 500 -31.63 25.03 -22.91
N VAL C 501 -31.63 24.26 -24.00
CA VAL C 501 -32.46 24.55 -25.17
C VAL C 501 -33.00 23.22 -25.68
N LEU C 502 -34.28 22.97 -25.44
CA LEU C 502 -34.92 21.75 -25.92
C LEU C 502 -35.48 21.96 -27.32
N THR C 503 -35.65 20.86 -28.04
CA THR C 503 -36.20 20.94 -29.38
C THR C 503 -37.63 21.45 -29.33
N PRO C 504 -38.03 22.36 -30.22
CA PRO C 504 -39.43 22.79 -30.24
C PRO C 504 -40.36 21.60 -30.43
N LEU C 505 -41.47 21.61 -29.71
CA LEU C 505 -42.43 20.53 -29.79
C LEU C 505 -43.21 20.61 -31.11
N SER C 506 -43.80 19.49 -31.49
CA SER C 506 -44.52 19.39 -32.74
C SER C 506 -45.76 20.29 -32.72
N PRO C 507 -46.48 20.39 -33.84
CA PRO C 507 -47.72 21.18 -33.85
C PRO C 507 -48.73 20.71 -32.83
N SER C 508 -48.81 19.39 -32.58
CA SER C 508 -49.72 18.84 -31.60
C SER C 508 -49.10 18.71 -30.22
N GLY C 509 -47.87 19.18 -30.03
CA GLY C 509 -47.21 19.06 -28.74
C GLY C 509 -46.61 17.71 -28.47
N GLU C 510 -46.43 16.89 -29.50
CA GLU C 510 -45.86 15.56 -29.31
C GLU C 510 -44.37 15.64 -28.98
N GLN C 511 -43.89 14.65 -28.23
CA GLN C 511 -42.47 14.54 -27.96
C GLN C 511 -41.70 14.34 -29.27
N THR C 512 -40.58 15.04 -29.42
CA THR C 512 -39.83 15.00 -30.66
C THR C 512 -38.36 15.27 -30.38
N SER C 513 -37.53 14.91 -31.35
CA SER C 513 -36.09 15.16 -31.31
C SER C 513 -35.72 16.13 -32.43
N MET C 514 -34.50 16.68 -32.34
CA MET C 514 -34.05 17.64 -33.32
C MET C 514 -33.96 17.05 -34.72
N GLU C 515 -33.80 15.72 -34.83
CA GLU C 515 -33.74 15.10 -36.15
C GLU C 515 -35.06 15.27 -36.90
N ASP C 516 -36.18 15.27 -36.19
CA ASP C 516 -37.47 15.46 -36.84
C ASP C 516 -37.57 16.85 -37.47
N LEU C 517 -36.70 17.78 -37.08
CA LEU C 517 -36.71 19.10 -37.69
C LEU C 517 -36.50 19.03 -39.19
N PHE C 518 -35.73 18.04 -39.66
CA PHE C 518 -35.50 17.91 -41.10
C PHE C 518 -36.83 17.69 -41.81
N PRO C 519 -37.05 18.31 -42.97
CA PRO C 519 -38.30 18.07 -43.70
C PRO C 519 -38.45 16.61 -44.07
N LYS C 520 -39.69 16.13 -44.03
CA LYS C 520 -39.97 14.72 -44.30
C LYS C 520 -39.69 14.31 -45.74
N ASP C 521 -39.49 15.28 -46.65
CA ASP C 521 -39.15 14.93 -48.02
C ASP C 521 -37.79 14.23 -48.08
N ILE C 522 -36.81 14.73 -47.32
CA ILE C 522 -35.46 14.18 -47.35
C ILE C 522 -35.30 13.15 -46.24
N LEU C 523 -36.42 12.75 -45.62
CA LEU C 523 -36.35 11.81 -44.51
C LEU C 523 -35.87 10.44 -44.98
N ASP C 524 -36.49 9.90 -46.04
CA ASP C 524 -36.20 8.53 -46.44
C ASP C 524 -34.92 8.45 -47.28
N ILE C 525 -34.95 9.06 -48.47
CA ILE C 525 -33.83 9.06 -49.42
C ILE C 525 -33.01 7.79 -49.30
N LYS C 526 -33.67 6.63 -49.24
CA LYS C 526 -32.96 5.37 -49.08
C LYS C 526 -32.04 5.12 -50.26
N ILE C 527 -30.87 4.55 -50.00
CA ILE C 527 -29.87 4.26 -51.00
C ILE C 527 -29.52 2.78 -50.93
N ASP C 528 -29.49 2.12 -52.09
CA ASP C 528 -29.23 0.68 -52.16
C ASP C 528 -30.28 -0.10 -51.38
N GLY C 529 -31.53 0.39 -51.39
CA GLY C 529 -32.63 -0.32 -50.80
C GLY C 529 -32.63 -0.35 -49.29
N LYS C 530 -31.72 0.35 -48.64
CA LYS C 530 -31.64 0.38 -47.18
C LYS C 530 -32.24 1.67 -46.67
N LYS C 531 -33.29 1.57 -45.87
CA LYS C 531 -33.92 2.74 -45.28
C LYS C 531 -33.02 3.31 -44.18
N PHE C 532 -33.16 4.61 -43.94
CA PHE C 532 -32.39 5.31 -42.91
C PHE C 532 -33.19 5.29 -41.62
N ASN C 533 -32.81 4.40 -40.70
CA ASN C 533 -33.48 4.30 -39.42
C ASN C 533 -33.27 5.57 -38.63
N LYS C 534 -34.34 6.36 -38.48
CA LYS C 534 -34.22 7.66 -37.82
C LYS C 534 -33.66 7.53 -36.42
N ASN C 535 -34.25 6.65 -35.62
CA ASN C 535 -33.82 6.45 -34.24
C ASN C 535 -32.72 5.39 -34.10
N ASN C 536 -32.42 4.66 -35.18
CA ASN C 536 -31.33 3.69 -35.18
C ASN C 536 -31.45 2.70 -34.02
N ASP C 537 -32.68 2.34 -33.66
CA ASP C 537 -32.89 1.33 -32.63
C ASP C 537 -33.98 0.32 -32.97
N GLY C 538 -34.78 0.54 -34.02
CA GLY C 538 -35.84 -0.38 -34.37
C GLY C 538 -35.32 -1.77 -34.71
N THR C 542 -30.35 -4.81 -42.59
CA THR C 542 -29.23 -3.89 -42.53
C THR C 542 -29.68 -2.47 -42.87
N GLU C 543 -30.07 -1.71 -41.84
CA GLU C 543 -30.54 -0.34 -42.02
C GLU C 543 -29.44 0.63 -41.61
N TYR C 544 -29.20 1.62 -42.47
CA TYR C 544 -28.14 2.59 -42.20
C TYR C 544 -28.43 3.35 -40.91
N GLY C 545 -27.40 3.47 -40.07
CA GLY C 545 -27.54 4.12 -38.78
C GLY C 545 -27.57 5.63 -38.90
N LYS C 546 -27.56 6.28 -37.74
CA LYS C 546 -27.63 7.73 -37.71
C LYS C 546 -26.39 8.37 -38.34
N HIS C 547 -25.22 7.74 -38.20
CA HIS C 547 -23.99 8.30 -38.75
C HIS C 547 -24.04 8.35 -40.28
N ILE C 548 -24.50 7.27 -40.91
CA ILE C 548 -24.57 7.25 -42.37
C ILE C 548 -25.52 8.33 -42.87
N PHE C 549 -26.70 8.43 -42.24
CA PHE C 549 -27.65 9.46 -42.61
C PHE C 549 -27.04 10.84 -42.45
N SER C 550 -26.47 11.12 -41.27
CA SER C 550 -25.85 12.42 -41.04
C SER C 550 -24.88 12.74 -42.18
N MET C 551 -23.83 11.92 -42.33
CA MET C 551 -22.84 12.19 -43.36
C MET C 551 -23.54 12.44 -44.69
N ARG C 552 -24.21 11.43 -45.24
CA ARG C 552 -24.71 11.52 -46.59
C ARG C 552 -25.68 12.68 -46.76
N VAL C 553 -26.83 12.63 -46.06
CA VAL C 553 -27.88 13.62 -46.29
C VAL C 553 -27.40 15.01 -45.91
N VAL C 554 -26.86 15.18 -44.70
CA VAL C 554 -26.62 16.51 -44.18
C VAL C 554 -25.35 17.10 -44.76
N ARG C 555 -24.21 16.41 -44.61
CA ARG C 555 -22.94 17.00 -44.99
C ARG C 555 -22.87 17.26 -46.49
N ASP C 556 -23.37 16.33 -47.29
CA ASP C 556 -23.26 16.47 -48.75
C ASP C 556 -24.09 17.64 -49.24
N LYS C 557 -23.54 18.39 -50.19
CA LYS C 557 -24.27 19.44 -50.88
C LYS C 557 -24.91 18.84 -52.13
N LYS C 558 -25.38 19.70 -53.03
CA LYS C 558 -26.10 19.37 -54.26
C LYS C 558 -27.55 18.99 -53.98
N ARG C 559 -27.95 18.86 -52.71
CA ARG C 559 -29.34 18.65 -52.35
C ARG C 559 -30.03 19.92 -51.87
N LYS C 560 -29.27 20.84 -51.29
CA LYS C 560 -29.80 22.11 -50.80
C LYS C 560 -30.97 21.88 -49.84
N ILE C 561 -30.65 21.20 -48.74
CA ILE C 561 -31.67 20.91 -47.74
C ILE C 561 -32.26 22.20 -47.22
N ASP C 562 -33.59 22.22 -47.07
CA ASP C 562 -34.31 23.39 -46.58
C ASP C 562 -34.16 23.44 -45.06
N PHE C 563 -33.11 24.11 -44.60
CA PHE C 563 -32.87 24.28 -43.17
C PHE C 563 -33.69 25.46 -42.68
N LYS C 564 -34.90 25.17 -42.21
CA LYS C 564 -35.77 26.20 -41.66
C LYS C 564 -36.28 25.79 -40.28
N ALA C 565 -36.45 24.49 -40.05
CA ALA C 565 -36.86 24.01 -38.75
C ALA C 565 -35.80 24.25 -37.69
N PHE C 566 -34.54 24.46 -38.09
CA PHE C 566 -33.48 24.77 -37.15
C PHE C 566 -33.44 26.25 -36.77
N CYS C 567 -34.25 27.09 -37.40
CA CYS C 567 -34.28 28.51 -37.05
C CYS C 567 -34.66 28.71 -35.60
N CYS C 568 -35.44 27.78 -35.03
CA CYS C 568 -35.83 27.91 -33.63
C CYS C 568 -34.62 27.81 -32.71
N ILE C 569 -33.70 26.88 -33.00
CA ILE C 569 -32.54 26.70 -32.15
C ILE C 569 -31.68 27.96 -32.15
N PHE C 570 -31.44 28.53 -33.33
CA PHE C 570 -30.63 29.74 -33.41
C PHE C 570 -31.34 30.94 -32.81
N ASP C 571 -32.67 31.02 -32.93
CA ASP C 571 -33.40 32.07 -32.24
C ASP C 571 -33.23 31.94 -30.73
N ALA C 572 -33.29 30.70 -30.23
CA ALA C 572 -33.08 30.48 -28.80
C ALA C 572 -31.67 30.88 -28.40
N ILE C 573 -30.67 30.59 -29.24
CA ILE C 573 -29.29 30.97 -28.95
C ILE C 573 -29.17 32.48 -28.88
N LYS C 574 -29.79 33.19 -29.82
CA LYS C 574 -29.77 34.65 -29.78
C LYS C 574 -30.43 35.17 -28.50
N ASP C 575 -31.57 34.58 -28.13
CA ASP C 575 -32.27 35.01 -26.92
C ASP C 575 -31.42 34.76 -25.69
N ILE C 576 -30.70 33.63 -25.66
CA ILE C 576 -29.83 33.32 -24.52
C ILE C 576 -28.69 34.31 -24.45
N LYS C 577 -28.09 34.65 -25.58
CA LYS C 577 -27.02 35.64 -25.58
C LYS C 577 -27.52 36.98 -25.07
N GLU C 578 -28.69 37.41 -25.54
CA GLU C 578 -29.26 38.67 -25.07
C GLU C 578 -29.57 38.62 -23.58
N HIS C 579 -30.14 37.52 -23.12
CA HIS C 579 -30.46 37.36 -21.70
C HIS C 579 -29.19 37.46 -20.86
N TYR C 580 -28.13 36.78 -21.27
CA TYR C 580 -26.90 36.79 -20.47
C TYR C 580 -26.25 38.17 -20.51
N LYS C 581 -26.30 38.86 -21.65
CA LYS C 581 -25.76 40.21 -21.70
C LYS C 581 -26.52 41.11 -20.73
N LEU C 582 -27.84 41.02 -20.73
CA LEU C 582 -28.64 41.82 -19.79
C LEU C 582 -28.29 41.48 -18.34
N MET C 583 -28.15 40.19 -18.05
CA MET C 583 -27.83 39.77 -16.69
C MET C 583 -26.48 40.30 -16.25
N LEU C 584 -25.47 40.26 -17.13
CA LEU C 584 -24.15 40.75 -16.77
C LEU C 584 -24.18 42.24 -16.46
N ASN C 585 -24.95 43.00 -17.22
CA ASN C 585 -25.02 44.45 -17.01
C ASN C 585 -25.60 44.78 -15.64
N SER C 586 -26.33 43.86 -15.02
CA SER C 586 -26.91 44.10 -13.70
C SER C 586 -25.81 44.40 -12.67
#